data_5BS3
#
_entry.id   5BS3
#
_cell.length_a   93.337
_cell.length_b   93.337
_cell.length_c   411.068
_cell.angle_alpha   90.00
_cell.angle_beta   90.00
_cell.angle_gamma   120.00
#
_symmetry.space_group_name_H-M   'P 61'
#
loop_
_entity.id
_entity.type
_entity.pdbx_description
1 polymer 'DNA gyrase subunit A and B'
2 polymer "DNA/RNA (5'-R(P*AP*GP*CP*CP*G)-D(P*T)-R(P*AP*GP*GP*GP*CP*CP*C)-D(P*T)-R(P*AP*CP*GP*GP*C)-D(P*T)-3')"
3 non-polymer 'MANGANESE (II) ION'
4 non-polymer 'SULFATE ION'
5 non-polymer (4R)-3-fluoro-4-hydroxy-4-{[(1r,4R)-4-{[(3-oxo-3,4-dihydro-2H-pyrido[3,2-b][1,4]oxazin-6-yl)methyl]amino}-2-oxabicyclo[2.2.2]oct-1-yl]methyl}-4,5-dihydro-7H-pyrrolo[3,2,1-de][1,5]naphthyridin-7-one
6 water water
#
loop_
_entity_poly.entity_id
_entity_poly.type
_entity_poly.pdbx_seq_one_letter_code
_entity_poly.pdbx_strand_id
1 'polypeptide(L)'
;PDVASLPGKLADCSSKSPEECEIFLVEGDSAGGSTKSGRDSRTQAILPLRGKILNVEKARLDRILNNNEIRQMITAFGTG
IGGDFDLAKARYHKIVIMTDADVDGAHIRTLLLTFFYRFMRPLIEAGYVYIAQPPTGYKGLGEMNADQLWETTMNPEHRA
LLQVKLEDAIEADQTFEMLMGDVVENRRQFIEDNAVYANLDFAELPQSRINERNITSEMRESFLDYAMSVIVARALPDVR
DGLKPVHRRILYGLNEQGMTPDKSYKKSARIVGDVMGKYHPHGDSSIYEAMVRMAQDFSYRYPLVDGQGNFGSMDGDGAA
AMRFTEARMTKITLELLRDINKDTIDFIDNYDGNEREPSVLPARFPNLLANGASGIAVGMATNIPPHNLTELINGVLSLS
KNPDISIAELMEDIEGPDFPTAGLILGKSGIRRAYETGRGSIQMRSRAVIEERGGGRQRIVVTEIPFQVNKARMIEKIAE
LVRDKKIDGITDLRDETSLRTGVRVVIDVRKDANASVILNNLYKQTPLQTSFGVNMIALVNGRPKLINLKEALVHYLEHQ
KTVVRRRTQYNLRKAKDRAHILEGLRIALDHIDEIISTIRESDTDKVAMESLQQRFKLSEKQAQAILDMRLRRLTGLERD
KIEAEYNELLNYISELETILADEEVLLQLVRDELTEIRDRFGDDRRTEIQLG
;
B,D
2 'polyribonucleotide' AGCCG(DT)AGGGCCC(DT)ACGGC(DT) E,F
#
loop_
_chem_comp.id
_chem_comp.type
_chem_comp.name
_chem_comp.formula
A RNA linking ADENOSINE-5'-MONOPHOSPHATE 'C10 H14 N5 O7 P'
C RNA linking CYTIDINE-5'-MONOPHOSPHATE 'C9 H14 N3 O8 P'
DT DNA linking THYMIDINE-5'-MONOPHOSPHATE 'C10 H15 N2 O8 P'
G RNA linking GUANOSINE-5'-MONOPHOSPHATE 'C10 H14 N5 O8 P'
MN non-polymer 'MANGANESE (II) ION' 'Mn 2'
SO4 non-polymer 'SULFATE ION' 'O4 S -2'
WCP non-polymer (4R)-3-fluoro-4-hydroxy-4-{[(1r,4R)-4-{[(3-oxo-3,4-dihydro-2H-pyrido[3,2-b][1,4]oxazin-6-yl)methyl]amino}-2-oxabicyclo[2.2.2]oct-1-yl]methyl}-4,5-dihydro-7H-pyrrolo[3,2,1-de][1,5]naphthyridin-7-one 'C26 H26 F N5 O5'
#
# COMPACT_ATOMS: atom_id res chain seq x y z
N LYS A 9 7.79 -6.00 26.87
CA LYS A 9 7.78 -4.94 25.85
C LYS A 9 8.00 -3.53 26.44
N LEU A 10 8.14 -3.43 27.79
CA LEU A 10 8.38 -2.19 28.53
C LEU A 10 9.79 -1.67 28.30
N ALA A 11 9.92 -0.39 27.89
CA ALA A 11 11.22 0.25 27.71
C ALA A 11 11.39 1.15 28.94
N ASP A 12 11.72 0.52 30.08
CA ASP A 12 11.92 1.19 31.37
C ASP A 12 13.06 2.20 31.35
N CYS A 13 13.04 3.14 32.32
CA CYS A 13 14.05 4.20 32.51
C CYS A 13 15.15 3.74 33.46
N SER A 14 16.32 4.41 33.38
CA SER A 14 17.51 4.08 34.18
C SER A 14 17.29 4.26 35.69
N SER A 15 16.73 5.41 36.10
CA SER A 15 16.43 5.70 37.50
C SER A 15 15.52 4.64 38.17
N LYS A 16 15.59 4.53 39.51
CA LYS A 16 14.80 3.59 40.30
C LYS A 16 13.96 4.34 41.37
N SER A 17 13.95 5.69 41.28
CA SER A 17 13.23 6.59 42.19
C SER A 17 11.85 6.92 41.63
N PRO A 18 10.75 6.24 42.07
CA PRO A 18 9.42 6.52 41.51
C PRO A 18 8.93 7.95 41.48
N GLU A 19 9.29 8.75 42.51
CA GLU A 19 8.91 10.16 42.67
C GLU A 19 9.27 11.06 41.46
N GLU A 20 10.39 10.75 40.80
CA GLU A 20 10.87 11.50 39.64
C GLU A 20 10.58 10.80 38.30
N CYS A 21 10.33 9.47 38.36
CA CYS A 21 10.03 8.56 37.25
C CYS A 21 8.62 8.67 36.70
N GLU A 22 8.49 8.54 35.37
CA GLU A 22 7.23 8.62 34.61
C GLU A 22 7.10 7.48 33.64
N ILE A 23 5.86 7.02 33.39
CA ILE A 23 5.57 5.95 32.43
C ILE A 23 4.53 6.44 31.41
N PHE A 24 4.91 6.40 30.12
CA PHE A 24 4.03 6.81 29.03
C PHE A 24 3.38 5.57 28.42
N LEU A 25 2.07 5.62 28.20
CA LEU A 25 1.30 4.52 27.60
C LEU A 25 1.00 4.92 26.16
N VAL A 26 1.58 4.19 25.22
CA VAL A 26 1.43 4.43 23.78
C VAL A 26 0.59 3.28 23.17
N GLU A 27 0.12 3.42 21.92
CA GLU A 27 -0.75 2.45 21.23
C GLU A 27 -0.10 1.23 20.64
N GLY A 28 1.18 1.35 20.34
CA GLY A 28 2.00 0.29 19.75
C GLY A 28 3.43 0.73 19.50
N ASP A 29 4.19 -0.12 18.82
CA ASP A 29 5.60 0.11 18.49
C ASP A 29 5.90 1.33 17.60
N SER A 30 5.01 1.63 16.65
CA SER A 30 5.16 2.77 15.73
C SER A 30 5.25 4.09 16.50
N ALA A 31 4.40 4.25 17.53
CA ALA A 31 4.38 5.40 18.41
C ALA A 31 5.54 5.28 19.40
N GLY A 32 5.75 4.08 19.93
CA GLY A 32 6.80 3.76 20.88
C GLY A 32 8.21 4.14 20.46
N GLY A 33 8.51 3.97 19.16
CA GLY A 33 9.81 4.30 18.59
C GLY A 33 10.08 5.79 18.67
N SER A 34 9.17 6.59 18.14
CA SER A 34 9.26 8.05 18.17
C SER A 34 9.48 8.49 19.62
N THR A 35 8.63 7.96 20.54
CA THR A 35 8.62 8.19 21.98
C THR A 35 9.96 7.76 22.62
N LYS A 36 10.52 6.60 22.22
CA LYS A 36 11.79 6.11 22.74
C LYS A 36 12.96 6.99 22.26
N SER A 37 12.85 7.57 21.06
CA SER A 37 13.87 8.46 20.48
C SER A 37 13.88 9.85 21.11
N GLY A 38 12.68 10.39 21.39
CA GLY A 38 12.50 11.71 21.99
C GLY A 38 12.62 11.81 23.49
N ARG A 39 12.21 10.76 24.24
CA ARG A 39 12.23 10.71 25.72
C ARG A 39 13.59 10.96 26.37
N ASP A 40 13.55 11.13 27.69
CA ASP A 40 14.66 11.27 28.60
C ASP A 40 14.70 9.86 29.22
N SER A 41 15.67 9.02 28.78
CA SER A 41 15.83 7.64 29.25
C SER A 41 16.15 7.50 30.76
N ARG A 42 16.43 8.64 31.43
CA ARG A 42 16.74 8.71 32.85
C ARG A 42 15.45 8.65 33.66
N THR A 43 14.45 9.50 33.33
CA THR A 43 13.19 9.54 34.09
C THR A 43 11.91 9.08 33.36
N GLN A 44 11.95 8.89 32.04
CA GLN A 44 10.76 8.49 31.28
C GLN A 44 10.82 7.08 30.72
N ALA A 45 9.85 6.23 31.14
CA ALA A 45 9.68 4.83 30.74
C ALA A 45 8.55 4.75 29.69
N ILE A 46 8.63 3.76 28.79
CA ILE A 46 7.64 3.59 27.72
C ILE A 46 7.05 2.20 27.71
N LEU A 47 5.72 2.15 27.62
CA LEU A 47 4.98 0.93 27.52
C LEU A 47 4.07 0.98 26.30
N PRO A 48 4.50 0.35 25.18
CA PRO A 48 3.63 0.30 24.01
C PRO A 48 2.53 -0.74 24.22
N LEU A 49 1.27 -0.36 23.97
CA LEU A 49 0.17 -1.28 24.09
C LEU A 49 -0.06 -1.97 22.73
N ARG A 50 -1.25 -2.52 22.47
CA ARG A 50 -1.54 -3.21 21.20
C ARG A 50 -2.93 -2.85 20.65
N GLY A 51 -3.15 -1.55 20.53
CA GLY A 51 -4.39 -1.01 19.99
C GLY A 51 -5.51 -0.94 21.01
N LYS A 52 -6.70 -1.41 20.63
CA LYS A 52 -7.82 -1.37 21.54
C LYS A 52 -7.61 -2.33 22.69
N ILE A 53 -7.59 -1.78 23.90
CA ILE A 53 -7.42 -2.53 25.14
C ILE A 53 -8.79 -3.11 25.54
N LEU A 54 -8.81 -4.18 26.33
CA LEU A 54 -10.04 -4.82 26.80
C LEU A 54 -10.91 -3.83 27.62
N ASN A 55 -12.26 -3.91 27.44
CA ASN A 55 -13.23 -3.10 28.17
C ASN A 55 -13.55 -3.93 29.41
N VAL A 56 -12.88 -3.60 30.53
CA VAL A 56 -12.99 -4.29 31.83
C VAL A 56 -14.37 -4.23 32.49
N GLU A 57 -15.17 -3.22 32.16
CA GLU A 57 -16.53 -3.00 32.62
C GLU A 57 -17.50 -4.02 31.97
N LYS A 58 -17.14 -4.59 30.81
CA LYS A 58 -17.93 -5.57 30.08
C LYS A 58 -17.39 -6.99 30.27
N ALA A 59 -16.07 -7.12 30.58
CA ALA A 59 -15.41 -8.41 30.76
C ALA A 59 -15.39 -8.95 32.19
N ARG A 60 -15.36 -10.29 32.32
CA ARG A 60 -15.28 -11.01 33.60
C ARG A 60 -13.80 -11.15 33.99
N LEU A 61 -13.50 -11.26 35.31
CA LEU A 61 -12.15 -11.37 35.87
C LEU A 61 -11.20 -12.37 35.19
N ASP A 62 -11.66 -13.59 34.83
CA ASP A 62 -10.81 -14.57 34.16
C ASP A 62 -10.17 -13.97 32.87
N ARG A 63 -11.01 -13.33 32.02
CA ARG A 63 -10.64 -12.65 30.79
C ARG A 63 -9.68 -11.48 31.10
N ILE A 64 -10.01 -10.68 32.13
CA ILE A 64 -9.20 -9.54 32.56
C ILE A 64 -7.77 -9.97 32.90
N LEU A 65 -7.63 -10.98 33.78
CA LEU A 65 -6.33 -11.46 34.25
C LEU A 65 -5.51 -12.33 33.31
N ASN A 66 -6.14 -12.85 32.23
CA ASN A 66 -5.42 -13.64 31.23
C ASN A 66 -5.03 -12.75 30.02
N ASN A 67 -5.40 -11.44 30.07
CA ASN A 67 -5.11 -10.47 29.03
C ASN A 67 -3.66 -9.98 29.03
N ASN A 68 -2.95 -10.14 27.89
CA ASN A 68 -1.57 -9.73 27.72
C ASN A 68 -1.26 -8.29 28.09
N GLU A 69 -2.02 -7.33 27.54
CA GLU A 69 -1.79 -5.91 27.84
C GLU A 69 -2.07 -5.50 29.27
N ILE A 70 -3.17 -6.02 29.87
CA ILE A 70 -3.59 -5.74 31.24
C ILE A 70 -2.48 -6.23 32.18
N ARG A 71 -2.03 -7.49 32.02
CA ARG A 71 -0.97 -8.13 32.81
C ARG A 71 0.27 -7.29 32.81
N GLN A 72 0.72 -6.88 31.59
CA GLN A 72 1.90 -6.04 31.36
C GLN A 72 1.84 -4.72 32.08
N MET A 73 0.66 -4.09 32.16
CA MET A 73 0.48 -2.82 32.85
C MET A 73 0.60 -2.97 34.35
N ILE A 74 0.01 -4.07 34.92
CA ILE A 74 0.04 -4.34 36.37
C ILE A 74 1.51 -4.55 36.82
N THR A 75 2.27 -5.39 36.09
CA THR A 75 3.68 -5.71 36.30
C THR A 75 4.54 -4.43 36.19
N ALA A 76 4.17 -3.50 35.26
CA ALA A 76 4.89 -2.24 35.06
C ALA A 76 4.68 -1.27 36.24
N PHE A 77 3.47 -1.26 36.81
CA PHE A 77 3.18 -0.35 37.93
C PHE A 77 3.58 -0.85 39.34
N GLY A 78 3.61 -2.17 39.52
CA GLY A 78 3.99 -2.83 40.77
C GLY A 78 3.09 -2.72 41.99
N THR A 79 2.00 -1.92 41.87
CA THR A 79 1.02 -1.67 42.92
C THR A 79 0.04 -2.82 43.21
N GLY A 80 -0.18 -3.71 42.24
CA GLY A 80 -1.17 -4.78 42.36
C GLY A 80 -2.54 -4.21 41.94
N ILE A 81 -3.61 -5.01 42.07
CA ILE A 81 -4.95 -4.57 41.66
C ILE A 81 -6.04 -4.82 42.69
N GLY A 82 -7.08 -3.98 42.64
CA GLY A 82 -8.26 -4.02 43.48
C GLY A 82 -7.99 -3.98 44.97
N GLY A 83 -8.42 -5.05 45.66
CA GLY A 83 -8.25 -5.21 47.10
C GLY A 83 -6.80 -5.09 47.54
N ASP A 84 -5.90 -5.85 46.86
CA ASP A 84 -4.44 -5.89 47.10
C ASP A 84 -3.65 -4.69 46.58
N PHE A 85 -4.31 -3.59 46.23
CA PHE A 85 -3.62 -2.39 45.74
C PHE A 85 -2.76 -1.75 46.84
N ASP A 86 -1.50 -1.42 46.50
CA ASP A 86 -0.56 -0.77 47.40
C ASP A 86 0.16 0.36 46.68
N LEU A 87 -0.23 1.61 47.01
CA LEU A 87 0.31 2.86 46.46
C LEU A 87 1.80 3.07 46.77
N ALA A 88 2.32 2.47 47.87
CA ALA A 88 3.72 2.57 48.26
C ALA A 88 4.59 1.88 47.21
N LYS A 89 4.13 0.72 46.72
CA LYS A 89 4.84 -0.07 45.71
C LYS A 89 4.85 0.53 44.27
N ALA A 90 4.11 1.63 44.02
CA ALA A 90 4.05 2.32 42.73
C ALA A 90 5.46 2.62 42.24
N ARG A 91 5.78 2.13 41.03
CA ARG A 91 7.10 2.29 40.42
C ARG A 91 7.25 3.61 39.69
N TYR A 92 6.13 4.34 39.53
CA TYR A 92 6.07 5.63 38.86
C TYR A 92 5.03 6.50 39.57
N HIS A 93 5.34 7.80 39.73
CA HIS A 93 4.44 8.77 40.35
C HIS A 93 3.69 9.53 39.27
N LYS A 94 3.89 9.11 38.01
CA LYS A 94 3.28 9.69 36.82
C LYS A 94 2.97 8.61 35.77
N ILE A 95 1.68 8.29 35.61
CA ILE A 95 1.22 7.34 34.62
C ILE A 95 0.57 8.23 33.59
N VAL A 96 1.24 8.41 32.43
CA VAL A 96 0.76 9.29 31.37
C VAL A 96 0.12 8.53 30.19
N ILE A 97 -1.16 8.86 29.88
CA ILE A 97 -1.87 8.25 28.75
C ILE A 97 -1.56 9.11 27.51
N MET A 98 -0.80 8.54 26.57
CA MET A 98 -0.39 9.19 25.32
C MET A 98 -0.90 8.39 24.07
N THR A 99 -2.22 8.36 23.90
CA THR A 99 -2.82 7.69 22.75
C THR A 99 -2.72 8.67 21.58
N ASP A 100 -3.02 8.20 20.34
CA ASP A 100 -2.97 9.02 19.14
C ASP A 100 -4.02 10.12 19.17
N ALA A 101 -3.70 11.26 18.53
CA ALA A 101 -4.57 12.46 18.47
C ALA A 101 -5.72 12.29 17.45
N ASP A 102 -6.52 11.20 17.65
CA ASP A 102 -7.66 10.85 16.82
C ASP A 102 -8.83 10.22 17.63
N VAL A 103 -9.99 10.01 16.98
CA VAL A 103 -11.16 9.45 17.65
C VAL A 103 -10.95 8.08 18.28
N ASP A 104 -10.11 7.24 17.66
CA ASP A 104 -9.82 5.92 18.18
C ASP A 104 -8.85 5.98 19.36
N GLY A 105 -7.99 6.99 19.40
CA GLY A 105 -7.05 7.19 20.50
C GLY A 105 -7.80 7.67 21.74
N ALA A 106 -8.91 8.40 21.53
CA ALA A 106 -9.79 8.89 22.59
C ALA A 106 -10.54 7.69 23.16
N HIS A 107 -10.95 6.71 22.30
CA HIS A 107 -11.65 5.49 22.72
C HIS A 107 -10.72 4.67 23.63
N ILE A 108 -9.44 4.43 23.21
CA ILE A 108 -8.44 3.69 23.99
C ILE A 108 -8.17 4.41 25.32
N ARG A 109 -8.32 5.76 25.32
CA ARG A 109 -8.12 6.55 26.53
C ARG A 109 -9.25 6.23 27.52
N THR A 110 -10.50 6.15 27.01
CA THR A 110 -11.66 5.81 27.85
C THR A 110 -11.52 4.37 28.36
N LEU A 111 -10.89 3.49 27.57
CA LEU A 111 -10.64 2.08 27.90
C LEU A 111 -9.58 1.96 28.97
N LEU A 112 -8.55 2.79 28.90
CA LEU A 112 -7.49 2.75 29.91
C LEU A 112 -8.00 3.35 31.23
N LEU A 113 -8.74 4.48 31.20
CA LEU A 113 -9.32 5.11 32.40
C LEU A 113 -10.25 4.13 33.08
N THR A 114 -11.06 3.38 32.31
CA THR A 114 -11.98 2.37 32.82
C THR A 114 -11.23 1.33 33.64
N PHE A 115 -10.05 0.88 33.16
CA PHE A 115 -9.26 -0.11 33.87
C PHE A 115 -8.60 0.48 35.13
N PHE A 116 -8.19 1.77 35.10
CA PHE A 116 -7.59 2.43 36.26
C PHE A 116 -8.67 2.75 37.30
N TYR A 117 -9.92 2.94 36.87
CA TYR A 117 -10.97 3.27 37.81
C TYR A 117 -11.50 2.06 38.54
N ARG A 118 -11.59 0.93 37.85
CA ARG A 118 -12.13 -0.28 38.47
C ARG A 118 -11.10 -1.12 39.19
N PHE A 119 -9.83 -1.07 38.74
CA PHE A 119 -8.76 -1.86 39.33
C PHE A 119 -7.67 -1.08 40.07
N MET A 120 -7.48 0.22 39.74
CA MET A 120 -6.45 1.00 40.38
C MET A 120 -6.94 2.35 40.90
N ARG A 121 -8.16 2.37 41.48
CA ARG A 121 -8.80 3.57 42.03
C ARG A 121 -7.90 4.51 42.90
N PRO A 122 -7.09 4.03 43.90
CA PRO A 122 -6.23 4.99 44.67
C PRO A 122 -5.12 5.69 43.88
N LEU A 123 -4.79 5.18 42.68
CA LEU A 123 -3.80 5.75 41.76
C LEU A 123 -4.35 7.06 41.16
N ILE A 124 -5.68 7.11 40.87
CA ILE A 124 -6.32 8.32 40.37
C ILE A 124 -6.46 9.30 41.56
N GLU A 125 -6.85 8.74 42.73
CA GLU A 125 -7.05 9.47 43.98
C GLU A 125 -5.80 10.22 44.45
N ALA A 126 -4.59 9.68 44.12
CA ALA A 126 -3.28 10.24 44.45
C ALA A 126 -2.79 11.24 43.40
N GLY A 127 -3.54 11.37 42.29
CA GLY A 127 -3.19 12.26 41.21
C GLY A 127 -2.02 11.78 40.38
N TYR A 128 -1.75 10.44 40.39
CA TYR A 128 -0.65 9.81 39.64
C TYR A 128 -0.99 9.60 38.14
N VAL A 129 -2.28 9.67 37.77
CA VAL A 129 -2.73 9.47 36.39
C VAL A 129 -2.83 10.83 35.66
N TYR A 130 -2.12 10.93 34.53
CA TYR A 130 -2.08 12.13 33.71
C TYR A 130 -2.41 11.78 32.25
N ILE A 131 -2.83 12.77 31.46
CA ILE A 131 -3.19 12.64 30.04
C ILE A 131 -2.31 13.58 29.22
N ALA A 132 -1.55 13.00 28.29
CA ALA A 132 -0.65 13.72 27.41
C ALA A 132 -1.47 14.44 26.34
N GLN A 133 -0.96 15.58 25.85
CA GLN A 133 -1.66 16.33 24.82
C GLN A 133 -0.82 16.50 23.54
N PRO A 134 -0.60 15.44 22.71
CA PRO A 134 0.20 15.63 21.48
C PRO A 134 -0.56 16.45 20.44
N PRO A 135 0.10 17.07 19.42
CA PRO A 135 -0.69 17.86 18.45
C PRO A 135 -1.53 17.02 17.50
N THR A 136 -2.62 17.64 17.03
CA THR A 136 -3.57 17.07 16.09
C THR A 136 -3.02 17.30 14.68
N GLY A 137 -3.64 16.66 13.69
CA GLY A 137 -3.30 16.76 12.26
C GLY A 137 -1.81 16.73 11.96
N TYR A 138 -1.62 14.45 14.01
CA TYR A 138 -0.97 13.47 13.14
C TYR A 138 -1.83 12.21 13.09
N LYS A 139 -1.50 11.26 12.18
CA LYS A 139 -2.22 9.98 12.04
C LYS A 139 -1.95 9.13 13.31
N GLY A 140 -0.72 9.27 13.80
CA GLY A 140 -0.21 8.63 15.00
C GLY A 140 1.07 9.31 15.41
N LEU A 141 1.65 8.96 16.57
CA LEU A 141 2.92 9.54 17.03
C LEU A 141 4.06 9.08 16.11
N GLY A 142 3.82 7.97 15.40
CA GLY A 142 4.73 7.36 14.43
C GLY A 142 4.98 8.26 13.24
N GLU A 143 4.08 9.23 13.02
CA GLU A 143 4.15 10.25 11.97
C GLU A 143 4.97 11.45 12.45
N MET A 144 5.28 11.51 13.76
CA MET A 144 6.05 12.61 14.31
C MET A 144 7.52 12.27 14.41
N ASN A 145 8.37 13.31 14.28
CA ASN A 145 9.80 13.16 14.44
C ASN A 145 10.07 13.26 15.93
N ALA A 146 11.09 12.54 16.41
CA ALA A 146 11.50 12.48 17.81
C ALA A 146 11.53 13.86 18.54
N ASP A 147 12.21 14.86 17.93
CA ASP A 147 12.39 16.23 18.41
C ASP A 147 11.04 16.96 18.61
N GLN A 148 10.11 16.81 17.64
CA GLN A 148 8.77 17.37 17.65
C GLN A 148 7.91 16.75 18.75
N LEU A 149 8.17 15.47 19.09
CA LEU A 149 7.40 14.80 20.13
C LEU A 149 7.91 15.16 21.51
N TRP A 150 9.20 15.47 21.65
CA TRP A 150 9.78 15.84 22.93
C TRP A 150 9.30 17.22 23.35
N GLU A 151 9.53 18.23 22.47
CA GLU A 151 9.20 19.62 22.73
C GLU A 151 7.75 19.95 22.99
N THR A 152 6.84 19.22 22.33
CA THR A 152 5.40 19.46 22.43
C THR A 152 4.67 18.65 23.47
N THR A 153 5.14 17.43 23.74
CA THR A 153 4.44 16.51 24.64
C THR A 153 5.23 15.90 25.80
N MET A 154 6.57 15.83 25.69
CA MET A 154 7.40 15.15 26.68
C MET A 154 8.37 15.95 27.52
N ASN A 155 8.84 17.13 27.04
CA ASN A 155 9.78 17.97 27.79
C ASN A 155 9.03 18.55 28.97
N PRO A 156 9.40 18.24 30.25
CA PRO A 156 8.66 18.81 31.39
C PRO A 156 8.65 20.33 31.45
N GLU A 157 9.62 20.97 30.75
CA GLU A 157 9.80 22.41 30.67
C GLU A 157 8.81 23.10 29.73
N HIS A 158 8.18 22.35 28.77
CA HIS A 158 7.22 22.89 27.78
C HIS A 158 5.91 22.14 27.58
N ARG A 159 5.81 20.87 28.03
CA ARG A 159 4.60 20.04 27.89
C ARG A 159 3.45 20.57 28.78
N ALA A 160 2.22 20.18 28.41
CA ALA A 160 0.98 20.54 29.10
C ALA A 160 0.19 19.24 29.32
N LEU A 161 0.33 18.69 30.55
CA LEU A 161 -0.33 17.45 30.94
C LEU A 161 -1.57 17.76 31.75
N LEU A 162 -2.63 16.95 31.56
CA LEU A 162 -3.85 17.08 32.34
C LEU A 162 -3.75 16.02 33.45
N GLN A 163 -3.84 16.43 34.72
CA GLN A 163 -3.80 15.51 35.84
C GLN A 163 -5.24 15.01 36.04
N VAL A 164 -5.45 13.68 36.04
CA VAL A 164 -6.80 13.16 36.21
C VAL A 164 -7.25 13.35 37.63
N LYS A 165 -8.45 13.96 37.80
CA LYS A 165 -9.07 14.26 39.09
C LYS A 165 -10.40 13.55 39.25
N LEU A 166 -10.59 12.95 40.42
CA LEU A 166 -11.82 12.27 40.80
C LEU A 166 -12.52 13.12 41.88
N GLU A 167 -13.72 13.65 41.54
CA GLU A 167 -14.56 14.48 42.41
C GLU A 167 -15.61 13.61 43.11
N ASP A 168 -16.85 13.57 42.56
CA ASP A 168 -17.91 12.75 43.13
C ASP A 168 -17.77 11.34 42.57
N ALA A 169 -17.42 10.39 43.45
CA ALA A 169 -17.26 8.97 43.10
C ALA A 169 -18.60 8.28 42.75
N ILE A 170 -19.74 8.82 43.23
CA ILE A 170 -21.06 8.27 42.91
C ILE A 170 -21.33 8.57 41.42
N GLU A 171 -21.03 9.83 41.00
CA GLU A 171 -21.15 10.37 39.64
C GLU A 171 -20.22 9.57 38.70
N ALA A 172 -18.98 9.23 39.16
CA ALA A 172 -17.98 8.48 38.40
C ALA A 172 -18.43 7.04 38.12
N ASP A 173 -18.95 6.34 39.14
CA ASP A 173 -19.46 4.98 39.04
C ASP A 173 -20.59 4.96 38.02
N GLN A 174 -21.55 5.92 38.11
CA GLN A 174 -22.69 6.03 37.19
C GLN A 174 -22.26 6.27 35.74
N THR A 175 -21.25 7.13 35.52
CA THR A 175 -20.70 7.45 34.20
C THR A 175 -20.00 6.24 33.57
N PHE A 176 -19.11 5.57 34.33
CA PHE A 176 -18.39 4.39 33.88
C PHE A 176 -19.37 3.26 33.59
N GLU A 177 -20.51 3.19 34.35
CA GLU A 177 -21.58 2.19 34.19
C GLU A 177 -22.34 2.49 32.89
N MET A 178 -22.74 3.76 32.70
CA MET A 178 -23.51 4.23 31.55
C MET A 178 -22.77 4.09 30.22
N LEU A 179 -21.56 4.69 30.12
CA LEU A 179 -20.73 4.68 28.93
C LEU A 179 -20.04 3.34 28.62
N MET A 180 -19.53 2.65 29.65
CA MET A 180 -18.79 1.42 29.42
C MET A 180 -19.47 0.08 29.67
N GLY A 181 -20.60 0.09 30.39
CA GLY A 181 -21.34 -1.10 30.74
C GLY A 181 -21.97 -1.88 29.62
N ASP A 182 -22.54 -3.04 29.96
CA ASP A 182 -23.20 -3.94 29.03
C ASP A 182 -24.57 -3.46 28.51
N VAL A 183 -25.28 -2.61 29.27
CA VAL A 183 -26.59 -2.07 28.87
C VAL A 183 -26.39 -1.01 27.80
N VAL A 184 -26.79 -1.31 26.54
CA VAL A 184 -26.68 -0.46 25.35
C VAL A 184 -27.62 0.75 25.38
N GLU A 185 -28.86 0.56 25.86
CA GLU A 185 -29.89 1.62 25.93
C GLU A 185 -29.47 2.89 26.64
N ASN A 186 -28.83 2.77 27.82
CA ASN A 186 -28.39 3.92 28.61
C ASN A 186 -27.32 4.75 27.91
N ARG A 187 -26.47 4.06 27.15
CA ARG A 187 -25.38 4.57 26.34
C ARG A 187 -26.03 5.28 25.13
N ARG A 188 -27.00 4.62 24.46
CA ARG A 188 -27.76 5.15 23.32
C ARG A 188 -28.48 6.46 23.72
N GLN A 189 -29.06 6.47 24.94
CA GLN A 189 -29.76 7.60 25.53
C GLN A 189 -28.78 8.76 25.79
N PHE A 190 -27.56 8.48 26.25
CA PHE A 190 -26.54 9.52 26.47
C PHE A 190 -26.14 10.18 25.14
N ILE A 191 -26.04 9.39 24.06
CA ILE A 191 -25.63 9.90 22.75
C ILE A 191 -26.70 10.85 22.26
N GLU A 192 -27.97 10.40 22.25
CA GLU A 192 -29.14 11.16 21.82
C GLU A 192 -29.22 12.51 22.58
N ASP A 193 -29.14 12.47 23.93
CA ASP A 193 -29.19 13.62 24.83
C ASP A 193 -28.02 14.57 24.69
N ASN A 194 -26.84 14.07 24.26
CA ASN A 194 -25.65 14.91 24.17
C ASN A 194 -25.12 15.23 22.77
N ALA A 195 -25.38 14.35 21.77
CA ALA A 195 -24.91 14.55 20.39
C ALA A 195 -25.44 15.79 19.71
N VAL A 196 -24.49 16.58 19.20
CA VAL A 196 -24.71 17.84 18.47
C VAL A 196 -24.14 17.62 17.05
N TYR A 197 -25.03 17.31 16.10
CA TYR A 197 -24.68 17.03 14.70
C TYR A 197 -24.40 18.30 13.89
N ASN A 211 -2.62 22.17 35.09
CA ASN A 211 -3.78 21.82 34.27
C ASN A 211 -4.32 20.48 34.74
N GLU A 212 -5.61 20.43 35.12
CA GLU A 212 -6.23 19.20 35.62
C GLU A 212 -7.58 18.89 34.99
N ARG A 213 -7.89 17.59 34.85
CA ARG A 213 -9.11 17.10 34.21
C ARG A 213 -9.97 16.18 35.07
N ASN A 214 -11.27 16.47 35.13
CA ASN A 214 -12.23 15.68 35.88
C ASN A 214 -12.56 14.40 35.09
N ILE A 215 -12.39 13.24 35.75
CA ILE A 215 -12.63 11.90 35.18
C ILE A 215 -14.02 11.72 34.51
N THR A 216 -15.07 12.36 35.03
CA THR A 216 -16.40 12.28 34.46
C THR A 216 -16.52 13.10 33.16
N SER A 217 -16.11 14.38 33.20
CA SER A 217 -16.12 15.26 32.03
C SER A 217 -15.29 14.68 30.89
N GLU A 218 -14.11 14.10 31.22
CA GLU A 218 -13.19 13.46 30.28
C GLU A 218 -13.83 12.24 29.61
N MET A 219 -14.42 11.33 30.40
CA MET A 219 -15.07 10.13 29.89
C MET A 219 -16.20 10.50 28.95
N ARG A 220 -17.06 11.43 29.38
CA ARG A 220 -18.20 11.90 28.62
C ARG A 220 -17.78 12.56 27.30
N GLU A 221 -16.75 13.43 27.30
CA GLU A 221 -16.25 14.12 26.10
C GLU A 221 -15.55 13.19 25.10
N SER A 222 -14.60 12.36 25.60
CA SER A 222 -13.85 11.42 24.80
C SER A 222 -14.79 10.36 24.21
N PHE A 223 -15.59 9.69 25.06
CA PHE A 223 -16.51 8.67 24.56
C PHE A 223 -17.53 9.20 23.56
N LEU A 224 -17.99 10.45 23.74
CA LEU A 224 -18.95 11.07 22.82
C LEU A 224 -18.31 11.39 21.49
N ASP A 225 -17.03 11.81 21.48
CA ASP A 225 -16.31 12.06 20.24
C ASP A 225 -16.21 10.75 19.47
N TYR A 226 -15.91 9.65 20.18
CA TYR A 226 -15.81 8.34 19.58
C TYR A 226 -17.15 7.86 19.05
N ALA A 227 -18.21 7.85 19.87
CA ALA A 227 -19.52 7.41 19.46
C ALA A 227 -20.05 8.18 18.26
N MET A 228 -20.04 9.52 18.30
CA MET A 228 -20.52 10.36 17.20
C MET A 228 -19.78 10.09 15.89
N SER A 229 -18.45 9.85 15.99
CA SER A 229 -17.57 9.58 14.87
C SER A 229 -17.89 8.26 14.19
N VAL A 230 -18.20 7.20 15.00
CA VAL A 230 -18.52 5.86 14.53
C VAL A 230 -19.88 5.88 13.80
N ILE A 231 -20.88 6.53 14.43
CA ILE A 231 -22.24 6.72 13.97
C ILE A 231 -22.33 7.53 12.62
N VAL A 232 -21.72 8.74 12.56
CA VAL A 232 -21.82 9.59 11.37
C VAL A 232 -20.72 9.42 10.33
N ALA A 233 -19.58 8.83 10.71
CA ALA A 233 -18.45 8.73 9.80
C ALA A 233 -17.68 7.39 9.81
N ARG A 234 -18.41 6.28 9.96
CA ARG A 234 -17.82 4.95 9.93
C ARG A 234 -18.77 3.78 9.61
N ALA A 235 -19.62 3.40 10.58
CA ALA A 235 -20.50 2.23 10.58
C ALA A 235 -21.90 2.27 9.94
N LEU A 236 -22.50 3.45 9.79
CA LEU A 236 -23.84 3.57 9.24
C LEU A 236 -23.84 4.14 7.82
N PRO A 237 -24.67 3.56 6.91
CA PRO A 237 -24.72 4.09 5.53
C PRO A 237 -25.59 5.33 5.40
N ASP A 238 -25.36 6.16 4.37
CA ASP A 238 -26.18 7.34 4.16
C ASP A 238 -27.44 6.84 3.46
N VAL A 239 -28.62 7.45 3.72
CA VAL A 239 -29.89 7.06 3.11
C VAL A 239 -29.96 7.33 1.58
N ARG A 240 -29.22 8.37 1.10
CA ARG A 240 -29.20 8.81 -0.30
C ARG A 240 -28.40 7.93 -1.25
N ASP A 241 -27.15 7.56 -0.87
CA ASP A 241 -26.30 6.71 -1.72
C ASP A 241 -26.07 5.28 -1.22
N GLY A 242 -26.47 4.99 0.03
CA GLY A 242 -26.35 3.69 0.67
C GLY A 242 -24.93 3.29 1.01
N LEU A 243 -24.01 4.24 1.02
CA LEU A 243 -22.61 3.93 1.28
C LEU A 243 -22.12 4.47 2.61
N LYS A 244 -21.11 3.80 3.15
CA LYS A 244 -20.43 4.18 4.38
C LYS A 244 -19.22 4.95 3.89
N PRO A 245 -18.59 5.83 4.70
CA PRO A 245 -17.42 6.58 4.20
C PRO A 245 -16.33 5.79 3.49
N VAL A 246 -15.90 4.62 3.99
CA VAL A 246 -14.86 3.84 3.32
C VAL A 246 -15.22 3.50 1.85
N HIS A 247 -16.42 2.96 1.62
CA HIS A 247 -16.94 2.59 0.31
C HIS A 247 -17.02 3.77 -0.67
N ARG A 248 -17.51 4.94 -0.19
CA ARG A 248 -17.65 6.14 -0.99
C ARG A 248 -16.27 6.63 -1.41
N ARG A 249 -15.29 6.54 -0.52
CA ARG A 249 -13.91 6.93 -0.80
C ARG A 249 -13.26 6.02 -1.86
N ILE A 250 -13.51 4.70 -1.78
CA ILE A 250 -13.01 3.69 -2.73
C ILE A 250 -13.57 4.00 -4.13
N LEU A 251 -14.91 4.12 -4.27
CA LEU A 251 -15.57 4.42 -5.55
C LEU A 251 -15.10 5.77 -6.11
N TYR A 252 -15.05 6.83 -5.28
CA TYR A 252 -14.56 8.15 -5.73
C TYR A 252 -13.10 8.03 -6.21
N GLY A 253 -12.30 7.20 -5.51
CA GLY A 253 -10.90 6.92 -5.80
C GLY A 253 -10.70 6.32 -7.18
N LEU A 254 -11.49 5.27 -7.52
CA LEU A 254 -11.46 4.61 -8.82
C LEU A 254 -11.88 5.63 -9.90
N ASN A 255 -12.91 6.44 -9.59
CA ASN A 255 -13.42 7.45 -10.53
C ASN A 255 -12.39 8.49 -10.89
N GLU A 256 -11.67 9.02 -9.88
CA GLU A 256 -10.63 10.04 -10.03
C GLU A 256 -9.44 9.56 -10.86
N GLN A 257 -9.09 8.29 -10.71
CA GLN A 257 -7.98 7.70 -11.45
C GLN A 257 -8.45 6.94 -12.71
N GLY A 258 -9.66 7.28 -13.16
CA GLY A 258 -10.33 6.73 -14.33
C GLY A 258 -10.27 5.23 -14.44
N MET A 259 -10.69 4.54 -13.37
CA MET A 259 -10.65 3.08 -13.34
C MET A 259 -12.00 2.49 -13.70
N THR A 260 -12.52 2.98 -14.83
CA THR A 260 -13.79 2.66 -15.46
C THR A 260 -13.75 1.24 -16.06
N PRO A 261 -14.92 0.59 -16.33
CA PRO A 261 -14.90 -0.77 -16.90
C PRO A 261 -14.24 -0.98 -18.27
N ASP A 262 -14.18 0.07 -19.12
CA ASP A 262 -13.56 0.02 -20.46
C ASP A 262 -12.03 -0.02 -20.37
N LYS A 263 -11.47 0.42 -19.24
CA LYS A 263 -10.04 0.45 -19.01
C LYS A 263 -9.57 -0.84 -18.36
N SER A 264 -8.26 -1.14 -18.44
CA SER A 264 -7.68 -2.35 -17.87
C SER A 264 -7.87 -2.43 -16.33
N TYR A 265 -7.57 -3.58 -15.71
CA TYR A 265 -7.66 -3.66 -14.25
C TYR A 265 -6.44 -2.92 -13.71
N LYS A 266 -6.57 -2.41 -12.49
CA LYS A 266 -5.50 -1.67 -11.84
C LYS A 266 -5.08 -2.39 -10.55
N LYS A 267 -3.79 -2.31 -10.22
CA LYS A 267 -3.20 -2.94 -9.04
C LYS A 267 -3.90 -2.47 -7.76
N SER A 268 -4.38 -3.44 -6.94
CA SER A 268 -5.10 -3.23 -5.65
C SER A 268 -4.33 -2.30 -4.71
N ALA A 269 -3.00 -2.50 -4.57
CA ALA A 269 -2.13 -1.69 -3.71
C ALA A 269 -2.08 -0.22 -4.13
N ARG A 270 -2.10 0.05 -5.44
CA ARG A 270 -2.10 1.40 -5.97
C ARG A 270 -3.42 2.07 -5.58
N ILE A 271 -4.57 1.34 -5.69
CA ILE A 271 -5.92 1.80 -5.32
C ILE A 271 -5.95 2.10 -3.80
N VAL A 272 -5.56 1.10 -2.96
CA VAL A 272 -5.54 1.19 -1.50
C VAL A 272 -4.59 2.31 -1.01
N GLY A 273 -3.38 2.35 -1.57
CA GLY A 273 -2.37 3.37 -1.24
C GLY A 273 -2.86 4.77 -1.49
N ASP A 274 -3.46 4.98 -2.68
CA ASP A 274 -4.01 6.25 -3.14
C ASP A 274 -5.14 6.76 -2.22
N VAL A 275 -6.11 5.88 -1.94
CA VAL A 275 -7.30 6.13 -1.14
C VAL A 275 -6.95 6.40 0.32
N MET A 276 -5.89 5.74 0.84
CA MET A 276 -5.43 5.92 2.22
C MET A 276 -4.78 7.24 2.40
N GLY A 277 -3.93 7.61 1.45
CA GLY A 277 -3.22 8.87 1.52
C GLY A 277 -4.14 10.03 1.31
N LYS A 278 -4.99 9.96 0.28
CA LYS A 278 -5.91 11.02 -0.11
C LYS A 278 -7.22 11.16 0.63
N TYR A 279 -7.92 10.06 0.94
CA TYR A 279 -9.23 10.25 1.58
C TYR A 279 -9.50 9.55 2.90
N HIS A 280 -8.94 8.36 3.11
CA HIS A 280 -9.21 7.52 4.27
C HIS A 280 -8.02 7.31 5.21
N PRO A 281 -7.90 8.09 6.30
CA PRO A 281 -6.73 7.92 7.20
C PRO A 281 -6.86 6.75 8.20
N HIS A 282 -7.01 5.52 7.70
CA HIS A 282 -7.16 4.32 8.54
C HIS A 282 -6.33 3.18 7.95
N GLY A 283 -6.25 2.06 8.68
CA GLY A 283 -5.51 0.89 8.25
C GLY A 283 -5.85 0.44 6.84
N ASP A 284 -4.84 -0.14 6.14
CA ASP A 284 -4.89 -0.66 4.76
C ASP A 284 -5.90 -1.79 4.60
N SER A 285 -5.94 -2.67 5.61
CA SER A 285 -6.82 -3.83 5.68
C SER A 285 -8.29 -3.41 5.76
N SER A 286 -8.60 -2.24 6.36
CA SER A 286 -9.98 -1.74 6.46
C SER A 286 -10.47 -1.33 5.06
N ILE A 287 -9.58 -0.70 4.30
CA ILE A 287 -9.78 -0.23 2.94
C ILE A 287 -9.86 -1.43 2.00
N TYR A 288 -8.83 -2.30 2.02
CA TYR A 288 -8.76 -3.46 1.14
C TYR A 288 -9.89 -4.47 1.33
N GLU A 289 -10.33 -4.72 2.56
CA GLU A 289 -11.42 -5.68 2.79
C GLU A 289 -12.77 -5.12 2.34
N ALA A 290 -12.91 -3.78 2.39
CA ALA A 290 -14.14 -3.11 1.95
C ALA A 290 -14.22 -3.21 0.43
N MET A 291 -13.06 -3.08 -0.27
CA MET A 291 -12.99 -3.17 -1.74
C MET A 291 -13.31 -4.59 -2.20
N VAL A 292 -12.75 -5.59 -1.48
CA VAL A 292 -12.94 -7.01 -1.71
C VAL A 292 -14.40 -7.34 -1.61
N ARG A 293 -15.07 -7.03 -0.48
CA ARG A 293 -16.50 -7.30 -0.30
C ARG A 293 -17.36 -6.75 -1.42
N MET A 294 -17.09 -5.52 -1.89
CA MET A 294 -17.82 -4.87 -2.99
C MET A 294 -17.66 -5.64 -4.32
N ALA A 295 -16.62 -6.46 -4.45
CA ALA A 295 -16.31 -7.29 -5.63
C ALA A 295 -16.89 -8.74 -5.55
N GLN A 296 -17.38 -9.16 -4.37
CA GLN A 296 -17.94 -10.49 -4.10
C GLN A 296 -19.39 -10.63 -4.48
N ASP A 297 -19.64 -11.48 -5.50
CA ASP A 297 -20.96 -11.80 -6.05
C ASP A 297 -21.91 -12.46 -5.04
N PHE A 298 -21.35 -13.00 -3.92
CA PHE A 298 -22.12 -13.64 -2.83
C PHE A 298 -22.41 -12.69 -1.67
N SER A 299 -21.75 -11.51 -1.66
CA SER A 299 -21.87 -10.46 -0.65
C SER A 299 -22.75 -9.32 -1.16
N TYR A 300 -22.50 -8.88 -2.42
CA TYR A 300 -23.22 -7.78 -3.04
C TYR A 300 -24.23 -8.29 -4.08
N ARG A 301 -25.50 -7.86 -3.94
CA ARG A 301 -26.57 -8.22 -4.87
C ARG A 301 -26.27 -7.58 -6.25
N TYR A 302 -25.68 -6.39 -6.25
CA TYR A 302 -25.23 -5.66 -7.44
C TYR A 302 -23.81 -5.20 -7.12
N PRO A 303 -22.78 -6.05 -7.41
CA PRO A 303 -21.39 -5.70 -7.07
C PRO A 303 -20.90 -4.37 -7.63
N LEU A 304 -20.17 -3.61 -6.78
CA LEU A 304 -19.61 -2.28 -7.10
C LEU A 304 -18.16 -2.30 -7.60
N VAL A 305 -17.48 -3.45 -7.45
CA VAL A 305 -16.07 -3.59 -7.87
C VAL A 305 -15.92 -4.82 -8.73
N ASP A 306 -15.07 -4.70 -9.73
CA ASP A 306 -14.79 -5.80 -10.62
C ASP A 306 -13.37 -6.19 -10.30
N GLY A 307 -13.24 -7.37 -9.70
CA GLY A 307 -11.97 -7.94 -9.28
C GLY A 307 -11.38 -9.01 -10.16
N GLN A 308 -10.05 -9.02 -10.21
CA GLN A 308 -9.22 -9.93 -10.95
C GLN A 308 -8.28 -10.55 -9.93
N GLY A 309 -8.44 -11.85 -9.74
CA GLY A 309 -7.66 -12.65 -8.82
C GLY A 309 -8.50 -13.29 -7.75
N ASN A 310 -7.83 -13.83 -6.74
CA ASN A 310 -8.48 -14.44 -5.60
C ASN A 310 -9.11 -13.33 -4.71
N PHE A 311 -10.46 -13.26 -4.72
CA PHE A 311 -11.23 -12.29 -3.95
C PHE A 311 -12.06 -12.96 -2.86
N GLY A 312 -11.66 -14.18 -2.48
CA GLY A 312 -12.34 -14.93 -1.44
C GLY A 312 -13.44 -15.84 -1.92
N SER A 313 -14.06 -16.55 -0.97
CA SER A 313 -15.13 -17.50 -1.29
C SER A 313 -16.19 -17.52 -0.19
N MET A 314 -17.26 -18.31 -0.42
CA MET A 314 -18.36 -18.52 0.50
C MET A 314 -17.93 -19.38 1.69
N ASP A 315 -16.75 -20.05 1.60
CA ASP A 315 -16.25 -20.89 2.68
C ASP A 315 -15.46 -20.13 3.72
N GLY A 316 -15.55 -18.81 3.68
CA GLY A 316 -14.88 -17.94 4.62
C GLY A 316 -13.47 -17.56 4.23
N ASP A 317 -12.95 -18.12 3.12
CA ASP A 317 -11.62 -17.80 2.62
C ASP A 317 -11.54 -16.31 2.33
N GLY A 318 -10.45 -15.69 2.76
CA GLY A 318 -10.28 -14.27 2.49
C GLY A 318 -9.74 -14.06 1.08
N ALA A 319 -9.59 -12.79 0.69
CA ALA A 319 -9.00 -12.46 -0.62
C ALA A 319 -7.51 -12.78 -0.56
N ALA A 320 -6.84 -12.79 -1.73
CA ALA A 320 -5.39 -12.99 -1.80
C ALA A 320 -4.77 -11.67 -1.29
N ALA A 321 -3.49 -11.64 -0.87
CA ALA A 321 -2.87 -10.37 -0.45
C ALA A 321 -3.03 -9.32 -1.56
N MET A 322 -3.16 -8.03 -1.21
CA MET A 322 -3.32 -6.95 -2.19
C MET A 322 -2.23 -6.83 -3.29
N ARG A 323 -1.05 -7.46 -3.08
CA ARG A 323 0.01 -7.42 -4.10
C ARG A 323 -0.33 -8.30 -5.30
N PHE A 324 -1.22 -9.31 -5.11
CA PHE A 324 -1.66 -10.25 -6.14
C PHE A 324 -2.91 -9.82 -6.87
N THR A 325 -3.83 -9.13 -6.19
CA THR A 325 -5.09 -8.73 -6.82
C THR A 325 -5.06 -7.42 -7.59
N GLU A 326 -6.04 -7.26 -8.49
CA GLU A 326 -6.27 -6.09 -9.34
C GLU A 326 -7.77 -5.80 -9.36
N ALA A 327 -8.18 -4.52 -9.55
CA ALA A 327 -9.60 -4.11 -9.56
C ALA A 327 -9.89 -2.89 -10.46
N ARG A 328 -11.20 -2.63 -10.69
CA ARG A 328 -11.78 -1.52 -11.47
C ARG A 328 -13.29 -1.47 -11.15
N MET A 329 -13.97 -0.45 -11.63
CA MET A 329 -15.40 -0.28 -11.43
C MET A 329 -16.19 -1.30 -12.26
N THR A 330 -17.43 -1.60 -11.83
CA THR A 330 -18.36 -2.46 -12.57
C THR A 330 -19.20 -1.43 -13.32
N LYS A 331 -20.03 -1.89 -14.29
CA LYS A 331 -20.91 -0.98 -15.03
C LYS A 331 -21.96 -0.24 -14.15
N ILE A 332 -22.59 -0.92 -13.15
CA ILE A 332 -23.56 -0.24 -12.26
C ILE A 332 -22.88 0.87 -11.45
N THR A 333 -21.59 0.74 -11.08
CA THR A 333 -20.86 1.78 -10.32
C THR A 333 -20.83 3.11 -11.09
N LEU A 334 -20.72 3.04 -12.42
CA LEU A 334 -20.73 4.22 -13.28
C LEU A 334 -22.02 5.05 -13.01
N GLU A 335 -23.14 4.35 -12.71
CA GLU A 335 -24.46 4.91 -12.39
C GLU A 335 -24.48 5.58 -11.02
N LEU A 336 -23.65 5.11 -10.09
CA LEU A 336 -23.57 5.73 -8.77
C LEU A 336 -22.78 7.04 -8.88
N LEU A 337 -21.79 7.08 -9.79
CA LEU A 337 -20.89 8.22 -10.02
C LEU A 337 -21.30 9.13 -11.18
N ARG A 338 -22.40 8.81 -11.87
CA ARG A 338 -22.92 9.57 -13.00
C ARG A 338 -23.32 10.98 -12.56
N ASP A 339 -22.77 12.01 -13.23
CA ASP A 339 -22.98 13.46 -13.03
C ASP A 339 -22.33 14.03 -11.78
N ILE A 340 -21.26 13.41 -11.28
CA ILE A 340 -20.54 13.90 -10.10
C ILE A 340 -19.86 15.26 -10.37
N ASN A 341 -19.40 15.49 -11.62
CA ASN A 341 -18.74 16.73 -12.02
C ASN A 341 -19.69 17.79 -12.59
N LYS A 342 -21.00 17.54 -12.49
CA LYS A 342 -22.02 18.44 -12.96
C LYS A 342 -22.69 19.18 -11.78
N ASP A 343 -21.91 19.40 -10.68
CA ASP A 343 -22.31 20.11 -9.45
C ASP A 343 -23.65 19.62 -8.87
N THR A 344 -23.83 18.31 -8.87
CA THR A 344 -25.03 17.67 -8.37
C THR A 344 -24.90 17.43 -6.86
N ILE A 345 -23.67 17.15 -6.40
CA ILE A 345 -23.38 16.83 -5.00
C ILE A 345 -22.39 17.82 -4.37
N ASP A 346 -22.52 18.02 -3.04
CA ASP A 346 -21.63 18.93 -2.29
C ASP A 346 -20.28 18.29 -2.00
N PHE A 347 -19.20 19.01 -2.34
CA PHE A 347 -17.84 18.58 -2.07
C PHE A 347 -17.39 19.15 -0.74
N ILE A 348 -16.49 18.44 -0.05
CA ILE A 348 -15.97 18.87 1.24
C ILE A 348 -14.47 18.66 1.23
N ASP A 349 -13.77 19.25 2.19
CA ASP A 349 -12.33 19.11 2.31
C ASP A 349 -12.04 17.72 2.90
N ASN A 350 -10.90 17.14 2.53
CA ASN A 350 -10.50 15.86 3.09
C ASN A 350 -9.98 16.09 4.56
N TYR A 351 -9.53 15.03 5.24
CA TYR A 351 -9.00 15.04 6.60
C TYR A 351 -7.82 16.01 6.87
N ASP A 352 -7.00 16.32 5.84
CA ASP A 352 -5.85 17.20 6.02
C ASP A 352 -5.91 18.54 5.24
N GLY A 353 -7.02 18.82 4.57
CA GLY A 353 -7.20 20.03 3.77
C GLY A 353 -6.45 20.08 2.45
N ASN A 354 -5.81 18.96 2.05
CA ASN A 354 -5.06 18.89 0.79
C ASN A 354 -5.87 18.44 -0.41
N GLU A 355 -7.02 17.77 -0.18
CA GLU A 355 -7.90 17.26 -1.24
C GLU A 355 -9.37 17.57 -0.96
N ARG A 356 -10.21 17.41 -1.99
CA ARG A 356 -11.65 17.59 -1.91
C ARG A 356 -12.31 16.21 -2.15
N GLU A 357 -13.37 15.89 -1.39
CA GLU A 357 -14.04 14.59 -1.50
C GLU A 357 -15.56 14.75 -1.54
N PRO A 358 -16.33 13.82 -2.12
CA PRO A 358 -17.79 13.98 -2.13
C PRO A 358 -18.41 13.65 -0.78
N SER A 359 -19.41 14.43 -0.36
CA SER A 359 -20.12 14.19 0.87
C SER A 359 -21.13 13.03 0.67
N VAL A 360 -21.62 12.88 -0.58
CA VAL A 360 -22.59 11.86 -0.99
C VAL A 360 -22.35 11.62 -2.49
N LEU A 361 -22.76 10.46 -3.03
CA LEU A 361 -22.60 10.20 -4.47
C LEU A 361 -23.94 10.48 -5.17
N PRO A 362 -23.94 10.89 -6.48
CA PRO A 362 -25.23 11.13 -7.18
C PRO A 362 -26.26 9.99 -7.10
N ALA A 363 -25.82 8.71 -7.01
CA ALA A 363 -26.62 7.48 -6.87
C ALA A 363 -27.81 7.39 -7.79
N ARG A 364 -27.59 7.06 -9.08
CA ARG A 364 -28.66 6.99 -10.04
C ARG A 364 -29.63 5.83 -9.89
N PHE A 365 -29.29 4.87 -8.99
CA PHE A 365 -30.13 3.71 -8.62
C PHE A 365 -30.22 3.62 -7.05
N PRO A 366 -31.35 3.14 -6.44
CA PRO A 366 -31.46 3.09 -4.95
C PRO A 366 -30.57 2.04 -4.28
N ASN A 367 -29.29 2.38 -4.16
CA ASN A 367 -28.24 1.54 -3.61
C ASN A 367 -28.37 1.06 -2.15
N LEU A 368 -29.00 1.87 -1.26
CA LEU A 368 -29.16 1.47 0.14
C LEU A 368 -29.93 0.16 0.26
N LEU A 369 -31.06 0.10 -0.44
CA LEU A 369 -31.93 -1.05 -0.43
C LEU A 369 -31.48 -2.14 -1.36
N ALA A 370 -30.87 -1.79 -2.52
CA ALA A 370 -30.40 -2.75 -3.53
C ALA A 370 -29.30 -3.66 -3.01
N ASN A 371 -28.24 -3.07 -2.46
CA ASN A 371 -27.11 -3.83 -1.94
C ASN A 371 -27.18 -4.13 -0.43
N GLY A 372 -28.05 -3.41 0.28
CA GLY A 372 -28.20 -3.54 1.72
C GLY A 372 -27.02 -2.91 2.46
N ALA A 373 -27.02 -3.08 3.78
CA ALA A 373 -25.99 -2.57 4.68
C ALA A 373 -26.03 -3.33 6.00
N SER A 374 -24.85 -3.52 6.57
CA SER A 374 -24.60 -4.21 7.82
C SER A 374 -23.60 -3.33 8.54
N GLY A 375 -23.96 -2.86 9.73
CA GLY A 375 -23.08 -1.99 10.50
C GLY A 375 -23.31 -2.10 11.99
N ILE A 376 -22.20 -2.15 12.76
CA ILE A 376 -22.20 -2.22 14.22
C ILE A 376 -21.60 -0.88 14.64
N ALA A 377 -22.39 0.00 15.26
CA ALA A 377 -21.92 1.32 15.65
C ALA A 377 -21.69 1.38 17.20
N VAL A 378 -22.05 2.49 17.85
CA VAL A 378 -21.96 2.63 19.30
C VAL A 378 -23.36 3.07 19.68
N GLY A 379 -24.00 2.32 20.56
CA GLY A 379 -25.36 2.59 20.98
C GLY A 379 -26.42 2.09 20.03
N MET A 380 -26.00 1.56 18.86
CA MET A 380 -26.89 1.05 17.82
C MET A 380 -26.16 0.22 16.76
N ALA A 381 -26.93 -0.41 15.88
CA ALA A 381 -26.50 -1.22 14.76
C ALA A 381 -27.50 -1.06 13.60
N THR A 382 -27.15 -1.53 12.41
CA THR A 382 -28.00 -1.47 11.24
C THR A 382 -27.89 -2.77 10.51
N ASN A 383 -29.03 -3.30 10.07
CA ASN A 383 -29.08 -4.52 9.30
C ASN A 383 -30.18 -4.35 8.24
N ILE A 384 -29.76 -3.99 7.01
CA ILE A 384 -30.67 -3.71 5.88
C ILE A 384 -30.43 -4.79 4.86
N PRO A 385 -31.48 -5.49 4.38
CA PRO A 385 -31.25 -6.57 3.42
C PRO A 385 -31.17 -6.08 1.98
N PRO A 386 -30.43 -6.79 1.09
CA PRO A 386 -30.43 -6.38 -0.32
C PRO A 386 -31.82 -6.62 -0.95
N HIS A 387 -32.10 -5.99 -2.10
CA HIS A 387 -33.38 -6.12 -2.81
C HIS A 387 -33.12 -6.21 -4.36
N ASN A 388 -34.19 -6.54 -5.12
CA ASN A 388 -34.16 -6.63 -6.59
C ASN A 388 -34.29 -5.23 -7.17
N LEU A 389 -33.34 -4.80 -8.06
CA LEU A 389 -33.28 -3.48 -8.70
C LEU A 389 -34.53 -3.11 -9.49
N THR A 390 -35.12 -4.10 -10.18
CA THR A 390 -36.32 -3.90 -11.00
C THR A 390 -37.47 -3.56 -10.07
N GLU A 391 -37.64 -4.35 -8.99
CA GLU A 391 -38.69 -4.16 -7.98
C GLU A 391 -38.58 -2.79 -7.32
N LEU A 392 -37.35 -2.41 -6.86
CA LEU A 392 -37.06 -1.12 -6.22
C LEU A 392 -37.43 0.04 -7.11
N ILE A 393 -36.97 0.01 -8.40
CA ILE A 393 -37.24 1.06 -9.38
C ILE A 393 -38.73 1.22 -9.66
N ASN A 394 -39.48 0.09 -9.77
CA ASN A 394 -40.94 0.17 -9.99
C ASN A 394 -41.62 0.78 -8.77
N GLY A 395 -41.04 0.57 -7.59
CA GLY A 395 -41.53 1.11 -6.33
C GLY A 395 -41.35 2.62 -6.30
N VAL A 396 -40.13 3.10 -6.65
CA VAL A 396 -39.79 4.53 -6.72
C VAL A 396 -40.74 5.21 -7.73
N LEU A 397 -40.92 4.58 -8.93
CA LEU A 397 -41.81 5.04 -10.01
C LEU A 397 -43.24 5.21 -9.54
N SER A 398 -43.74 4.21 -8.77
CA SER A 398 -45.07 4.22 -8.16
C SER A 398 -45.19 5.39 -7.15
N LEU A 399 -44.20 5.55 -6.26
CA LEU A 399 -44.15 6.60 -5.25
C LEU A 399 -44.18 8.00 -5.88
N SER A 400 -43.45 8.19 -7.02
CA SER A 400 -43.38 9.45 -7.76
C SER A 400 -44.73 9.86 -8.36
N LYS A 401 -45.61 8.85 -8.58
CA LYS A 401 -46.93 9.00 -9.13
C LYS A 401 -48.00 9.18 -8.04
N ASN A 402 -47.69 8.80 -6.77
CA ASN A 402 -48.60 8.90 -5.63
C ASN A 402 -47.87 9.15 -4.29
N PRO A 403 -47.64 10.42 -3.90
CA PRO A 403 -46.98 10.69 -2.61
C PRO A 403 -47.61 10.03 -1.37
N ASP A 404 -48.90 9.66 -1.44
CA ASP A 404 -49.65 9.01 -0.34
C ASP A 404 -49.83 7.48 -0.52
N ILE A 405 -48.84 6.83 -1.17
CA ILE A 405 -48.81 5.39 -1.44
C ILE A 405 -48.57 4.61 -0.12
N SER A 406 -49.39 3.60 0.16
CA SER A 406 -49.22 2.81 1.40
C SER A 406 -48.11 1.76 1.21
N ILE A 407 -47.56 1.24 2.32
CA ILE A 407 -46.53 0.20 2.34
C ILE A 407 -47.11 -1.05 1.63
N ALA A 408 -48.43 -1.29 1.76
CA ALA A 408 -49.12 -2.42 1.13
C ALA A 408 -49.11 -2.32 -0.40
N GLU A 409 -49.28 -1.08 -0.94
CA GLU A 409 -49.24 -0.79 -2.38
C GLU A 409 -47.76 -0.89 -2.88
N LEU A 410 -46.79 -0.50 -2.01
CA LEU A 410 -45.36 -0.57 -2.34
C LEU A 410 -44.91 -2.02 -2.44
N MET A 411 -45.49 -2.89 -1.59
CA MET A 411 -45.22 -4.31 -1.54
C MET A 411 -45.73 -5.11 -2.77
N GLU A 412 -46.48 -4.44 -3.68
CA GLU A 412 -47.00 -5.02 -4.93
C GLU A 412 -45.88 -4.98 -5.96
N ASP A 413 -44.98 -3.96 -5.80
CA ASP A 413 -43.79 -3.71 -6.60
C ASP A 413 -42.61 -4.42 -5.91
N ILE A 414 -42.34 -4.12 -4.61
CA ILE A 414 -41.25 -4.71 -3.81
C ILE A 414 -41.79 -5.88 -2.95
N GLU A 415 -41.67 -7.11 -3.48
CA GLU A 415 -42.13 -8.34 -2.82
C GLU A 415 -41.40 -8.66 -1.50
N GLY A 416 -40.12 -8.33 -1.44
CA GLY A 416 -39.28 -8.58 -0.27
C GLY A 416 -37.81 -8.56 -0.61
N PRO A 417 -36.91 -8.86 0.35
CA PRO A 417 -35.48 -8.88 0.04
C PRO A 417 -35.18 -9.89 -1.05
N ASP A 418 -34.08 -9.70 -1.75
CA ASP A 418 -33.65 -10.57 -2.85
C ASP A 418 -32.15 -10.73 -2.69
N PHE A 419 -31.77 -11.78 -1.93
CA PHE A 419 -30.39 -12.09 -1.61
C PHE A 419 -29.57 -12.55 -2.79
N PRO A 420 -28.27 -12.11 -2.89
CA PRO A 420 -27.43 -12.56 -4.01
C PRO A 420 -27.28 -14.08 -4.07
N THR A 421 -27.33 -14.72 -2.90
CA THR A 421 -27.19 -16.15 -2.71
C THR A 421 -28.54 -16.88 -2.88
N ALA A 422 -29.55 -16.21 -3.52
CA ALA A 422 -30.89 -16.71 -3.78
C ALA A 422 -31.54 -17.24 -2.49
N GLY A 423 -31.91 -18.52 -2.45
CA GLY A 423 -32.54 -19.17 -1.30
C GLY A 423 -34.04 -18.93 -1.19
N LEU A 424 -34.59 -19.19 -0.01
CA LEU A 424 -36.00 -19.06 0.27
C LEU A 424 -36.31 -18.18 1.47
N ILE A 425 -37.43 -17.45 1.43
CA ILE A 425 -37.94 -16.65 2.53
C ILE A 425 -39.29 -17.27 2.86
N LEU A 426 -39.55 -17.49 4.17
CA LEU A 426 -40.79 -18.07 4.69
C LEU A 426 -41.84 -16.99 5.02
N GLY A 427 -42.77 -16.77 4.08
CA GLY A 427 -43.89 -15.83 4.19
C GLY A 427 -43.58 -14.35 4.17
N LYS A 428 -44.65 -13.54 4.02
CA LYS A 428 -44.60 -12.07 3.96
C LYS A 428 -44.76 -11.36 5.31
N SER A 429 -45.08 -12.11 6.39
CA SER A 429 -45.30 -11.63 7.76
C SER A 429 -44.14 -10.80 8.37
N GLY A 430 -42.93 -11.32 8.25
CA GLY A 430 -41.69 -10.68 8.73
C GLY A 430 -41.36 -9.49 7.85
N ILE A 431 -41.39 -9.73 6.51
CA ILE A 431 -41.14 -8.71 5.48
C ILE A 431 -42.07 -7.50 5.77
N ARG A 432 -43.40 -7.74 5.84
CA ARG A 432 -44.43 -6.73 6.10
C ARG A 432 -44.13 -5.88 7.33
N ARG A 433 -43.71 -6.52 8.45
CA ARG A 433 -43.37 -5.87 9.72
C ARG A 433 -42.11 -5.02 9.55
N ALA A 434 -41.10 -5.54 8.80
CA ALA A 434 -39.88 -4.77 8.54
C ALA A 434 -40.18 -3.53 7.69
N TYR A 435 -41.04 -3.66 6.66
CA TYR A 435 -41.35 -2.51 5.79
C TYR A 435 -42.24 -1.45 6.41
N GLU A 436 -42.94 -1.76 7.49
CA GLU A 436 -43.85 -0.84 8.17
C GLU A 436 -43.18 -0.17 9.36
N THR A 437 -42.15 -0.81 9.96
CA THR A 437 -41.51 -0.26 11.16
C THR A 437 -40.02 -0.14 11.07
N GLY A 438 -39.41 -0.80 10.08
CA GLY A 438 -37.96 -0.81 9.90
C GLY A 438 -37.28 -1.93 10.67
N ARG A 439 -38.07 -2.74 11.43
CA ARG A 439 -37.62 -3.87 12.25
C ARG A 439 -38.52 -5.08 12.02
N GLY A 440 -37.90 -6.25 11.89
CA GLY A 440 -38.61 -7.49 11.65
C GLY A 440 -37.67 -8.64 11.40
N SER A 441 -38.10 -9.83 11.78
CA SER A 441 -37.31 -11.03 11.60
C SER A 441 -37.74 -11.72 10.32
N ILE A 442 -36.78 -12.04 9.44
CA ILE A 442 -37.06 -12.69 8.17
C ILE A 442 -36.41 -14.06 8.13
N GLN A 443 -37.23 -15.14 8.08
CA GLN A 443 -36.71 -16.50 8.03
C GLN A 443 -36.21 -16.83 6.64
N MET A 444 -34.90 -17.16 6.57
CA MET A 444 -34.19 -17.53 5.34
C MET A 444 -33.94 -19.02 5.34
N ARG A 445 -34.39 -19.69 4.29
CA ARG A 445 -34.21 -21.11 4.15
C ARG A 445 -33.34 -21.50 2.95
N SER A 446 -32.63 -22.63 3.07
CA SER A 446 -31.77 -23.17 2.02
C SER A 446 -32.61 -23.85 0.96
N ARG A 447 -32.14 -23.88 -0.30
CA ARG A 447 -32.85 -24.60 -1.35
C ARG A 447 -32.35 -26.06 -1.19
N ALA A 448 -33.23 -26.94 -0.75
CA ALA A 448 -32.86 -28.32 -0.52
C ALA A 448 -33.87 -29.25 -1.16
N VAL A 449 -33.40 -30.27 -1.87
CA VAL A 449 -34.27 -31.25 -2.51
C VAL A 449 -33.93 -32.64 -2.01
N ILE A 450 -34.89 -33.55 -2.09
CA ILE A 450 -34.64 -34.92 -1.71
C ILE A 450 -34.63 -35.72 -2.99
N GLU A 451 -33.53 -36.38 -3.29
CA GLU A 451 -33.42 -37.20 -4.49
C GLU A 451 -32.87 -38.63 -4.18
N GLU A 452 -33.15 -39.58 -5.06
CA GLU A 452 -32.69 -40.97 -4.91
C GLU A 452 -31.21 -41.05 -5.33
N ARG A 453 -30.45 -41.97 -4.72
CA ARG A 453 -29.03 -42.09 -5.04
C ARG A 453 -28.60 -43.51 -5.48
N GLY A 454 -29.58 -44.41 -5.59
CA GLY A 454 -29.34 -45.79 -5.99
C GLY A 454 -29.54 -46.79 -4.87
N GLY A 455 -29.93 -47.99 -5.26
CA GLY A 455 -30.17 -49.13 -4.38
C GLY A 455 -31.24 -48.92 -3.33
N GLY A 456 -32.24 -48.10 -3.65
CA GLY A 456 -33.35 -47.79 -2.75
C GLY A 456 -33.00 -46.78 -1.68
N ARG A 457 -31.84 -46.11 -1.82
CA ARG A 457 -31.34 -45.09 -0.92
C ARG A 457 -31.59 -43.68 -1.46
N GLN A 458 -31.55 -42.68 -0.56
CA GLN A 458 -31.80 -41.28 -0.88
C GLN A 458 -30.71 -40.36 -0.36
N ARG A 459 -30.81 -39.07 -0.71
CA ARG A 459 -29.90 -37.99 -0.28
C ARG A 459 -30.63 -36.65 -0.33
N ILE A 460 -30.10 -35.69 0.44
CA ILE A 460 -30.58 -34.32 0.51
C ILE A 460 -29.55 -33.50 -0.27
N VAL A 461 -30.00 -32.77 -1.29
CA VAL A 461 -29.11 -31.94 -2.10
C VAL A 461 -29.45 -30.47 -1.88
N VAL A 462 -28.48 -29.72 -1.31
CA VAL A 462 -28.58 -28.31 -1.02
C VAL A 462 -27.77 -27.56 -2.11
N THR A 463 -28.41 -26.58 -2.82
CA THR A 463 -27.78 -25.83 -3.91
C THR A 463 -27.79 -24.34 -3.70
N GLU A 464 -28.43 -23.90 -2.62
CA GLU A 464 -28.52 -22.51 -2.25
C GLU A 464 -28.55 -22.49 -0.75
N ILE A 465 -27.69 -21.67 -0.16
CA ILE A 465 -27.53 -21.49 1.28
C ILE A 465 -27.99 -20.06 1.67
N PRO A 466 -28.36 -19.77 2.94
CA PRO A 466 -28.80 -18.40 3.27
C PRO A 466 -27.71 -17.31 3.22
N PHE A 467 -28.15 -16.08 3.06
CA PHE A 467 -27.28 -14.93 2.96
C PHE A 467 -26.38 -14.84 4.19
N GLN A 468 -25.08 -14.58 3.97
CA GLN A 468 -24.04 -14.41 4.99
C GLN A 468 -23.65 -15.70 5.72
N VAL A 469 -24.30 -16.84 5.38
CA VAL A 469 -24.00 -18.13 5.98
C VAL A 469 -22.70 -18.61 5.35
N ASN A 470 -21.73 -18.99 6.18
CA ASN A 470 -20.44 -19.50 5.72
C ASN A 470 -20.68 -20.99 5.42
N LYS A 471 -20.58 -21.37 4.14
CA LYS A 471 -20.80 -22.73 3.65
C LYS A 471 -20.01 -23.84 4.42
N ALA A 472 -18.66 -23.76 4.44
CA ALA A 472 -17.81 -24.74 5.12
C ALA A 472 -18.10 -24.86 6.62
N ARG A 473 -18.38 -23.72 7.28
CA ARG A 473 -18.68 -23.65 8.71
C ARG A 473 -19.99 -24.36 9.04
N MET A 474 -20.98 -24.24 8.14
CA MET A 474 -22.29 -24.87 8.25
C MET A 474 -22.13 -26.38 8.09
N ILE A 475 -21.26 -26.81 7.14
CA ILE A 475 -20.93 -28.21 6.86
C ILE A 475 -20.31 -28.83 8.12
N GLU A 476 -19.43 -28.08 8.81
CA GLU A 476 -18.79 -28.54 10.04
C GLU A 476 -19.79 -28.66 11.20
N LYS A 477 -20.79 -27.77 11.27
CA LYS A 477 -21.83 -27.81 12.31
C LYS A 477 -22.73 -29.03 12.12
N ILE A 478 -22.92 -29.48 10.85
CA ILE A 478 -23.75 -30.66 10.50
C ILE A 478 -22.96 -31.89 10.93
N ALA A 479 -21.66 -31.96 10.56
CA ALA A 479 -20.75 -33.05 10.89
C ALA A 479 -20.70 -33.22 12.41
N GLU A 480 -20.59 -32.08 13.14
CA GLU A 480 -20.58 -31.99 14.61
C GLU A 480 -21.81 -32.64 15.19
N LEU A 481 -23.01 -32.30 14.64
CA LEU A 481 -24.31 -32.81 15.06
C LEU A 481 -24.42 -34.34 14.86
N VAL A 482 -23.73 -34.88 13.85
CA VAL A 482 -23.70 -36.31 13.53
C VAL A 482 -22.74 -37.03 14.50
N ARG A 483 -21.47 -36.53 14.60
CA ARG A 483 -20.41 -37.08 15.46
C ARG A 483 -20.81 -37.14 16.92
N ASP A 484 -21.55 -36.11 17.38
CA ASP A 484 -22.03 -35.97 18.76
C ASP A 484 -23.44 -36.53 18.98
N LYS A 485 -23.85 -37.47 18.07
CA LYS A 485 -25.11 -38.22 18.06
C LYS A 485 -26.40 -37.39 18.30
N LYS A 486 -26.38 -36.07 17.97
CA LYS A 486 -27.55 -35.19 18.15
C LYS A 486 -28.57 -35.24 16.99
N ILE A 487 -28.25 -35.96 15.90
CA ILE A 487 -29.11 -36.12 14.72
C ILE A 487 -29.12 -37.58 14.26
N ASP A 488 -30.30 -38.10 13.92
CA ASP A 488 -30.42 -39.46 13.44
C ASP A 488 -30.72 -39.47 11.94
N GLY A 489 -30.18 -40.47 11.22
CA GLY A 489 -30.38 -40.69 9.80
C GLY A 489 -29.30 -40.27 8.81
N ILE A 490 -28.21 -39.65 9.28
CA ILE A 490 -27.16 -39.19 8.36
C ILE A 490 -25.95 -40.14 8.23
N THR A 491 -25.67 -40.62 7.00
CA THR A 491 -24.55 -41.54 6.75
C THR A 491 -23.28 -40.86 6.24
N ASP A 492 -23.42 -39.80 5.45
CA ASP A 492 -22.28 -39.06 4.88
C ASP A 492 -22.72 -37.67 4.41
N LEU A 493 -21.80 -36.73 4.47
CA LEU A 493 -22.03 -35.39 3.96
C LEU A 493 -20.78 -34.91 3.24
N ARG A 494 -20.95 -34.51 1.96
CA ARG A 494 -19.88 -34.03 1.09
C ARG A 494 -20.26 -32.69 0.49
N ASP A 495 -19.25 -31.90 0.15
CA ASP A 495 -19.43 -30.62 -0.50
C ASP A 495 -18.93 -30.89 -1.90
N GLU A 496 -19.85 -30.89 -2.88
CA GLU A 496 -19.60 -31.18 -4.29
C GLU A 496 -19.51 -29.91 -5.16
N THR A 497 -19.49 -28.74 -4.51
CA THR A 497 -19.40 -27.42 -5.15
C THR A 497 -18.20 -27.34 -6.10
N SER A 498 -18.43 -26.81 -7.30
CA SER A 498 -17.43 -26.59 -8.35
C SER A 498 -17.91 -25.41 -9.19
N LEU A 499 -17.00 -24.76 -9.95
CA LEU A 499 -17.35 -23.62 -10.81
C LEU A 499 -18.37 -24.04 -11.88
N ARG A 500 -18.29 -25.32 -12.27
CA ARG A 500 -19.12 -26.00 -13.24
C ARG A 500 -20.55 -26.21 -12.69
N THR A 501 -20.66 -26.81 -11.49
CA THR A 501 -21.92 -27.17 -10.81
C THR A 501 -22.60 -26.09 -9.95
N GLY A 502 -21.85 -25.09 -9.50
CA GLY A 502 -22.39 -24.08 -8.58
C GLY A 502 -22.41 -24.70 -7.20
N VAL A 503 -23.01 -24.04 -6.19
CA VAL A 503 -23.07 -24.61 -4.84
C VAL A 503 -23.77 -25.98 -4.88
N ARG A 504 -23.17 -27.02 -4.25
CA ARG A 504 -23.76 -28.37 -4.19
C ARG A 504 -23.37 -29.16 -2.92
N VAL A 505 -24.22 -29.12 -1.89
CA VAL A 505 -23.94 -29.83 -0.64
C VAL A 505 -24.82 -31.07 -0.58
N VAL A 506 -24.20 -32.24 -0.42
CA VAL A 506 -24.94 -33.52 -0.38
C VAL A 506 -24.94 -34.14 1.01
N ILE A 507 -26.11 -34.58 1.48
CA ILE A 507 -26.25 -35.24 2.78
C ILE A 507 -26.91 -36.59 2.51
N ASP A 508 -26.16 -37.67 2.72
CA ASP A 508 -26.64 -39.03 2.52
C ASP A 508 -27.54 -39.50 3.66
N VAL A 509 -28.67 -40.12 3.31
CA VAL A 509 -29.67 -40.61 4.26
C VAL A 509 -29.54 -42.15 4.40
N ARG A 510 -29.68 -42.65 5.65
CA ARG A 510 -29.61 -44.10 5.97
C ARG A 510 -30.81 -44.75 5.32
N LYS A 511 -30.62 -45.86 4.58
CA LYS A 511 -31.72 -46.56 3.92
C LYS A 511 -32.96 -46.76 4.82
N ASP A 512 -34.15 -46.39 4.30
CA ASP A 512 -35.48 -46.44 4.93
C ASP A 512 -35.79 -45.27 5.87
N ALA A 513 -34.77 -44.44 6.19
CA ALA A 513 -34.98 -43.26 7.04
C ALA A 513 -35.76 -42.21 6.25
N ASN A 514 -36.71 -41.51 6.93
CA ASN A 514 -37.53 -40.46 6.33
C ASN A 514 -36.66 -39.22 6.14
N ALA A 515 -36.19 -39.01 4.91
CA ALA A 515 -35.34 -37.87 4.53
C ALA A 515 -35.98 -36.51 4.80
N SER A 516 -37.32 -36.40 4.72
CA SER A 516 -38.00 -35.14 4.98
C SER A 516 -37.90 -34.74 6.46
N VAL A 517 -37.89 -35.76 7.38
CA VAL A 517 -37.77 -35.62 8.84
C VAL A 517 -36.36 -35.13 9.13
N ILE A 518 -35.33 -35.80 8.54
CA ILE A 518 -33.92 -35.42 8.69
C ILE A 518 -33.74 -33.95 8.27
N LEU A 519 -34.33 -33.56 7.12
CA LEU A 519 -34.27 -32.21 6.59
C LEU A 519 -34.85 -31.16 7.55
N ASN A 520 -36.04 -31.43 8.13
CA ASN A 520 -36.65 -30.49 9.09
C ASN A 520 -35.85 -30.39 10.38
N ASN A 521 -35.16 -31.47 10.78
CA ASN A 521 -34.31 -31.46 11.96
C ASN A 521 -33.09 -30.58 11.61
N LEU A 522 -32.59 -30.66 10.36
CA LEU A 522 -31.45 -29.85 9.91
C LEU A 522 -31.81 -28.35 9.86
N TYR A 523 -33.06 -28.02 9.49
CA TYR A 523 -33.52 -26.63 9.44
C TYR A 523 -33.57 -26.06 10.86
N LYS A 524 -34.04 -26.86 11.83
CA LYS A 524 -34.16 -26.40 13.21
C LYS A 524 -32.86 -26.43 14.04
N GLN A 525 -31.83 -27.16 13.59
CA GLN A 525 -30.60 -27.30 14.37
C GLN A 525 -29.33 -26.75 13.71
N THR A 526 -29.43 -26.25 12.48
CA THR A 526 -28.23 -25.81 11.77
C THR A 526 -28.42 -24.47 11.03
N PRO A 527 -27.32 -23.85 10.49
CA PRO A 527 -27.48 -22.62 9.71
C PRO A 527 -28.13 -22.84 8.31
N LEU A 528 -28.81 -23.99 8.10
CA LEU A 528 -29.54 -24.33 6.87
C LEU A 528 -30.77 -23.41 6.82
N GLN A 529 -31.24 -23.04 8.02
CA GLN A 529 -32.28 -22.06 8.26
C GLN A 529 -31.62 -21.00 9.15
N THR A 530 -31.66 -19.77 8.70
CA THR A 530 -31.07 -18.64 9.40
C THR A 530 -32.10 -17.52 9.39
N SER A 531 -31.95 -16.59 10.29
CA SER A 531 -32.83 -15.46 10.41
C SER A 531 -32.06 -14.19 10.07
N PHE A 532 -32.77 -13.22 9.51
CA PHE A 532 -32.22 -11.92 9.19
C PHE A 532 -33.00 -10.92 10.02
N GLY A 533 -32.33 -10.34 11.00
CA GLY A 533 -32.94 -9.35 11.86
C GLY A 533 -32.87 -8.01 11.16
N VAL A 534 -34.00 -7.57 10.54
CA VAL A 534 -34.02 -6.28 9.86
C VAL A 534 -34.03 -5.20 10.93
N ASN A 535 -33.16 -4.20 10.76
CA ASN A 535 -33.01 -3.04 11.62
C ASN A 535 -32.48 -1.91 10.71
N MET A 536 -33.41 -1.27 10.00
CA MET A 536 -33.15 -0.22 9.04
C MET A 536 -32.74 1.14 9.59
N ILE A 537 -31.54 1.19 10.17
CA ILE A 537 -30.99 2.45 10.67
C ILE A 537 -30.08 3.02 9.57
N ALA A 538 -30.23 4.31 9.24
CA ALA A 538 -29.41 4.96 8.22
C ALA A 538 -29.27 6.43 8.58
N LEU A 539 -28.23 7.11 8.06
CA LEU A 539 -28.07 8.54 8.32
C LEU A 539 -29.04 9.37 7.47
N VAL A 540 -29.88 10.18 8.13
CA VAL A 540 -30.84 11.07 7.46
C VAL A 540 -30.48 12.49 7.97
N ASN A 541 -29.94 13.35 7.07
CA ASN A 541 -29.46 14.71 7.37
C ASN A 541 -28.31 14.62 8.36
N GLY A 542 -27.43 13.66 8.12
CA GLY A 542 -26.28 13.39 8.97
C GLY A 542 -26.59 12.79 10.33
N ARG A 543 -27.85 12.38 10.55
CA ARG A 543 -28.29 11.82 11.82
C ARG A 543 -28.76 10.37 11.71
N PRO A 544 -28.42 9.49 12.69
CA PRO A 544 -28.94 8.10 12.63
C PRO A 544 -30.46 8.10 12.83
N LYS A 545 -31.18 7.32 12.02
CA LYS A 545 -32.63 7.25 12.07
C LYS A 545 -33.09 5.87 11.65
N LEU A 546 -34.07 5.35 12.39
CA LEU A 546 -34.68 4.07 12.07
C LEU A 546 -35.80 4.46 11.11
N ILE A 547 -35.72 3.99 9.87
CA ILE A 547 -36.67 4.32 8.81
C ILE A 547 -37.44 3.08 8.27
N ASN A 548 -38.55 3.29 7.56
CA ASN A 548 -39.28 2.16 6.99
C ASN A 548 -39.07 2.14 5.46
N LEU A 549 -39.70 1.21 4.72
CA LEU A 549 -39.52 1.14 3.27
C LEU A 549 -39.94 2.44 2.56
N LYS A 550 -41.05 3.07 2.96
CA LYS A 550 -41.49 4.30 2.31
C LYS A 550 -40.51 5.44 2.60
N GLU A 551 -40.12 5.63 3.88
CA GLU A 551 -39.19 6.67 4.27
C GLU A 551 -37.92 6.60 3.42
N ALA A 552 -37.30 5.39 3.33
CA ALA A 552 -36.10 5.07 2.56
C ALA A 552 -36.26 5.47 1.08
N LEU A 553 -37.40 5.11 0.45
CA LEU A 553 -37.66 5.43 -0.95
C LEU A 553 -37.88 6.94 -1.13
N VAL A 554 -38.65 7.58 -0.21
CA VAL A 554 -38.93 9.03 -0.19
C VAL A 554 -37.61 9.85 -0.20
N HIS A 555 -36.66 9.50 0.70
CA HIS A 555 -35.36 10.17 0.81
C HIS A 555 -34.49 9.97 -0.40
N TYR A 556 -34.66 8.82 -1.07
CA TYR A 556 -33.92 8.49 -2.28
C TYR A 556 -34.49 9.29 -3.45
N LEU A 557 -35.82 9.36 -3.53
CA LEU A 557 -36.53 10.11 -4.59
C LEU A 557 -36.20 11.60 -4.53
N GLU A 558 -36.16 12.20 -3.31
CA GLU A 558 -35.83 13.61 -3.13
C GLU A 558 -34.38 13.87 -3.52
N HIS A 559 -33.49 12.90 -3.26
CA HIS A 559 -32.09 13.02 -3.61
C HIS A 559 -31.99 13.10 -5.12
N GLN A 560 -32.75 12.26 -5.85
CA GLN A 560 -32.78 12.22 -7.31
C GLN A 560 -33.28 13.50 -7.88
N LYS A 561 -34.40 14.02 -7.34
CA LYS A 561 -34.98 15.30 -7.74
C LYS A 561 -33.94 16.43 -7.62
N THR A 562 -33.16 16.45 -6.49
CA THR A 562 -32.10 17.42 -6.21
C THR A 562 -30.95 17.28 -7.22
N VAL A 563 -30.43 16.05 -7.38
CA VAL A 563 -29.35 15.72 -8.32
C VAL A 563 -29.76 16.18 -9.76
N VAL A 564 -30.95 15.79 -10.23
CA VAL A 564 -31.43 16.16 -11.56
C VAL A 564 -31.60 17.70 -11.71
N ARG A 565 -32.15 18.39 -10.67
CA ARG A 565 -32.34 19.85 -10.66
C ARG A 565 -30.98 20.52 -10.79
N ARG A 566 -30.02 20.12 -9.95
CA ARG A 566 -28.65 20.63 -9.93
C ARG A 566 -27.87 20.36 -11.21
N ARG A 567 -28.10 19.21 -11.86
CA ARG A 567 -27.42 18.86 -13.11
C ARG A 567 -27.86 19.84 -14.22
N THR A 568 -29.19 20.10 -14.27
CA THR A 568 -29.85 20.97 -15.22
C THR A 568 -29.40 22.42 -14.98
N GLN A 569 -29.28 22.83 -13.69
CA GLN A 569 -28.82 24.17 -13.36
C GLN A 569 -27.36 24.37 -13.81
N TYR A 570 -26.53 23.32 -13.69
CA TYR A 570 -25.12 23.33 -14.09
C TYR A 570 -24.97 23.54 -15.58
N ASN A 571 -25.58 22.66 -16.38
CA ASN A 571 -25.64 22.67 -17.82
C ASN A 571 -26.08 24.02 -18.35
N LEU A 572 -27.14 24.60 -17.75
CA LEU A 572 -27.67 25.91 -18.11
C LEU A 572 -26.63 27.01 -17.91
N ARG A 573 -25.97 27.07 -16.72
CA ARG A 573 -24.92 28.06 -16.49
C ARG A 573 -23.79 27.84 -17.52
N LYS A 574 -23.41 26.58 -17.71
CA LYS A 574 -22.37 26.13 -18.63
C LYS A 574 -22.67 26.47 -20.12
N ALA A 575 -23.93 26.28 -20.53
CA ALA A 575 -24.40 26.58 -21.89
C ALA A 575 -24.47 28.10 -22.09
N LYS A 576 -24.95 28.86 -21.10
CA LYS A 576 -25.03 30.32 -21.16
C LYS A 576 -23.66 30.98 -21.25
N ASP A 577 -22.63 30.35 -20.64
CA ASP A 577 -21.25 30.86 -20.65
C ASP A 577 -20.67 30.63 -22.04
N ARG A 578 -20.98 29.47 -22.65
CA ARG A 578 -20.51 29.10 -23.99
C ARG A 578 -21.12 30.04 -25.02
N ALA A 579 -22.45 30.26 -24.95
CA ALA A 579 -23.18 31.15 -25.83
C ALA A 579 -22.59 32.58 -25.80
N HIS A 580 -22.23 33.06 -24.59
CA HIS A 580 -21.64 34.38 -24.40
C HIS A 580 -20.25 34.45 -25.07
N ILE A 581 -19.48 33.33 -25.04
CA ILE A 581 -18.15 33.22 -25.65
C ILE A 581 -18.31 33.24 -27.17
N LEU A 582 -19.37 32.60 -27.69
CA LEU A 582 -19.64 32.56 -29.12
C LEU A 582 -20.01 33.94 -29.59
N GLU A 583 -20.94 34.62 -28.90
CA GLU A 583 -21.33 35.99 -29.25
C GLU A 583 -20.09 36.86 -29.57
N GLY A 584 -19.04 36.70 -28.76
CA GLY A 584 -17.78 37.42 -28.90
C GLY A 584 -16.91 36.92 -30.04
N LEU A 585 -16.80 35.59 -30.19
CA LEU A 585 -16.01 34.98 -31.27
C LEU A 585 -16.65 35.34 -32.64
N ARG A 586 -17.98 35.46 -32.65
CA ARG A 586 -18.78 35.83 -33.81
C ARG A 586 -18.35 37.25 -34.25
N ILE A 587 -18.25 38.18 -33.25
CA ILE A 587 -17.83 39.58 -33.40
C ILE A 587 -16.39 39.66 -33.89
N ALA A 588 -15.51 38.77 -33.38
CA ALA A 588 -14.12 38.71 -33.79
C ALA A 588 -13.98 38.30 -35.26
N LEU A 589 -14.69 37.24 -35.73
CA LEU A 589 -14.59 36.80 -37.13
C LEU A 589 -15.16 37.78 -38.14
N ASP A 590 -16.19 38.55 -37.73
CA ASP A 590 -16.81 39.58 -38.56
C ASP A 590 -15.86 40.76 -38.76
N HIS A 591 -15.11 41.13 -37.71
CA HIS A 591 -14.18 42.25 -37.75
C HIS A 591 -12.73 41.79 -37.59
N ILE A 592 -12.40 40.60 -38.12
CA ILE A 592 -11.09 39.96 -38.04
C ILE A 592 -9.84 40.85 -38.26
N ASP A 593 -9.82 41.61 -39.35
CA ASP A 593 -8.70 42.48 -39.66
C ASP A 593 -8.49 43.59 -38.63
N GLU A 594 -9.57 44.24 -38.19
CA GLU A 594 -9.52 45.27 -37.15
C GLU A 594 -9.14 44.64 -35.79
N ILE A 595 -9.45 43.32 -35.58
CA ILE A 595 -9.13 42.57 -34.35
C ILE A 595 -7.61 42.37 -34.33
N ILE A 596 -7.06 41.81 -35.44
CA ILE A 596 -5.63 41.54 -35.61
C ILE A 596 -4.87 42.85 -35.46
N SER A 597 -5.32 43.91 -36.15
CA SER A 597 -4.71 45.25 -36.09
C SER A 597 -4.62 45.74 -34.61
N THR A 598 -5.73 45.62 -33.85
CA THR A 598 -5.83 46.00 -32.45
C THR A 598 -4.79 45.28 -31.59
N ILE A 599 -4.59 43.96 -31.81
CA ILE A 599 -3.63 43.15 -31.03
C ILE A 599 -2.18 43.55 -31.39
N ARG A 600 -1.88 43.58 -32.71
CA ARG A 600 -0.57 43.92 -33.26
C ARG A 600 -0.04 45.24 -32.72
N GLU A 601 -0.90 46.26 -32.70
CA GLU A 601 -0.51 47.58 -32.20
C GLU A 601 -0.44 47.69 -30.67
N SER A 602 -0.79 46.61 -29.93
CA SER A 602 -0.76 46.56 -28.46
C SER A 602 0.56 46.04 -27.97
N ASP A 603 1.14 46.71 -26.95
CA ASP A 603 2.42 46.37 -26.33
C ASP A 603 2.28 45.14 -25.44
N THR A 604 1.16 45.03 -24.70
CA THR A 604 0.90 43.91 -23.79
C THR A 604 -0.51 43.32 -23.97
N ASP A 605 -0.73 42.15 -23.33
CA ASP A 605 -1.98 41.41 -23.30
C ASP A 605 -3.07 42.30 -22.67
N LYS A 606 -2.74 42.99 -21.55
CA LYS A 606 -3.63 43.88 -20.80
C LYS A 606 -4.19 45.00 -21.70
N VAL A 607 -3.30 45.66 -22.47
CA VAL A 607 -3.67 46.74 -23.40
C VAL A 607 -4.59 46.16 -24.49
N ALA A 608 -4.19 45.01 -25.08
CA ALA A 608 -4.98 44.31 -26.10
C ALA A 608 -6.38 43.97 -25.57
N MET A 609 -6.49 43.43 -24.34
CA MET A 609 -7.76 43.08 -23.65
C MET A 609 -8.66 44.32 -23.63
N GLU A 610 -8.16 45.40 -23.00
CA GLU A 610 -8.78 46.70 -22.84
C GLU A 610 -9.30 47.25 -24.16
N SER A 611 -8.43 47.31 -25.21
CA SER A 611 -8.79 47.83 -26.53
C SER A 611 -9.87 46.99 -27.23
N LEU A 612 -9.79 45.65 -27.14
CA LEU A 612 -10.80 44.80 -27.77
C LEU A 612 -12.17 45.00 -27.10
N GLN A 613 -12.17 45.15 -25.76
CA GLN A 613 -13.37 45.38 -24.94
C GLN A 613 -14.09 46.67 -25.33
N GLN A 614 -13.36 47.79 -25.36
CA GLN A 614 -13.94 49.09 -25.67
C GLN A 614 -14.38 49.27 -27.12
N ARG A 615 -13.56 48.81 -28.09
CA ARG A 615 -13.83 48.94 -29.53
C ARG A 615 -14.98 48.08 -30.00
N PHE A 616 -14.98 46.80 -29.61
CA PHE A 616 -15.96 45.81 -30.05
C PHE A 616 -17.07 45.45 -29.07
N LYS A 617 -17.22 46.20 -27.94
CA LYS A 617 -18.25 45.97 -26.92
C LYS A 617 -18.17 44.51 -26.35
N LEU A 618 -16.95 44.10 -25.99
CA LEU A 618 -16.65 42.76 -25.47
C LEU A 618 -16.44 42.76 -23.98
N SER A 619 -16.66 41.61 -23.35
CA SER A 619 -16.46 41.48 -21.91
C SER A 619 -15.04 40.98 -21.69
N GLU A 620 -14.63 40.84 -20.42
CA GLU A 620 -13.32 40.34 -20.04
C GLU A 620 -13.13 38.92 -20.65
N LYS A 621 -14.07 37.98 -20.38
CA LYS A 621 -14.04 36.62 -20.90
C LYS A 621 -14.01 36.56 -22.44
N GLN A 622 -14.87 37.36 -23.10
CA GLN A 622 -14.96 37.41 -24.57
C GLN A 622 -13.63 37.80 -25.20
N ALA A 623 -12.98 38.87 -24.67
CA ALA A 623 -11.68 39.38 -25.13
C ALA A 623 -10.60 38.34 -24.89
N GLN A 624 -10.65 37.66 -23.72
CA GLN A 624 -9.70 36.62 -23.35
C GLN A 624 -9.81 35.44 -24.31
N ALA A 625 -11.04 35.04 -24.67
CA ALA A 625 -11.34 33.97 -25.60
C ALA A 625 -10.76 34.26 -26.99
N ILE A 626 -10.83 35.54 -27.40
CA ILE A 626 -10.30 36.00 -28.69
C ILE A 626 -8.77 35.95 -28.65
N LEU A 627 -8.16 36.43 -27.57
CA LEU A 627 -6.70 36.42 -27.43
C LEU A 627 -6.15 34.98 -27.38
N ASP A 628 -6.97 34.02 -26.89
CA ASP A 628 -6.58 32.62 -26.79
C ASP A 628 -6.79 31.84 -28.09
N MET A 629 -7.70 32.31 -28.99
CA MET A 629 -8.02 31.72 -30.29
C MET A 629 -6.77 31.43 -31.13
N ARG A 630 -6.65 30.20 -31.65
CA ARG A 630 -5.51 29.81 -32.49
C ARG A 630 -5.77 30.24 -33.92
N LEU A 631 -4.69 30.44 -34.71
CA LEU A 631 -4.75 30.84 -36.12
C LEU A 631 -5.60 29.92 -36.97
N ARG A 632 -5.51 28.59 -36.76
CA ARG A 632 -6.34 27.60 -37.47
C ARG A 632 -7.86 27.87 -37.37
N ARG A 633 -8.33 28.60 -36.32
CA ARG A 633 -9.76 28.95 -36.14
C ARG A 633 -10.19 30.02 -37.17
N LEU A 634 -9.22 30.59 -37.92
CA LEU A 634 -9.48 31.61 -38.94
C LEU A 634 -9.88 30.98 -40.27
N THR A 635 -9.94 29.63 -40.38
CA THR A 635 -10.33 28.97 -41.65
C THR A 635 -11.78 29.26 -42.04
N GLY A 636 -12.08 29.07 -43.34
CA GLY A 636 -13.37 29.32 -43.99
C GLY A 636 -14.63 28.76 -43.37
N LEU A 637 -14.60 27.47 -42.95
CA LEU A 637 -15.76 26.79 -42.34
C LEU A 637 -15.75 26.86 -40.80
N GLU A 638 -15.50 28.07 -40.26
CA GLU A 638 -15.45 28.33 -38.82
C GLU A 638 -16.49 29.34 -38.38
N ARG A 639 -16.82 30.33 -39.23
CA ARG A 639 -17.86 31.29 -38.89
C ARG A 639 -19.23 30.60 -38.98
N ASP A 640 -19.31 29.58 -39.88
CA ASP A 640 -20.50 28.75 -40.09
C ASP A 640 -20.54 27.75 -38.93
N LYS A 641 -19.35 27.22 -38.51
CA LYS A 641 -19.22 26.29 -37.38
C LYS A 641 -19.69 26.96 -36.06
N ILE A 642 -19.21 28.19 -35.78
CA ILE A 642 -19.57 28.99 -34.61
C ILE A 642 -21.10 29.23 -34.59
N GLU A 643 -21.68 29.66 -35.75
CA GLU A 643 -23.11 29.93 -35.90
C GLU A 643 -23.98 28.68 -35.76
N ALA A 644 -23.47 27.50 -36.20
CA ALA A 644 -24.16 26.22 -36.08
C ALA A 644 -24.28 25.91 -34.58
N GLU A 645 -23.15 26.01 -33.84
CA GLU A 645 -23.03 25.77 -32.40
C GLU A 645 -23.90 26.75 -31.60
N TYR A 646 -23.91 28.03 -32.01
CA TYR A 646 -24.70 29.06 -31.33
C TYR A 646 -26.17 28.74 -31.38
N ASN A 647 -26.70 28.38 -32.56
CA ASN A 647 -28.10 28.03 -32.75
C ASN A 647 -28.55 26.81 -31.95
N GLU A 648 -27.76 25.71 -31.99
CA GLU A 648 -28.04 24.47 -31.25
C GLU A 648 -28.00 24.72 -29.73
N LEU A 649 -27.14 25.64 -29.28
CA LEU A 649 -27.03 25.98 -27.88
C LEU A 649 -28.26 26.71 -27.42
N LEU A 650 -28.84 27.60 -28.26
CA LEU A 650 -30.06 28.36 -27.91
C LEU A 650 -31.27 27.44 -27.78
N ASN A 651 -31.30 26.33 -28.54
CA ASN A 651 -32.33 25.30 -28.49
C ASN A 651 -32.16 24.59 -27.15
N TYR A 652 -30.90 24.19 -26.85
CA TYR A 652 -30.51 23.49 -25.63
C TYR A 652 -30.83 24.32 -24.38
N ILE A 653 -30.51 25.62 -24.39
CA ILE A 653 -30.81 26.53 -23.27
C ILE A 653 -32.33 26.51 -22.94
N SER A 654 -33.18 26.48 -24.00
CA SER A 654 -34.64 26.42 -23.89
C SER A 654 -35.07 25.11 -23.26
N GLU A 655 -34.54 23.97 -23.75
CA GLU A 655 -34.83 22.64 -23.23
C GLU A 655 -34.59 22.60 -21.71
N LEU A 656 -33.47 23.20 -21.25
CA LEU A 656 -33.06 23.29 -19.86
C LEU A 656 -33.94 24.21 -19.02
N GLU A 657 -34.33 25.38 -19.58
CA GLU A 657 -35.19 26.38 -18.93
C GLU A 657 -36.59 25.82 -18.74
N THR A 658 -37.05 24.97 -19.68
CA THR A 658 -38.36 24.31 -19.68
C THR A 658 -38.47 23.33 -18.49
N ILE A 659 -37.39 22.55 -18.23
CA ILE A 659 -37.27 21.58 -17.13
C ILE A 659 -37.31 22.30 -15.78
N LEU A 660 -36.53 23.39 -15.66
CA LEU A 660 -36.45 24.16 -14.43
C LEU A 660 -37.71 24.96 -14.10
N ALA A 661 -38.51 25.29 -15.13
CA ALA A 661 -39.75 26.06 -14.95
C ALA A 661 -40.91 25.17 -14.51
N ASP A 662 -40.90 23.88 -14.92
CA ASP A 662 -41.98 22.96 -14.58
C ASP A 662 -41.50 21.77 -13.76
N GLU A 663 -42.00 21.67 -12.52
CA GLU A 663 -41.66 20.59 -11.59
C GLU A 663 -42.14 19.22 -12.05
N GLU A 664 -43.26 19.17 -12.79
CA GLU A 664 -43.80 17.92 -13.35
C GLU A 664 -42.86 17.41 -14.45
N VAL A 665 -42.26 18.31 -15.26
CA VAL A 665 -41.33 17.97 -16.32
C VAL A 665 -40.05 17.40 -15.70
N LEU A 666 -39.53 18.06 -14.63
CA LEU A 666 -38.34 17.62 -13.89
C LEU A 666 -38.58 16.20 -13.33
N LEU A 667 -39.74 15.99 -12.71
CA LEU A 667 -40.13 14.72 -12.14
C LEU A 667 -40.20 13.60 -13.21
N GLN A 668 -40.68 13.93 -14.44
CA GLN A 668 -40.76 12.96 -15.54
C GLN A 668 -39.36 12.60 -16.05
N LEU A 669 -38.44 13.58 -16.00
CA LEU A 669 -37.06 13.42 -16.44
C LEU A 669 -36.35 12.39 -15.56
N VAL A 670 -36.63 12.41 -14.24
CA VAL A 670 -36.10 11.51 -13.20
C VAL A 670 -36.62 10.09 -13.49
N ARG A 671 -37.96 9.97 -13.73
CA ARG A 671 -38.64 8.71 -14.03
C ARG A 671 -38.02 8.07 -15.26
N ASP A 672 -37.84 8.86 -16.35
CA ASP A 672 -37.27 8.41 -17.62
C ASP A 672 -35.89 7.81 -17.44
N GLU A 673 -35.04 8.51 -16.69
CA GLU A 673 -33.67 8.08 -16.41
C GLU A 673 -33.62 6.83 -15.53
N LEU A 674 -34.53 6.71 -14.52
CA LEU A 674 -34.64 5.54 -13.64
C LEU A 674 -35.11 4.32 -14.46
N THR A 675 -36.04 4.57 -15.44
CA THR A 675 -36.61 3.54 -16.33
C THR A 675 -35.51 2.96 -17.24
N GLU A 676 -34.56 3.82 -17.72
CA GLU A 676 -33.41 3.43 -18.55
C GLU A 676 -32.54 2.51 -17.73
N ILE A 677 -32.26 2.87 -16.45
CA ILE A 677 -31.44 2.09 -15.51
C ILE A 677 -32.11 0.73 -15.21
N ARG A 678 -33.44 0.70 -15.01
CA ARG A 678 -34.20 -0.54 -14.77
C ARG A 678 -34.07 -1.50 -15.97
N ASP A 679 -34.14 -0.98 -17.22
CA ASP A 679 -34.03 -1.79 -18.44
C ASP A 679 -32.59 -2.21 -18.71
N ARG A 680 -31.61 -1.33 -18.42
CA ARG A 680 -30.19 -1.63 -18.65
C ARG A 680 -29.61 -2.57 -17.57
N PHE A 681 -29.95 -2.35 -16.27
CA PHE A 681 -29.43 -3.13 -15.14
C PHE A 681 -30.32 -4.14 -14.40
N GLY A 682 -31.63 -3.94 -14.44
CA GLY A 682 -32.60 -4.81 -13.79
C GLY A 682 -32.53 -6.28 -14.17
N ASP A 683 -32.38 -7.14 -13.18
CA ASP A 683 -32.32 -8.58 -13.39
C ASP A 683 -33.50 -9.27 -12.72
N ASP A 684 -33.58 -10.58 -12.86
CA ASP A 684 -34.64 -11.37 -12.27
C ASP A 684 -34.41 -11.60 -10.79
N ARG A 685 -35.51 -11.87 -10.08
CA ARG A 685 -35.49 -12.18 -8.67
C ARG A 685 -34.80 -13.57 -8.51
N ARG A 686 -33.95 -13.67 -7.47
CA ARG A 686 -33.20 -14.88 -7.15
C ARG A 686 -33.86 -15.68 -6.01
N THR A 687 -34.27 -14.99 -4.90
CA THR A 687 -34.90 -15.49 -3.69
C THR A 687 -36.40 -15.71 -3.87
N GLU A 688 -36.87 -16.95 -3.59
CA GLU A 688 -38.28 -17.29 -3.68
C GLU A 688 -38.92 -17.01 -2.34
N ILE A 689 -39.98 -16.23 -2.36
CA ILE A 689 -40.73 -15.91 -1.15
C ILE A 689 -41.87 -16.92 -1.15
N GLN A 690 -41.74 -17.98 -0.31
CA GLN A 690 -42.74 -19.04 -0.23
C GLN A 690 -43.83 -18.62 0.75
N LEU A 691 -45.10 -18.64 0.28
CA LEU A 691 -46.30 -18.25 1.03
C LEU A 691 -47.02 -19.43 1.70
N LYS B 9 -3.74 -27.52 7.76
CA LYS B 9 -3.77 -26.63 6.60
C LYS B 9 -4.19 -27.32 5.29
N LEU B 10 -4.26 -28.67 5.27
CA LEU B 10 -4.65 -29.45 4.10
C LEU B 10 -6.11 -29.28 3.79
N ALA B 11 -6.41 -29.09 2.49
CA ALA B 11 -7.75 -28.97 1.92
C ALA B 11 -7.92 -30.21 1.03
N ASP B 12 -8.27 -31.32 1.69
CA ASP B 12 -8.44 -32.64 1.12
C ASP B 12 -9.54 -32.77 0.09
N CYS B 13 -9.46 -33.86 -0.70
CA CYS B 13 -10.43 -34.25 -1.73
C CYS B 13 -11.46 -35.25 -1.16
N SER B 14 -12.63 -35.41 -1.84
CA SER B 14 -13.74 -36.29 -1.44
C SER B 14 -13.32 -37.75 -1.44
N SER B 15 -12.73 -38.21 -2.57
CA SER B 15 -12.26 -39.58 -2.78
C SER B 15 -11.21 -40.03 -1.76
N LYS B 16 -11.04 -41.36 -1.63
CA LYS B 16 -10.10 -42.02 -0.73
C LYS B 16 -9.35 -43.14 -1.51
N SER B 17 -9.45 -43.12 -2.85
CA SER B 17 -8.80 -44.07 -3.74
C SER B 17 -7.56 -43.32 -4.23
N PRO B 18 -6.39 -43.52 -3.57
CA PRO B 18 -5.18 -42.77 -3.97
C PRO B 18 -4.76 -42.81 -5.43
N GLU B 19 -5.12 -43.89 -6.13
CA GLU B 19 -4.83 -44.12 -7.54
C GLU B 19 -5.36 -43.01 -8.49
N GLU B 20 -6.45 -42.33 -8.09
CA GLU B 20 -7.07 -41.23 -8.85
C GLU B 20 -6.89 -39.87 -8.14
N CYS B 21 -6.32 -39.92 -6.92
CA CYS B 21 -6.10 -38.75 -6.10
C CYS B 21 -4.84 -37.97 -6.39
N GLU B 22 -4.97 -36.63 -6.39
CA GLU B 22 -3.86 -35.71 -6.66
C GLU B 22 -3.73 -34.71 -5.54
N ILE B 23 -2.49 -34.37 -5.17
CA ILE B 23 -2.22 -33.35 -4.14
C ILE B 23 -1.40 -32.22 -4.76
N PHE B 24 -1.96 -31.01 -4.73
CA PHE B 24 -1.33 -29.80 -5.29
C PHE B 24 -0.67 -28.99 -4.18
N LEU B 25 0.65 -28.71 -4.35
CA LEU B 25 1.45 -27.94 -3.37
C LEU B 25 1.66 -26.53 -3.87
N VAL B 26 1.01 -25.57 -3.17
CA VAL B 26 1.05 -24.14 -3.47
C VAL B 26 1.88 -23.35 -2.44
N GLU B 27 2.34 -22.13 -2.82
CA GLU B 27 3.20 -21.26 -1.99
C GLU B 27 2.62 -20.74 -0.68
N GLY B 28 1.31 -20.50 -0.65
CA GLY B 28 0.58 -19.97 0.49
C GLY B 28 -0.90 -19.85 0.18
N ASP B 29 -1.65 -19.20 1.09
CA ASP B 29 -3.10 -19.01 1.00
C ASP B 29 -3.62 -18.14 -0.13
N SER B 30 -2.79 -17.24 -0.67
CA SER B 30 -3.21 -16.40 -1.78
C SER B 30 -3.41 -17.26 -3.03
N ALA B 31 -2.42 -18.13 -3.31
CA ALA B 31 -2.43 -19.08 -4.41
C ALA B 31 -3.46 -20.16 -4.10
N GLY B 32 -3.51 -20.57 -2.85
CA GLY B 32 -4.40 -21.61 -2.33
C GLY B 32 -5.88 -21.43 -2.59
N GLY B 33 -6.35 -20.20 -2.44
CA GLY B 33 -7.75 -19.82 -2.63
C GLY B 33 -8.21 -19.93 -4.07
N SER B 34 -7.31 -19.58 -5.03
CA SER B 34 -7.60 -19.68 -6.46
C SER B 34 -7.69 -21.17 -6.83
N THR B 35 -6.79 -21.95 -6.22
CA THR B 35 -6.64 -23.39 -6.37
C THR B 35 -7.87 -24.13 -5.80
N LYS B 36 -8.38 -23.71 -4.60
CA LYS B 36 -9.55 -24.33 -3.97
C LYS B 36 -10.82 -24.07 -4.78
N SER B 37 -10.91 -22.90 -5.43
CA SER B 37 -12.08 -22.52 -6.21
C SER B 37 -12.13 -23.17 -7.58
N GLY B 38 -10.96 -23.34 -8.20
CA GLY B 38 -10.82 -23.91 -9.53
C GLY B 38 -10.79 -25.42 -9.62
N ARG B 39 -10.41 -26.11 -8.53
CA ARG B 39 -10.27 -27.57 -8.49
C ARG B 39 -11.53 -28.40 -8.57
N ASP B 40 -11.30 -29.73 -8.72
CA ASP B 40 -12.28 -30.81 -8.71
C ASP B 40 -12.12 -31.35 -7.25
N SER B 41 -12.95 -30.87 -6.31
CA SER B 41 -12.89 -31.25 -4.90
C SER B 41 -12.96 -32.76 -4.59
N ARG B 42 -13.35 -33.59 -5.58
CA ARG B 42 -13.45 -35.04 -5.42
C ARG B 42 -12.11 -35.78 -5.50
N THR B 43 -11.23 -35.40 -6.43
CA THR B 43 -9.92 -36.05 -6.64
C THR B 43 -8.70 -35.15 -6.41
N GLN B 44 -8.93 -33.83 -6.27
CA GLN B 44 -7.84 -32.88 -6.09
C GLN B 44 -7.79 -32.23 -4.72
N ALA B 45 -6.68 -32.46 -3.98
CA ALA B 45 -6.45 -31.89 -2.64
C ALA B 45 -5.44 -30.71 -2.75
N ILE B 46 -5.45 -29.81 -1.76
CA ILE B 46 -4.52 -28.67 -1.79
C ILE B 46 -3.73 -28.55 -0.50
N LEU B 47 -2.43 -28.36 -0.62
CA LEU B 47 -1.61 -28.12 0.56
C LEU B 47 -0.89 -26.77 0.43
N PRO B 48 -1.48 -25.67 0.95
CA PRO B 48 -0.82 -24.37 0.88
C PRO B 48 0.34 -24.36 1.85
N LEU B 49 1.55 -24.11 1.32
CA LEU B 49 2.74 -24.05 2.14
C LEU B 49 2.89 -22.64 2.68
N ARG B 50 4.07 -22.27 3.20
CA ARG B 50 4.28 -20.92 3.73
C ARG B 50 5.56 -20.26 3.25
N GLY B 51 5.68 -20.18 1.92
CA GLY B 51 6.81 -19.59 1.23
C GLY B 51 7.95 -20.54 1.10
N LYS B 52 9.18 -20.03 1.23
CA LYS B 52 10.41 -20.83 1.09
C LYS B 52 10.44 -21.93 2.15
N ILE B 53 10.59 -23.18 1.72
CA ILE B 53 10.64 -24.29 2.68
C ILE B 53 12.09 -24.52 3.10
N LEU B 54 12.32 -25.27 4.18
CA LEU B 54 13.66 -25.60 4.66
C LEU B 54 14.53 -26.28 3.61
N ASN B 55 15.83 -25.96 3.60
CA ASN B 55 16.79 -26.61 2.71
C ASN B 55 17.34 -27.82 3.50
N VAL B 56 16.81 -29.00 3.21
CA VAL B 56 17.18 -30.26 3.88
C VAL B 56 18.66 -30.73 3.68
N GLU B 57 19.36 -30.16 2.68
CA GLU B 57 20.76 -30.45 2.38
C GLU B 57 21.70 -29.66 3.34
N LYS B 58 21.29 -28.45 3.79
CA LYS B 58 22.07 -27.60 4.69
C LYS B 58 21.60 -27.69 6.15
N ALA B 59 20.44 -28.30 6.42
CA ALA B 59 19.88 -28.42 7.76
C ALA B 59 20.16 -29.75 8.48
N ARG B 60 20.34 -29.63 9.83
CA ARG B 60 20.60 -30.74 10.75
C ARG B 60 19.27 -31.46 10.95
N LEU B 61 19.27 -32.82 10.84
CA LEU B 61 18.09 -33.69 10.96
C LEU B 61 17.01 -33.29 11.95
N ASP B 62 17.41 -32.88 13.17
CA ASP B 62 16.52 -32.44 14.26
C ASP B 62 15.64 -31.25 13.85
N ARG B 63 16.22 -30.29 13.09
CA ARG B 63 15.57 -29.07 12.59
C ARG B 63 14.54 -29.47 11.53
N ILE B 64 14.87 -30.47 10.70
CA ILE B 64 14.01 -30.97 9.62
C ILE B 64 12.75 -31.61 10.16
N LEU B 65 12.90 -32.56 11.09
CA LEU B 65 11.77 -33.31 11.66
C LEU B 65 10.82 -32.51 12.54
N ASN B 66 11.25 -31.33 13.04
CA ASN B 66 10.42 -30.46 13.87
C ASN B 66 9.84 -29.27 13.09
N ASN B 67 10.18 -29.18 11.80
CA ASN B 67 9.71 -28.12 10.91
C ASN B 67 8.27 -28.35 10.51
N ASN B 68 7.41 -27.38 10.84
CA ASN B 68 5.97 -27.37 10.60
C ASN B 68 5.52 -27.78 9.18
N GLU B 69 6.11 -27.15 8.14
CA GLU B 69 5.77 -27.40 6.74
C GLU B 69 6.21 -28.77 6.22
N ILE B 70 7.35 -29.28 6.72
CA ILE B 70 7.88 -30.61 6.40
C ILE B 70 6.94 -31.65 7.02
N ARG B 71 6.57 -31.46 8.32
CA ARG B 71 5.67 -32.34 9.05
C ARG B 71 4.36 -32.48 8.29
N GLN B 72 3.75 -31.33 7.87
CA GLN B 72 2.50 -31.23 7.13
C GLN B 72 2.49 -32.02 5.82
N MET B 73 3.64 -32.11 5.14
CA MET B 73 3.76 -32.84 3.89
C MET B 73 3.82 -34.33 4.13
N ILE B 74 4.59 -34.76 5.15
CA ILE B 74 4.75 -36.16 5.54
C ILE B 74 3.37 -36.66 5.97
N THR B 75 2.71 -35.94 6.91
CA THR B 75 1.37 -36.24 7.41
C THR B 75 0.39 -36.37 6.26
N ALA B 76 0.43 -35.45 5.27
CA ALA B 76 -0.48 -35.46 4.11
C ALA B 76 -0.24 -36.67 3.20
N PHE B 77 1.03 -36.95 2.85
CA PHE B 77 1.40 -38.07 1.99
C PHE B 77 1.16 -39.44 2.61
N GLY B 78 1.23 -39.49 3.95
CA GLY B 78 1.00 -40.68 4.77
C GLY B 78 1.96 -41.83 4.54
N THR B 79 3.15 -41.55 3.96
CA THR B 79 4.18 -42.56 3.66
C THR B 79 5.27 -42.74 4.71
N GLY B 80 5.70 -41.67 5.36
CA GLY B 80 6.80 -41.71 6.33
C GLY B 80 8.09 -41.43 5.58
N ILE B 81 9.15 -41.02 6.30
CA ILE B 81 10.41 -40.65 5.65
C ILE B 81 11.59 -41.63 5.68
N GLY B 82 12.48 -41.47 4.69
CA GLY B 82 13.71 -42.22 4.50
C GLY B 82 13.56 -43.72 4.36
N GLY B 83 13.76 -44.42 5.50
CA GLY B 83 13.69 -45.87 5.61
C GLY B 83 12.32 -46.41 5.98
N ASP B 84 11.58 -45.65 6.80
CA ASP B 84 10.21 -45.97 7.26
C ASP B 84 9.16 -45.61 6.21
N PHE B 85 9.62 -45.26 4.99
CA PHE B 85 8.82 -44.89 3.83
C PHE B 85 8.17 -46.14 3.26
N ASP B 86 6.84 -46.08 3.09
CA ASP B 86 6.02 -47.15 2.54
C ASP B 86 5.11 -46.59 1.45
N LEU B 87 5.42 -46.91 0.19
CA LEU B 87 4.69 -46.44 -1.00
C LEU B 87 3.24 -46.97 -1.06
N ALA B 88 2.91 -48.00 -0.26
CA ALA B 88 1.58 -48.60 -0.16
C ALA B 88 0.64 -47.65 0.61
N LYS B 89 1.17 -47.03 1.68
CA LYS B 89 0.45 -46.09 2.54
C LYS B 89 0.31 -44.64 1.93
N ALA B 90 0.69 -44.46 0.62
CA ALA B 90 0.63 -43.20 -0.12
C ALA B 90 -0.80 -42.76 -0.33
N ARG B 91 -1.16 -41.60 0.21
CA ARG B 91 -2.51 -41.04 0.13
C ARG B 91 -2.95 -40.48 -1.24
N TYR B 92 -1.98 -40.20 -2.13
CA TYR B 92 -2.21 -39.63 -3.47
C TYR B 92 -1.25 -40.27 -4.43
N HIS B 93 -1.68 -40.55 -5.65
CA HIS B 93 -0.79 -41.14 -6.63
C HIS B 93 -0.15 -40.10 -7.54
N LYS B 94 -0.37 -38.81 -7.18
CA LYS B 94 0.16 -37.62 -7.85
C LYS B 94 0.45 -36.53 -6.82
N ILE B 95 1.72 -36.14 -6.70
CA ILE B 95 2.18 -35.05 -5.84
C ILE B 95 2.56 -34.01 -6.88
N VAL B 96 1.71 -33.00 -7.05
CA VAL B 96 1.89 -31.94 -8.04
C VAL B 96 2.44 -30.63 -7.43
N ILE B 97 3.71 -30.28 -7.78
CA ILE B 97 4.35 -29.05 -7.33
C ILE B 97 3.77 -27.95 -8.23
N MET B 98 3.14 -26.94 -7.60
CA MET B 98 2.55 -25.81 -8.32
C MET B 98 2.92 -24.47 -7.64
N THR B 99 4.18 -24.09 -7.81
CA THR B 99 4.65 -22.83 -7.23
C THR B 99 4.35 -21.68 -8.21
N ASP B 100 4.64 -20.43 -7.83
CA ASP B 100 4.36 -19.30 -8.69
C ASP B 100 5.26 -19.27 -9.92
N ALA B 101 4.78 -18.67 -11.00
CA ALA B 101 5.51 -18.60 -12.27
C ALA B 101 6.55 -17.45 -12.31
N ASP B 102 7.45 -17.44 -11.31
CA ASP B 102 8.53 -16.48 -11.13
C ASP B 102 9.78 -17.19 -10.59
N VAL B 103 10.90 -16.46 -10.46
CA VAL B 103 12.18 -16.99 -9.97
C VAL B 103 12.14 -17.62 -8.57
N ASP B 104 11.36 -17.03 -7.65
CA ASP B 104 11.25 -17.57 -6.29
C ASP B 104 10.40 -18.86 -6.29
N GLY B 105 9.52 -19.02 -7.29
CA GLY B 105 8.71 -20.22 -7.47
C GLY B 105 9.60 -21.39 -7.87
N ALA B 106 10.59 -21.10 -8.73
CA ALA B 106 11.61 -22.04 -9.21
C ALA B 106 12.46 -22.49 -8.02
N HIS B 107 12.84 -21.54 -7.14
CA HIS B 107 13.62 -21.82 -5.94
C HIS B 107 12.86 -22.75 -5.01
N ILE B 108 11.57 -22.45 -4.73
CA ILE B 108 10.75 -23.30 -3.86
C ILE B 108 10.60 -24.72 -4.45
N ARG B 109 10.63 -24.84 -5.80
CA ARG B 109 10.54 -26.11 -6.52
C ARG B 109 11.83 -26.89 -6.28
N THR B 110 13.01 -26.22 -6.39
CA THR B 110 14.29 -26.87 -6.14
C THR B 110 14.37 -27.26 -4.68
N LEU B 111 13.76 -26.45 -3.78
CA LEU B 111 13.73 -26.72 -2.34
C LEU B 111 12.87 -27.94 -2.06
N LEU B 112 11.76 -28.10 -2.77
CA LEU B 112 10.82 -29.20 -2.63
C LEU B 112 11.39 -30.49 -3.20
N LEU B 113 12.02 -30.39 -4.38
CA LEU B 113 12.62 -31.54 -5.04
C LEU B 113 13.72 -32.18 -4.15
N THR B 114 14.56 -31.32 -3.49
CA THR B 114 15.64 -31.72 -2.57
C THR B 114 15.10 -32.53 -1.41
N PHE B 115 13.99 -32.08 -0.79
CA PHE B 115 13.35 -32.79 0.33
C PHE B 115 12.74 -34.12 -0.19
N PHE B 116 12.19 -34.12 -1.42
CA PHE B 116 11.62 -35.35 -1.97
C PHE B 116 12.78 -36.31 -2.30
N TYR B 117 13.91 -35.79 -2.80
CA TYR B 117 15.03 -36.65 -3.14
C TYR B 117 15.76 -37.26 -1.95
N ARG B 118 15.97 -36.48 -0.88
CA ARG B 118 16.70 -36.97 0.29
C ARG B 118 15.83 -37.64 1.33
N PHE B 119 14.49 -37.49 1.21
CA PHE B 119 13.61 -38.09 2.20
C PHE B 119 12.52 -39.03 1.67
N MET B 120 12.13 -38.87 0.40
CA MET B 120 11.07 -39.68 -0.20
C MET B 120 11.45 -40.05 -1.65
N ARG B 121 12.66 -40.62 -1.84
CA ARG B 121 13.14 -41.01 -3.17
C ARG B 121 12.21 -42.00 -3.90
N PRO B 122 11.65 -43.08 -3.27
CA PRO B 122 10.76 -43.99 -4.04
C PRO B 122 9.53 -43.34 -4.68
N LEU B 123 9.12 -42.15 -4.15
CA LEU B 123 8.01 -41.32 -4.64
C LEU B 123 8.36 -40.81 -6.03
N ILE B 124 9.64 -40.46 -6.24
CA ILE B 124 10.15 -40.00 -7.53
C ILE B 124 10.31 -41.23 -8.44
N GLU B 125 10.82 -42.35 -7.87
CA GLU B 125 11.05 -43.63 -8.55
C GLU B 125 9.77 -44.20 -9.14
N ALA B 126 8.64 -44.09 -8.41
CA ALA B 126 7.31 -44.53 -8.81
C ALA B 126 6.64 -43.55 -9.83
N GLY B 127 7.29 -42.40 -10.08
CA GLY B 127 6.79 -41.39 -11.00
C GLY B 127 5.54 -40.70 -10.49
N TYR B 128 5.46 -40.56 -9.15
CA TYR B 128 4.36 -39.95 -8.38
C TYR B 128 4.50 -38.42 -8.30
N VAL B 129 5.73 -37.89 -8.46
CA VAL B 129 6.04 -36.44 -8.38
C VAL B 129 5.93 -35.76 -9.75
N TYR B 130 5.09 -34.72 -9.83
CA TYR B 130 4.86 -33.95 -11.06
C TYR B 130 5.13 -32.46 -10.84
N ILE B 131 5.21 -31.70 -11.96
CA ILE B 131 5.41 -30.26 -11.96
C ILE B 131 4.30 -29.63 -12.81
N ALA B 132 3.42 -28.82 -12.15
CA ALA B 132 2.35 -28.10 -12.83
C ALA B 132 2.97 -26.96 -13.65
N GLN B 133 2.25 -26.53 -14.71
CA GLN B 133 2.73 -25.47 -15.60
C GLN B 133 1.77 -24.26 -15.73
N PRO B 134 1.71 -23.42 -14.67
CA PRO B 134 0.84 -22.25 -14.72
C PRO B 134 1.34 -21.22 -15.75
N PRO B 135 0.43 -20.38 -16.32
CA PRO B 135 0.87 -19.35 -17.30
C PRO B 135 1.84 -18.31 -16.73
N THR B 136 2.81 -17.86 -17.56
CA THR B 136 3.83 -16.83 -17.19
C THR B 136 3.17 -15.44 -17.09
N GLY B 137 3.93 -14.46 -16.57
CA GLY B 137 3.52 -13.06 -16.38
C GLY B 137 2.08 -12.68 -16.69
N TYR B 138 1.98 -14.64 -14.13
CA TYR B 138 1.39 -13.82 -13.08
C TYR B 138 2.39 -13.80 -11.92
N LYS B 139 2.22 -12.84 -10.97
CA LYS B 139 3.08 -12.75 -9.76
C LYS B 139 2.87 -14.01 -8.90
N GLY B 140 1.61 -14.39 -8.76
CA GLY B 140 1.19 -15.58 -8.02
C GLY B 140 -0.06 -16.17 -8.64
N LEU B 141 -0.48 -17.37 -8.17
CA LEU B 141 -1.71 -17.99 -8.69
C LEU B 141 -2.93 -17.17 -8.23
N GLY B 142 -2.76 -16.41 -7.13
CA GLY B 142 -3.75 -15.54 -6.52
C GLY B 142 -4.08 -14.33 -7.38
N GLU B 143 -3.29 -14.11 -8.45
CA GLU B 143 -3.48 -13.04 -9.42
C GLU B 143 -4.48 -13.54 -10.50
N MET B 144 -4.68 -14.87 -10.56
CA MET B 144 -5.57 -15.51 -11.51
C MET B 144 -6.91 -15.84 -10.91
N ASN B 145 -7.94 -15.88 -11.79
CA ASN B 145 -9.31 -16.26 -11.49
C ASN B 145 -9.31 -17.79 -11.50
N ALA B 146 -10.19 -18.40 -10.68
CA ALA B 146 -10.32 -19.85 -10.53
C ALA B 146 -10.45 -20.64 -11.86
N ASP B 147 -11.38 -20.24 -12.74
CA ASP B 147 -11.64 -20.83 -14.06
C ASP B 147 -10.43 -20.81 -14.99
N GLN B 148 -9.58 -19.78 -14.85
CA GLN B 148 -8.35 -19.57 -15.63
C GLN B 148 -7.28 -20.58 -15.16
N LEU B 149 -7.21 -20.84 -13.86
CA LEU B 149 -6.26 -21.77 -13.25
C LEU B 149 -6.73 -23.21 -13.51
N TRP B 150 -8.05 -23.42 -13.57
CA TRP B 150 -8.63 -24.72 -13.83
C TRP B 150 -8.28 -25.17 -15.24
N GLU B 151 -8.65 -24.39 -16.24
CA GLU B 151 -8.42 -24.68 -17.67
C GLU B 151 -6.97 -24.82 -18.11
N THR B 152 -6.11 -23.90 -17.66
CA THR B 152 -4.71 -23.87 -18.05
C THR B 152 -3.82 -24.88 -17.36
N THR B 153 -4.06 -25.19 -16.06
CA THR B 153 -3.14 -26.07 -15.34
C THR B 153 -3.71 -27.21 -14.47
N MET B 154 -5.00 -27.16 -14.13
CA MET B 154 -5.58 -28.19 -13.25
C MET B 154 -6.46 -29.21 -13.88
N ASN B 155 -7.15 -28.86 -15.00
CA ASN B 155 -8.07 -29.74 -15.74
C ASN B 155 -7.26 -30.83 -16.44
N PRO B 156 -7.54 -32.13 -16.15
CA PRO B 156 -6.78 -33.20 -16.83
C PRO B 156 -6.95 -33.25 -18.36
N GLU B 157 -7.98 -32.58 -18.90
CA GLU B 157 -8.30 -32.49 -20.33
C GLU B 157 -7.30 -31.63 -21.09
N HIS B 158 -6.96 -30.44 -20.54
CA HIS B 158 -6.07 -29.47 -21.19
C HIS B 158 -4.66 -29.28 -20.61
N ARG B 159 -4.45 -29.62 -19.31
CA ARG B 159 -3.15 -29.43 -18.63
C ARG B 159 -1.93 -30.08 -19.30
N ALA B 160 -0.74 -29.52 -19.02
CA ALA B 160 0.54 -30.01 -19.51
C ALA B 160 1.46 -30.25 -18.30
N LEU B 161 1.33 -31.44 -17.70
CA LEU B 161 2.10 -31.86 -16.53
C LEU B 161 3.43 -32.52 -16.86
N LEU B 162 4.46 -32.22 -16.07
CA LEU B 162 5.78 -32.82 -16.24
C LEU B 162 5.95 -33.87 -15.17
N GLN B 163 6.20 -35.13 -15.56
CA GLN B 163 6.43 -36.21 -14.61
C GLN B 163 7.93 -36.20 -14.37
N VAL B 164 8.31 -36.09 -13.10
CA VAL B 164 9.71 -36.05 -12.71
C VAL B 164 10.27 -37.47 -12.82
N LYS B 165 11.35 -37.62 -13.60
CA LYS B 165 12.01 -38.90 -13.81
C LYS B 165 13.43 -38.87 -13.29
N LEU B 166 13.79 -39.85 -12.46
CA LEU B 166 15.16 -39.96 -11.94
C LEU B 166 15.92 -40.96 -12.84
N GLU B 167 16.85 -40.45 -13.67
CA GLU B 167 17.65 -41.29 -14.56
C GLU B 167 18.87 -41.83 -13.78
N ASP B 168 20.03 -41.14 -13.88
CA ASP B 168 21.25 -41.53 -13.18
C ASP B 168 21.13 -41.12 -11.72
N ALA B 169 21.28 -42.09 -10.80
CA ALA B 169 21.18 -41.87 -9.35
C ALA B 169 22.46 -41.29 -8.73
N ILE B 170 23.63 -41.49 -9.40
CA ILE B 170 24.92 -40.95 -8.96
C ILE B 170 24.99 -39.47 -9.37
N GLU B 171 24.50 -39.15 -10.59
CA GLU B 171 24.43 -37.81 -11.16
C GLU B 171 23.51 -36.93 -10.31
N ALA B 172 22.34 -37.47 -9.88
CA ALA B 172 21.38 -36.77 -9.04
C ALA B 172 21.98 -36.45 -7.68
N ASP B 173 22.62 -37.45 -7.01
CA ASP B 173 23.27 -37.28 -5.70
C ASP B 173 24.27 -36.11 -5.75
N GLN B 174 25.11 -36.10 -6.81
CA GLN B 174 26.14 -35.09 -7.07
C GLN B 174 25.54 -33.73 -7.40
N THR B 175 24.42 -33.70 -8.18
CA THR B 175 23.71 -32.46 -8.56
C THR B 175 23.16 -31.75 -7.33
N PHE B 176 22.39 -32.47 -6.50
CA PHE B 176 21.81 -31.95 -5.28
C PHE B 176 22.87 -31.42 -4.30
N GLU B 177 24.03 -32.09 -4.16
CA GLU B 177 25.08 -31.63 -3.23
C GLU B 177 25.75 -30.36 -3.75
N MET B 178 25.81 -30.21 -5.09
CA MET B 178 26.40 -29.06 -5.76
C MET B 178 25.54 -27.80 -5.61
N LEU B 179 24.26 -27.88 -5.99
CA LEU B 179 23.34 -26.74 -5.94
C LEU B 179 22.79 -26.40 -4.57
N MET B 180 22.47 -27.43 -3.78
CA MET B 180 21.84 -27.25 -2.49
C MET B 180 22.72 -27.39 -1.24
N GLY B 181 23.95 -27.88 -1.38
CA GLY B 181 24.86 -28.08 -0.27
C GLY B 181 25.54 -26.85 0.27
N ASP B 182 26.31 -27.02 1.36
CA ASP B 182 27.04 -25.97 2.06
C ASP B 182 28.32 -25.45 1.39
N VAL B 183 28.87 -26.19 0.40
CA VAL B 183 30.09 -25.78 -0.30
C VAL B 183 29.75 -24.81 -1.46
N VAL B 184 29.89 -23.49 -1.17
CA VAL B 184 29.61 -22.35 -2.06
C VAL B 184 30.40 -22.37 -3.37
N GLU B 185 31.73 -22.63 -3.32
CA GLU B 185 32.62 -22.66 -4.50
C GLU B 185 32.15 -23.58 -5.64
N ASN B 186 31.55 -24.76 -5.31
CA ASN B 186 31.02 -25.69 -6.30
C ASN B 186 29.86 -25.02 -7.04
N ARG B 187 28.96 -24.35 -6.28
CA ARG B 187 27.78 -23.61 -6.75
C ARG B 187 28.21 -22.40 -7.58
N ARG B 188 29.19 -21.63 -7.08
CA ARG B 188 29.71 -20.48 -7.80
C ARG B 188 30.26 -20.91 -9.17
N GLN B 189 31.04 -22.02 -9.20
CA GLN B 189 31.62 -22.55 -10.43
C GLN B 189 30.51 -22.94 -11.42
N PHE B 190 29.48 -23.67 -10.96
CA PHE B 190 28.32 -24.04 -11.78
C PHE B 190 27.66 -22.80 -12.40
N ILE B 191 27.46 -21.70 -11.61
CA ILE B 191 26.84 -20.46 -12.11
C ILE B 191 27.70 -19.87 -13.22
N GLU B 192 29.00 -19.62 -12.94
CA GLU B 192 30.00 -19.07 -13.86
C GLU B 192 30.02 -19.81 -15.21
N ASP B 193 30.18 -21.16 -15.17
CA ASP B 193 30.25 -22.05 -16.32
C ASP B 193 28.96 -22.08 -17.16
N ASN B 194 27.79 -21.90 -16.51
CA ASN B 194 26.50 -21.99 -17.19
C ASN B 194 25.75 -20.67 -17.38
N ALA B 195 26.28 -19.56 -16.86
CA ALA B 195 25.62 -18.26 -16.99
C ALA B 195 25.61 -17.77 -18.43
N VAL B 196 24.45 -17.22 -18.86
CA VAL B 196 24.22 -16.66 -20.19
C VAL B 196 23.65 -15.25 -19.92
N TYR B 197 24.24 -14.21 -20.56
CA TYR B 197 23.85 -12.82 -20.33
C TYR B 197 23.22 -12.07 -21.51
N ASN B 211 4.14 -36.01 -20.39
CA ASN B 211 5.48 -35.55 -20.72
C ASN B 211 6.43 -35.61 -19.52
N GLU B 212 7.52 -36.39 -19.66
CA GLU B 212 8.54 -36.63 -18.64
C GLU B 212 9.61 -35.51 -18.59
N ARG B 213 10.25 -35.33 -17.42
CA ARG B 213 11.27 -34.31 -17.18
C ARG B 213 12.31 -34.87 -16.21
N ASN B 214 13.59 -34.91 -16.60
CA ASN B 214 14.62 -35.43 -15.69
C ASN B 214 14.86 -34.49 -14.51
N ILE B 215 14.93 -35.06 -13.28
CA ILE B 215 15.16 -34.34 -12.03
C ILE B 215 16.43 -33.47 -12.03
N THR B 216 17.53 -33.96 -12.67
CA THR B 216 18.83 -33.27 -12.79
C THR B 216 18.71 -32.04 -13.68
N SER B 217 18.00 -32.19 -14.81
CA SER B 217 17.78 -31.09 -15.77
C SER B 217 16.91 -30.00 -15.15
N GLU B 218 15.92 -30.40 -14.34
CA GLU B 218 15.00 -29.49 -13.66
C GLU B 218 15.75 -28.69 -12.59
N MET B 219 16.50 -29.39 -11.71
CA MET B 219 17.29 -28.79 -10.65
C MET B 219 18.25 -27.79 -11.21
N ARG B 220 19.03 -28.14 -12.24
CA ARG B 220 20.00 -27.25 -12.89
C ARG B 220 19.35 -26.00 -13.51
N GLU B 221 18.31 -26.16 -14.34
CA GLU B 221 17.61 -25.04 -15.00
C GLU B 221 16.97 -24.09 -13.99
N SER B 222 16.13 -24.64 -13.08
CA SER B 222 15.44 -23.87 -12.04
C SER B 222 16.40 -23.15 -11.12
N PHE B 223 17.44 -23.84 -10.61
CA PHE B 223 18.44 -23.22 -9.74
C PHE B 223 19.17 -22.09 -10.46
N LEU B 224 19.55 -22.30 -11.74
CA LEU B 224 20.22 -21.27 -12.53
C LEU B 224 19.30 -20.07 -12.74
N ASP B 225 18.00 -20.31 -12.96
CA ASP B 225 17.00 -19.26 -13.15
C ASP B 225 17.10 -18.32 -11.97
N TYR B 226 16.89 -18.87 -10.74
CA TYR B 226 16.92 -18.21 -9.47
C TYR B 226 18.26 -17.53 -9.21
N ALA B 227 19.36 -18.30 -9.19
CA ALA B 227 20.73 -17.80 -8.94
C ALA B 227 21.06 -16.58 -9.77
N MET B 228 20.77 -16.64 -11.08
CA MET B 228 21.03 -15.57 -12.04
C MET B 228 20.22 -14.30 -11.73
N SER B 229 18.95 -14.49 -11.37
CA SER B 229 18.01 -13.43 -11.05
C SER B 229 18.50 -12.66 -9.82
N VAL B 230 18.83 -13.37 -8.73
CA VAL B 230 19.35 -12.81 -7.49
C VAL B 230 20.64 -12.03 -7.73
N ILE B 231 21.54 -12.55 -8.63
CA ILE B 231 22.82 -11.92 -8.98
C ILE B 231 22.70 -10.59 -9.76
N VAL B 232 21.94 -10.56 -10.89
CA VAL B 232 21.82 -9.37 -11.77
C VAL B 232 20.59 -8.51 -11.52
N ALA B 233 19.57 -9.06 -10.85
CA ALA B 233 18.33 -8.33 -10.64
C ALA B 233 17.82 -8.30 -9.19
N ARG B 234 18.72 -8.33 -8.20
CA ARG B 234 18.28 -8.28 -6.80
C ARG B 234 19.29 -7.84 -5.73
N ALA B 235 20.31 -8.69 -5.49
CA ALA B 235 21.30 -8.53 -4.42
C ALA B 235 22.58 -7.77 -4.70
N LEU B 236 22.93 -7.52 -5.97
CA LEU B 236 24.19 -6.84 -6.27
C LEU B 236 24.01 -5.45 -6.85
N PRO B 237 24.85 -4.46 -6.47
CA PRO B 237 24.69 -3.12 -7.01
C PRO B 237 25.37 -2.95 -8.36
N ASP B 238 24.86 -2.04 -9.19
CA ASP B 238 25.48 -1.74 -10.49
C ASP B 238 26.71 -0.87 -10.17
N VAL B 239 27.82 -1.05 -10.89
CA VAL B 239 28.99 -0.23 -10.62
C VAL B 239 28.77 1.29 -10.97
N ARG B 240 27.91 1.60 -11.97
CA ARG B 240 27.63 2.98 -12.44
C ARG B 240 26.81 3.91 -11.50
N ASP B 241 25.69 3.41 -10.88
CA ASP B 241 24.88 4.23 -9.96
C ASP B 241 24.92 3.76 -8.47
N GLY B 242 25.62 2.63 -8.26
CA GLY B 242 25.80 1.99 -6.96
C GLY B 242 24.53 1.48 -6.35
N LEU B 243 23.50 1.23 -7.17
CA LEU B 243 22.20 0.82 -6.67
C LEU B 243 21.80 -0.59 -7.11
N LYS B 244 20.85 -1.14 -6.36
CA LYS B 244 20.28 -2.43 -6.63
C LYS B 244 18.90 -2.10 -7.23
N PRO B 245 18.34 -3.00 -8.06
CA PRO B 245 17.02 -2.74 -8.65
C PRO B 245 15.97 -2.11 -7.73
N VAL B 246 15.77 -2.62 -6.49
CA VAL B 246 14.77 -2.08 -5.56
C VAL B 246 15.03 -0.59 -5.23
N HIS B 247 16.29 -0.21 -4.91
CA HIS B 247 16.62 1.16 -4.56
C HIS B 247 16.39 2.09 -5.72
N ARG B 248 16.78 1.66 -6.94
CA ARG B 248 16.65 2.39 -8.19
C ARG B 248 15.17 2.67 -8.49
N ARG B 249 14.32 1.67 -8.35
CA ARG B 249 12.89 1.77 -8.59
C ARG B 249 12.21 2.71 -7.58
N ILE B 250 12.72 2.75 -6.32
CA ILE B 250 12.20 3.65 -5.28
C ILE B 250 12.53 5.09 -5.71
N LEU B 251 13.82 5.39 -5.94
CA LEU B 251 14.26 6.72 -6.36
C LEU B 251 13.55 7.22 -7.66
N TYR B 252 13.43 6.33 -8.68
CA TYR B 252 12.75 6.66 -9.93
C TYR B 252 11.23 6.97 -9.68
N GLY B 253 10.61 6.24 -8.74
CA GLY B 253 9.22 6.41 -8.33
C GLY B 253 9.00 7.80 -7.76
N LEU B 254 9.92 8.26 -6.87
CA LEU B 254 9.89 9.59 -6.26
C LEU B 254 10.08 10.68 -7.32
N ASN B 255 10.92 10.44 -8.35
CA ASN B 255 11.14 11.42 -9.41
C ASN B 255 9.89 11.57 -10.29
N GLU B 256 9.31 10.43 -10.75
CA GLU B 256 8.10 10.40 -11.58
C GLU B 256 6.81 10.84 -10.87
N GLN B 257 6.88 11.11 -9.55
CA GLN B 257 5.74 11.59 -8.78
C GLN B 257 5.98 12.99 -8.21
N GLY B 258 7.09 13.62 -8.62
CA GLY B 258 7.50 14.95 -8.19
C GLY B 258 7.73 15.06 -6.70
N MET B 259 8.27 13.98 -6.10
CA MET B 259 8.54 13.88 -4.67
C MET B 259 9.94 14.40 -4.30
N THR B 260 10.21 15.63 -4.78
CA THR B 260 11.41 16.44 -4.68
C THR B 260 11.53 17.12 -3.29
N PRO B 261 12.72 17.67 -2.90
CA PRO B 261 12.85 18.31 -1.58
C PRO B 261 12.06 19.60 -1.37
N ASP B 262 11.82 20.40 -2.44
CA ASP B 262 11.06 21.67 -2.40
C ASP B 262 9.58 21.40 -2.10
N LYS B 263 9.05 20.27 -2.58
CA LYS B 263 7.66 19.86 -2.37
C LYS B 263 7.50 19.26 -0.97
N SER B 264 6.24 18.97 -0.59
CA SER B 264 5.91 18.41 0.73
C SER B 264 6.12 16.89 0.81
N TYR B 265 6.21 16.36 2.04
CA TYR B 265 6.38 14.92 2.26
C TYR B 265 5.13 14.22 1.77
N LYS B 266 5.34 13.15 1.00
CA LYS B 266 4.32 12.30 0.42
C LYS B 266 4.19 11.01 1.23
N LYS B 267 2.96 10.51 1.42
CA LYS B 267 2.74 9.29 2.22
C LYS B 267 3.51 8.09 1.68
N SER B 268 4.17 7.35 2.60
CA SER B 268 4.99 6.15 2.30
C SER B 268 4.20 5.07 1.59
N ALA B 269 2.92 4.87 2.00
CA ALA B 269 2.02 3.90 1.40
C ALA B 269 1.74 4.20 -0.07
N ARG B 270 1.67 5.50 -0.47
CA ARG B 270 1.46 5.90 -1.88
C ARG B 270 2.72 5.58 -2.67
N ILE B 271 3.90 5.87 -2.11
CA ILE B 271 5.20 5.58 -2.72
C ILE B 271 5.30 4.04 -2.88
N VAL B 272 5.11 3.28 -1.79
CA VAL B 272 5.19 1.82 -1.83
C VAL B 272 4.30 1.19 -2.92
N GLY B 273 2.99 1.47 -2.89
CA GLY B 273 1.98 0.96 -3.83
C GLY B 273 2.28 1.29 -5.29
N ASP B 274 2.79 2.50 -5.52
CA ASP B 274 3.17 3.01 -6.84
C ASP B 274 4.36 2.17 -7.40
N VAL B 275 5.47 2.09 -6.64
CA VAL B 275 6.69 1.34 -7.00
C VAL B 275 6.42 -0.15 -7.27
N MET B 276 5.63 -0.77 -6.39
CA MET B 276 5.24 -2.17 -6.50
C MET B 276 4.40 -2.46 -7.73
N GLY B 277 3.38 -1.62 -7.94
CA GLY B 277 2.47 -1.77 -9.06
C GLY B 277 3.14 -1.50 -10.38
N LYS B 278 4.00 -0.47 -10.43
CA LYS B 278 4.67 -0.06 -11.66
C LYS B 278 6.03 -0.71 -11.99
N TYR B 279 6.86 -1.03 -10.98
CA TYR B 279 8.19 -1.54 -11.32
C TYR B 279 8.71 -2.70 -10.54
N HIS B 280 8.23 -2.86 -9.31
CA HIS B 280 8.73 -3.91 -8.43
C HIS B 280 7.71 -4.97 -8.07
N PRO B 281 7.70 -6.14 -8.75
CA PRO B 281 6.67 -7.16 -8.42
C PRO B 281 7.02 -8.03 -7.21
N HIS B 282 7.19 -7.43 -6.04
CA HIS B 282 7.55 -8.17 -4.82
C HIS B 282 6.81 -7.62 -3.64
N GLY B 283 7.02 -8.20 -2.46
CA GLY B 283 6.40 -7.83 -1.19
C GLY B 283 6.68 -6.40 -0.76
N ASP B 284 5.65 -5.73 -0.21
CA ASP B 284 5.71 -4.34 0.24
C ASP B 284 6.68 -4.12 1.39
N SER B 285 6.97 -5.21 2.15
CA SER B 285 7.93 -5.16 3.24
C SER B 285 9.34 -4.97 2.68
N SER B 286 9.62 -5.54 1.48
CA SER B 286 10.93 -5.41 0.83
C SER B 286 11.14 -4.00 0.28
N ILE B 287 10.08 -3.39 -0.29
CA ILE B 287 10.13 -2.04 -0.83
C ILE B 287 10.20 -1.04 0.32
N TYR B 288 9.26 -1.13 1.31
CA TYR B 288 9.28 -0.22 2.44
C TYR B 288 10.56 -0.31 3.28
N GLU B 289 11.09 -1.52 3.50
CA GLU B 289 12.31 -1.61 4.30
C GLU B 289 13.58 -1.06 3.61
N ALA B 290 13.64 -1.14 2.26
CA ALA B 290 14.72 -0.62 1.44
C ALA B 290 14.68 0.92 1.40
N MET B 291 13.45 1.50 1.38
CA MET B 291 13.22 2.96 1.38
C MET B 291 13.63 3.50 2.75
N VAL B 292 13.17 2.82 3.84
CA VAL B 292 13.47 3.16 5.23
C VAL B 292 14.99 3.30 5.46
N ARG B 293 15.78 2.26 5.10
N ARG B 293 15.77 2.26 5.09
CA ARG B 293 17.22 2.26 5.27
CA ARG B 293 17.23 2.24 5.23
C ARG B 293 17.86 3.46 4.58
C ARG B 293 17.87 3.44 4.57
N MET B 294 17.37 3.80 3.36
CA MET B 294 17.85 4.96 2.60
C MET B 294 17.66 6.28 3.32
N ALA B 295 16.73 6.33 4.31
CA ALA B 295 16.39 7.51 5.10
C ALA B 295 17.10 7.63 6.44
N GLN B 296 17.75 6.54 6.92
CA GLN B 296 18.43 6.46 8.22
C GLN B 296 19.85 7.04 8.16
N ASP B 297 20.17 8.00 9.03
CA ASP B 297 21.53 8.57 8.99
C ASP B 297 22.64 7.68 9.57
N PHE B 298 22.26 6.64 10.29
CA PHE B 298 23.19 5.67 10.86
C PHE B 298 23.53 4.56 9.85
N SER B 299 22.73 4.42 8.74
CA SER B 299 22.92 3.42 7.66
C SER B 299 23.54 4.06 6.41
N TYR B 300 23.04 5.24 6.02
CA TYR B 300 23.51 5.92 4.83
C TYR B 300 24.43 7.07 5.10
N ARG B 301 25.64 7.04 4.48
CA ARG B 301 26.65 8.07 4.61
C ARG B 301 26.10 9.37 4.00
N TYR B 302 25.34 9.23 2.90
CA TYR B 302 24.66 10.29 2.19
C TYR B 302 23.23 9.83 2.02
N PRO B 303 22.35 10.09 3.03
CA PRO B 303 20.95 9.60 2.94
C PRO B 303 20.26 9.97 1.63
N LEU B 304 19.55 9.01 1.03
CA LEU B 304 18.87 9.19 -0.26
C LEU B 304 17.42 9.53 -0.12
N VAL B 305 16.84 9.19 1.03
CA VAL B 305 15.44 9.46 1.33
C VAL B 305 15.41 10.38 2.55
N ASP B 306 14.45 11.31 2.53
CA ASP B 306 14.17 12.28 3.58
C ASP B 306 12.82 11.82 4.19
N GLY B 307 12.91 11.24 5.38
CA GLY B 307 11.77 10.70 6.09
C GLY B 307 11.10 11.55 7.14
N GLN B 308 9.78 11.48 7.19
CA GLN B 308 9.00 12.21 8.17
C GLN B 308 8.40 11.14 9.09
N GLY B 309 8.73 11.20 10.37
CA GLY B 309 8.25 10.23 11.35
C GLY B 309 9.28 9.25 11.86
N ASN B 310 8.79 8.13 12.44
CA ASN B 310 9.61 7.05 13.01
C ASN B 310 10.24 6.14 11.92
N PHE B 311 11.55 6.39 11.64
CA PHE B 311 12.30 5.65 10.64
C PHE B 311 13.29 4.66 11.24
N GLY B 312 13.04 4.26 12.50
CA GLY B 312 13.89 3.28 13.17
C GLY B 312 15.10 3.84 13.92
N SER B 313 15.79 2.98 14.69
CA SER B 313 16.94 3.42 15.48
C SER B 313 18.16 2.54 15.34
N MET B 314 19.24 2.93 16.04
CA MET B 314 20.52 2.23 16.13
C MET B 314 20.39 1.03 17.08
N ASP B 315 19.26 0.96 17.84
CA ASP B 315 18.95 -0.09 18.79
C ASP B 315 18.13 -1.23 18.16
N GLY B 316 18.11 -1.27 16.83
CA GLY B 316 17.39 -2.30 16.09
C GLY B 316 15.91 -2.07 15.92
N ASP B 317 15.36 -1.01 16.56
CA ASP B 317 13.94 -0.66 16.46
C ASP B 317 13.63 -0.40 14.99
N GLY B 318 12.52 -0.97 14.54
CA GLY B 318 12.12 -0.80 13.16
C GLY B 318 11.34 0.48 13.00
N ALA B 319 11.08 0.85 11.76
CA ALA B 319 10.30 2.02 11.43
C ALA B 319 8.81 1.80 11.79
N ALA B 320 8.02 2.89 11.78
CA ALA B 320 6.59 2.81 12.03
C ALA B 320 5.96 2.13 10.78
N ALA B 321 4.76 1.52 10.93
CA ALA B 321 4.01 0.93 9.83
C ALA B 321 3.96 2.02 8.72
N MET B 322 3.92 1.60 7.44
CA MET B 322 3.92 2.55 6.33
C MET B 322 2.78 3.58 6.27
N ARG B 323 1.66 3.32 6.98
CA ARG B 323 0.52 4.25 7.05
C ARG B 323 0.85 5.50 7.88
N PHE B 324 1.90 5.42 8.71
CA PHE B 324 2.31 6.52 9.56
C PHE B 324 3.39 7.38 8.97
N THR B 325 4.30 6.79 8.21
CA THR B 325 5.42 7.55 7.68
C THR B 325 5.16 8.35 6.39
N GLU B 326 6.09 9.25 6.07
CA GLU B 326 6.02 10.14 4.92
C GLU B 326 7.43 10.32 4.40
N ALA B 327 7.58 10.62 3.11
CA ALA B 327 8.92 10.75 2.55
C ALA B 327 8.96 11.54 1.29
N ARG B 328 10.20 11.91 0.95
CA ARG B 328 10.59 12.64 -0.23
C ARG B 328 12.10 12.41 -0.51
N MET B 329 12.58 12.93 -1.64
CA MET B 329 13.96 12.86 -2.05
C MET B 329 14.76 13.80 -1.18
N THR B 330 16.04 13.48 -0.97
CA THR B 330 16.93 14.38 -0.24
C THR B 330 17.52 15.25 -1.36
N LYS B 331 18.26 16.33 -1.02
CA LYS B 331 18.87 17.16 -2.05
C LYS B 331 19.87 16.35 -2.89
N ILE B 332 20.73 15.52 -2.26
CA ILE B 332 21.73 14.68 -2.95
C ILE B 332 21.12 13.70 -4.04
N THR B 333 19.88 13.21 -3.83
CA THR B 333 19.18 12.33 -4.76
C THR B 333 18.84 13.07 -6.08
N LEU B 334 18.66 14.42 -6.03
CA LEU B 334 18.41 15.23 -7.21
C LEU B 334 19.62 15.13 -8.13
N GLU B 335 20.83 14.91 -7.55
CA GLU B 335 22.09 14.69 -8.27
C GLU B 335 22.19 13.27 -8.87
N LEU B 336 21.48 12.29 -8.27
CA LEU B 336 21.50 10.92 -8.79
C LEU B 336 20.62 10.81 -10.03
N LEU B 337 19.50 11.56 -10.03
CA LEU B 337 18.48 11.61 -11.06
C LEU B 337 18.63 12.76 -12.06
N ARG B 338 19.50 13.77 -11.78
CA ARG B 338 19.71 14.93 -12.66
C ARG B 338 19.86 14.55 -14.12
N ASP B 339 18.99 15.13 -14.97
CA ASP B 339 18.97 14.96 -16.42
C ASP B 339 18.67 13.52 -16.94
N ILE B 340 17.88 12.74 -16.16
CA ILE B 340 17.44 11.38 -16.52
C ILE B 340 16.50 11.41 -17.77
N ASN B 341 15.68 12.47 -17.86
CA ASN B 341 14.73 12.70 -18.94
C ASN B 341 15.36 13.51 -20.13
N LYS B 342 16.70 13.39 -20.30
CA LYS B 342 17.48 14.02 -21.36
C LYS B 342 18.31 13.00 -22.12
N ASP B 343 17.72 11.82 -22.38
CA ASP B 343 18.34 10.71 -23.11
C ASP B 343 19.79 10.37 -22.68
N THR B 344 20.05 10.48 -21.37
CA THR B 344 21.35 10.20 -20.78
C THR B 344 21.54 8.72 -20.49
N ILE B 345 20.45 8.03 -20.12
CA ILE B 345 20.50 6.60 -19.79
C ILE B 345 19.45 5.83 -20.56
N ASP B 346 19.60 4.50 -20.67
CA ASP B 346 18.64 3.68 -21.40
C ASP B 346 17.46 3.17 -20.56
N PHE B 347 16.25 3.37 -21.10
CA PHE B 347 15.03 2.87 -20.49
C PHE B 347 14.77 1.48 -21.08
N ILE B 348 14.02 0.65 -20.34
CA ILE B 348 13.65 -0.72 -20.73
C ILE B 348 12.21 -0.91 -20.33
N ASP B 349 11.62 -2.03 -20.73
CA ASP B 349 10.27 -2.36 -20.36
C ASP B 349 10.26 -2.88 -18.93
N ASN B 350 9.24 -2.49 -18.15
CA ASN B 350 9.10 -2.99 -16.79
C ASN B 350 8.73 -4.51 -16.86
N TYR B 351 8.48 -5.15 -15.71
CA TYR B 351 8.12 -6.56 -15.63
C TYR B 351 6.92 -7.03 -16.49
N ASP B 352 5.94 -6.15 -16.77
CA ASP B 352 4.74 -6.54 -17.50
C ASP B 352 4.47 -5.87 -18.86
N GLY B 353 5.39 -5.03 -19.32
CA GLY B 353 5.27 -4.33 -20.59
C GLY B 353 4.22 -3.23 -20.63
N ASN B 354 3.92 -2.59 -19.48
CA ASN B 354 2.95 -1.48 -19.37
C ASN B 354 3.60 -0.17 -18.92
N GLU B 355 4.88 -0.22 -18.52
CA GLU B 355 5.63 0.93 -18.04
C GLU B 355 7.07 0.84 -18.50
N ARG B 356 7.78 1.97 -18.43
CA ARG B 356 9.20 2.10 -18.76
C ARG B 356 9.93 2.41 -17.47
N GLU B 357 11.10 1.78 -17.29
CA GLU B 357 11.93 1.96 -16.11
C GLU B 357 13.37 2.19 -16.51
N PRO B 358 14.15 3.01 -15.76
CA PRO B 358 15.57 3.22 -16.13
C PRO B 358 16.41 1.97 -15.91
N SER B 359 17.43 1.74 -16.74
CA SER B 359 18.29 0.57 -16.54
C SER B 359 19.36 0.93 -15.50
N VAL B 360 19.72 2.23 -15.46
CA VAL B 360 20.71 2.84 -14.56
C VAL B 360 20.32 4.34 -14.38
N LEU B 361 20.83 5.01 -13.33
CA LEU B 361 20.56 6.42 -13.08
C LEU B 361 21.77 7.26 -13.50
N PRO B 362 21.54 8.53 -13.95
CA PRO B 362 22.67 9.38 -14.39
C PRO B 362 23.82 9.42 -13.39
N ALA B 363 23.51 9.35 -12.06
CA ALA B 363 24.42 9.30 -10.91
C ALA B 363 25.56 10.30 -10.97
N ARG B 364 25.22 11.59 -10.83
CA ARG B 364 26.18 12.69 -10.91
C ARG B 364 27.28 12.77 -9.82
N PHE B 365 27.23 11.87 -8.79
CA PHE B 365 28.22 11.70 -7.71
C PHE B 365 28.54 10.16 -7.56
N PRO B 366 29.77 9.74 -7.12
CA PRO B 366 30.07 8.28 -7.06
C PRO B 366 29.36 7.50 -5.96
N ASN B 367 28.05 7.22 -6.16
CA ASN B 367 27.21 6.53 -5.20
C ASN B 367 27.64 5.16 -4.70
N LEU B 368 28.24 4.29 -5.52
CA LEU B 368 28.67 2.97 -5.06
C LEU B 368 29.65 3.07 -3.90
N LEU B 369 30.65 3.92 -4.03
CA LEU B 369 31.66 4.10 -2.98
C LEU B 369 31.22 5.08 -1.90
N ALA B 370 30.33 6.06 -2.22
CA ALA B 370 29.90 7.02 -1.21
C ALA B 370 28.99 6.34 -0.16
N ASN B 371 28.04 5.51 -0.62
CA ASN B 371 27.10 4.84 0.28
C ASN B 371 27.44 3.39 0.60
N GLY B 372 28.25 2.77 -0.26
CA GLY B 372 28.61 1.37 -0.06
C GLY B 372 27.46 0.48 -0.45
N ALA B 373 27.55 -0.78 -0.12
CA ALA B 373 26.55 -1.80 -0.42
C ALA B 373 26.89 -3.09 0.32
N SER B 374 25.89 -3.94 0.46
CA SER B 374 25.98 -5.25 1.08
C SER B 374 24.78 -6.02 0.57
N GLY B 375 25.01 -7.24 0.17
CA GLY B 375 23.95 -8.07 -0.35
C GLY B 375 24.39 -9.50 -0.45
N ILE B 376 23.53 -10.39 0.02
CA ILE B 376 23.78 -11.81 -0.01
C ILE B 376 23.11 -12.28 -1.30
N ALA B 377 23.89 -12.84 -2.24
CA ALA B 377 23.31 -13.30 -3.48
C ALA B 377 23.33 -14.85 -3.49
N VAL B 378 23.58 -15.47 -4.64
CA VAL B 378 23.68 -16.92 -4.73
C VAL B 378 25.09 -17.16 -5.31
N GLY B 379 25.88 -18.01 -4.65
CA GLY B 379 27.26 -18.32 -5.05
C GLY B 379 28.27 -17.22 -4.77
N MET B 380 27.78 -16.07 -4.26
CA MET B 380 28.59 -14.89 -3.98
C MET B 380 27.83 -13.86 -3.15
N ALA B 381 28.55 -12.86 -2.65
CA ALA B 381 28.00 -11.79 -1.85
C ALA B 381 28.77 -10.48 -2.10
N THR B 382 28.25 -9.34 -1.60
CA THR B 382 28.91 -8.05 -1.74
C THR B 382 29.03 -7.34 -0.40
N ASN B 383 30.14 -6.64 -0.19
CA ASN B 383 30.37 -5.89 1.02
C ASN B 383 31.33 -4.75 0.74
N ILE B 384 30.74 -3.58 0.41
CA ILE B 384 31.44 -2.35 0.04
C ILE B 384 31.18 -1.32 1.13
N PRO B 385 32.24 -0.74 1.75
CA PRO B 385 32.01 0.24 2.81
C PRO B 385 31.70 1.66 2.27
N PRO B 386 31.08 2.55 3.09
CA PRO B 386 30.84 3.94 2.63
C PRO B 386 32.15 4.72 2.62
N HIS B 387 32.21 5.81 1.83
CA HIS B 387 33.38 6.66 1.73
C HIS B 387 32.99 8.14 1.79
N ASN B 388 33.96 9.02 2.03
CA ASN B 388 33.75 10.46 2.09
C ASN B 388 33.63 11.02 0.67
N LEU B 389 32.60 11.86 0.43
CA LEU B 389 32.35 12.45 -0.89
C LEU B 389 33.42 13.42 -1.39
N THR B 390 34.04 14.25 -0.52
CA THR B 390 35.10 15.14 -0.97
C THR B 390 36.25 14.30 -1.52
N GLU B 391 36.67 13.28 -0.74
CA GLU B 391 37.75 12.34 -1.08
C GLU B 391 37.48 11.57 -2.37
N LEU B 392 36.26 11.01 -2.57
CA LEU B 392 35.93 10.28 -3.81
C LEU B 392 36.02 11.12 -5.04
N ILE B 393 35.43 12.35 -5.00
CA ILE B 393 35.44 13.27 -6.12
C ILE B 393 36.86 13.69 -6.45
N ASN B 394 37.69 13.97 -5.41
CA ASN B 394 39.12 14.31 -5.59
C ASN B 394 39.86 13.14 -6.29
N GLY B 395 39.52 11.91 -5.92
CA GLY B 395 40.06 10.70 -6.51
C GLY B 395 39.71 10.57 -7.99
N VAL B 396 38.42 10.83 -8.35
CA VAL B 396 37.93 10.79 -9.74
C VAL B 396 38.62 11.91 -10.52
N LEU B 397 38.75 13.10 -9.93
CA LEU B 397 39.42 14.23 -10.57
C LEU B 397 40.87 13.86 -10.89
N SER B 398 41.62 13.34 -9.90
CA SER B 398 43.01 12.89 -10.10
C SER B 398 43.08 11.86 -11.25
N LEU B 399 42.13 10.90 -11.30
CA LEU B 399 42.04 9.88 -12.33
C LEU B 399 41.78 10.49 -13.73
N SER B 400 40.85 11.46 -13.84
CA SER B 400 40.54 12.11 -15.12
C SER B 400 41.77 12.79 -15.75
N LYS B 401 42.69 13.33 -14.91
CA LYS B 401 43.93 13.99 -15.35
C LYS B 401 45.07 12.98 -15.59
N ASN B 402 44.89 11.70 -15.12
CA ASN B 402 45.91 10.67 -15.23
C ASN B 402 45.27 9.27 -15.31
N PRO B 403 45.13 8.70 -16.54
CA PRO B 403 44.52 7.35 -16.68
C PRO B 403 45.32 6.22 -16.04
N ASP B 404 46.66 6.42 -15.94
CA ASP B 404 47.66 5.49 -15.41
C ASP B 404 47.89 5.55 -13.89
N ILE B 405 47.14 6.41 -13.16
CA ILE B 405 47.23 6.58 -11.69
C ILE B 405 47.24 5.24 -10.91
N SER B 406 48.14 5.10 -9.93
CA SER B 406 48.22 3.88 -9.11
C SER B 406 47.26 4.03 -7.91
N ILE B 407 46.86 2.91 -7.29
CA ILE B 407 45.97 2.84 -6.12
C ILE B 407 46.57 3.68 -4.98
N ALA B 408 47.90 3.56 -4.76
CA ALA B 408 48.67 4.32 -3.76
C ALA B 408 48.51 5.83 -3.97
N GLU B 409 48.50 6.31 -5.24
CA GLU B 409 48.32 7.72 -5.58
C GLU B 409 46.86 8.12 -5.34
N LEU B 410 45.91 7.22 -5.65
CA LEU B 410 44.48 7.46 -5.45
C LEU B 410 44.22 7.59 -3.96
N MET B 411 44.92 6.74 -3.16
CA MET B 411 44.88 6.74 -1.72
C MET B 411 45.32 8.05 -1.07
N GLU B 412 45.98 8.95 -1.85
CA GLU B 412 46.37 10.28 -1.38
C GLU B 412 45.08 11.05 -1.19
N ASP B 413 44.13 10.90 -2.15
CA ASP B 413 42.80 11.52 -2.09
C ASP B 413 41.86 10.69 -1.19
N ILE B 414 41.71 9.37 -1.48
CA ILE B 414 40.84 8.45 -0.74
C ILE B 414 41.65 7.82 0.39
N GLU B 415 41.55 8.39 1.61
CA GLU B 415 42.25 7.92 2.82
C GLU B 415 41.78 6.49 3.22
N GLY B 416 40.48 6.27 3.11
CA GLY B 416 39.83 5.01 3.43
C GLY B 416 38.32 5.16 3.57
N PRO B 417 37.64 4.12 4.11
CA PRO B 417 36.18 4.23 4.29
C PRO B 417 35.81 5.35 5.25
N ASP B 418 34.55 5.81 5.18
CA ASP B 418 34.08 6.87 6.06
C ASP B 418 32.66 6.56 6.46
N PHE B 419 32.53 5.91 7.62
CA PHE B 419 31.28 5.47 8.17
C PHE B 419 30.38 6.60 8.68
N PRO B 420 29.04 6.48 8.45
CA PRO B 420 28.12 7.50 8.97
C PRO B 420 28.11 7.59 10.51
N THR B 421 28.40 6.45 11.18
CA THR B 421 28.45 6.23 12.63
C THR B 421 29.84 6.55 13.21
N ALA B 422 30.72 7.16 12.38
CA ALA B 422 32.09 7.59 12.68
C ALA B 422 33.00 6.47 13.23
N GLY B 423 33.43 6.58 14.49
CA GLY B 423 34.34 5.61 15.10
C GLY B 423 35.77 5.74 14.60
N LEU B 424 36.55 4.67 14.78
CA LEU B 424 37.96 4.54 14.40
C LEU B 424 38.26 3.35 13.49
N ILE B 425 39.31 3.47 12.66
CA ILE B 425 39.84 2.41 11.83
C ILE B 425 41.31 2.25 12.28
N LEU B 426 41.73 1.00 12.47
CA LEU B 426 43.07 0.69 12.93
C LEU B 426 44.01 0.30 11.79
N GLY B 427 44.80 1.26 11.35
CA GLY B 427 45.79 1.08 10.29
C GLY B 427 45.26 1.23 8.88
N LYS B 428 46.21 1.24 7.91
CA LYS B 428 45.95 1.37 6.47
C LYS B 428 46.17 0.03 5.76
N SER B 429 46.70 -0.97 6.47
CA SER B 429 46.99 -2.30 5.95
C SER B 429 45.75 -3.02 5.30
N GLY B 430 44.61 -3.10 6.00
CA GLY B 430 43.39 -3.71 5.49
C GLY B 430 42.80 -2.91 4.33
N ILE B 431 42.83 -1.57 4.44
CA ILE B 431 42.35 -0.64 3.44
C ILE B 431 43.10 -0.82 2.12
N ARG B 432 44.44 -0.82 2.19
CA ARG B 432 45.38 -1.00 1.07
C ARG B 432 45.08 -2.30 0.33
N ARG B 433 44.95 -3.43 1.09
CA ARG B 433 44.64 -4.75 0.54
C ARG B 433 43.29 -4.72 -0.21
N ALA B 434 42.25 -4.12 0.40
CA ALA B 434 40.91 -4.01 -0.18
C ALA B 434 40.85 -3.21 -1.49
N TYR B 435 41.54 -2.07 -1.54
CA TYR B 435 41.58 -1.19 -2.72
C TYR B 435 42.45 -1.77 -3.85
N GLU B 436 43.30 -2.74 -3.53
CA GLU B 436 44.17 -3.32 -4.54
C GLU B 436 43.71 -4.64 -5.07
N THR B 437 42.93 -5.38 -4.29
CA THR B 437 42.46 -6.71 -4.66
C THR B 437 40.94 -6.80 -4.68
N GLY B 438 40.27 -5.86 -3.99
CA GLY B 438 38.83 -5.86 -3.83
C GLY B 438 38.45 -6.56 -2.54
N ARG B 439 39.44 -7.15 -1.83
CA ARG B 439 39.20 -7.87 -0.57
C ARG B 439 40.19 -7.52 0.54
N GLY B 440 39.69 -7.42 1.76
CA GLY B 440 40.50 -7.09 2.91
C GLY B 440 39.68 -7.01 4.18
N SER B 441 40.36 -7.08 5.35
CA SER B 441 39.73 -7.02 6.69
C SER B 441 40.01 -5.66 7.35
N ILE B 442 38.96 -4.87 7.57
CA ILE B 442 39.10 -3.54 8.17
C ILE B 442 38.64 -3.56 9.60
N GLN B 443 39.60 -3.36 10.50
CA GLN B 443 39.41 -3.34 11.94
C GLN B 443 38.87 -1.98 12.37
N MET B 444 37.62 -1.99 12.87
CA MET B 444 36.91 -0.80 13.33
C MET B 444 36.81 -0.81 14.84
N ARG B 445 36.97 0.39 15.43
CA ARG B 445 36.84 0.55 16.86
C ARG B 445 35.87 1.66 17.21
N SER B 446 35.29 1.56 18.41
CA SER B 446 34.40 2.56 18.96
C SER B 446 35.26 3.73 19.44
N ARG B 447 34.64 4.92 19.60
CA ARG B 447 35.36 6.07 20.14
C ARG B 447 35.08 5.96 21.61
N ALA B 448 36.11 5.56 22.39
CA ALA B 448 36.01 5.36 23.82
C ALA B 448 37.13 6.04 24.55
N VAL B 449 36.76 6.80 25.60
CA VAL B 449 37.69 7.51 26.47
C VAL B 449 37.51 7.05 27.93
N ILE B 450 38.58 7.26 28.74
CA ILE B 450 38.57 6.98 30.16
C ILE B 450 38.58 8.35 30.85
N GLU B 451 37.64 8.53 31.79
CA GLU B 451 37.48 9.76 32.55
C GLU B 451 37.14 9.52 34.02
N GLU B 452 37.30 10.55 34.84
CA GLU B 452 36.98 10.45 36.26
C GLU B 452 35.54 10.75 36.52
N ARG B 453 34.97 10.15 37.56
CA ARG B 453 33.58 10.38 37.94
C ARG B 453 33.48 10.88 39.39
N GLY B 454 34.62 10.93 40.08
CA GLY B 454 34.71 11.40 41.45
C GLY B 454 34.98 10.32 42.50
N GLY B 455 35.64 10.75 43.57
CA GLY B 455 36.00 9.90 44.70
C GLY B 455 37.12 8.91 44.42
N GLY B 456 37.92 9.21 43.40
CA GLY B 456 39.05 8.37 42.98
C GLY B 456 38.68 7.34 41.91
N ARG B 457 37.37 7.12 41.68
CA ARG B 457 36.80 6.19 40.70
C ARG B 457 36.79 6.70 39.23
N GLN B 458 36.66 5.77 38.26
CA GLN B 458 36.65 6.07 36.83
C GLN B 458 35.52 5.40 36.07
N ARG B 459 35.37 5.77 34.79
CA ARG B 459 34.39 5.21 33.87
C ARG B 459 34.91 5.22 32.44
N ILE B 460 34.31 4.39 31.58
CA ILE B 460 34.63 4.36 30.16
C ILE B 460 33.41 4.97 29.46
N VAL B 461 33.65 5.97 28.60
CA VAL B 461 32.56 6.63 27.87
C VAL B 461 32.69 6.31 26.37
N VAL B 462 31.66 5.68 25.80
CA VAL B 462 31.61 5.33 24.38
C VAL B 462 30.71 6.37 23.72
N THR B 463 31.19 7.04 22.66
CA THR B 463 30.39 8.08 21.98
C THR B 463 30.15 7.81 20.49
N GLU B 464 30.78 6.76 19.94
CA GLU B 464 30.69 6.35 18.55
C GLU B 464 30.88 4.85 18.56
N ILE B 465 30.02 4.10 17.94
CA ILE B 465 30.13 2.65 17.92
C ILE B 465 30.45 2.19 16.49
N PRO B 466 30.94 0.95 16.22
CA PRO B 466 31.19 0.58 14.82
C PRO B 466 29.91 0.53 13.96
N PHE B 467 30.10 0.62 12.65
CA PHE B 467 29.07 0.61 11.62
C PHE B 467 28.33 -0.69 11.61
N GLN B 468 27.01 -0.63 11.42
CA GLN B 468 26.11 -1.80 11.34
C GLN B 468 26.05 -2.66 12.63
N VAL B 469 26.42 -2.06 13.78
CA VAL B 469 26.42 -2.70 15.11
C VAL B 469 25.20 -2.17 15.89
N ASN B 470 24.38 -3.07 16.42
CA ASN B 470 23.19 -2.71 17.22
C ASN B 470 23.70 -2.23 18.59
N LYS B 471 23.41 -0.99 18.97
CA LYS B 471 23.86 -0.43 20.24
C LYS B 471 23.29 -1.16 21.45
N ALA B 472 21.97 -1.42 21.48
CA ALA B 472 21.27 -2.13 22.56
C ALA B 472 21.82 -3.56 22.75
N ARG B 473 22.02 -4.30 21.64
CA ARG B 473 22.56 -5.68 21.66
C ARG B 473 23.99 -5.71 22.18
N MET B 474 24.77 -4.67 21.88
CA MET B 474 26.15 -4.51 22.31
C MET B 474 26.18 -4.30 23.82
N ILE B 475 25.23 -3.53 24.36
CA ILE B 475 25.09 -3.27 25.81
C ILE B 475 24.73 -4.59 26.54
N GLU B 476 23.76 -5.36 25.99
N GLU B 476 23.77 -5.36 25.95
CA GLU B 476 23.35 -6.64 26.57
CA GLU B 476 23.27 -6.66 26.39
C GLU B 476 24.53 -7.63 26.57
C GLU B 476 24.45 -7.66 26.50
N LYS B 477 25.36 -7.63 25.50
CA LYS B 477 26.56 -8.47 25.39
C LYS B 477 27.52 -8.12 26.53
N ILE B 478 27.69 -6.81 26.85
CA ILE B 478 28.56 -6.34 27.94
C ILE B 478 27.91 -6.76 29.27
N ALA B 479 26.57 -6.61 29.39
CA ALA B 479 25.79 -6.95 30.57
C ALA B 479 25.88 -8.45 30.93
N GLU B 480 25.81 -9.33 29.90
CA GLU B 480 25.88 -10.78 30.08
C GLU B 480 27.30 -11.21 30.47
N LEU B 481 28.34 -10.52 29.95
CA LEU B 481 29.73 -10.81 30.32
C LEU B 481 29.96 -10.52 31.81
N VAL B 482 29.36 -9.43 32.33
CA VAL B 482 29.44 -8.97 33.73
C VAL B 482 28.74 -10.00 34.63
N ARG B 483 27.45 -10.32 34.32
CA ARG B 483 26.57 -11.28 34.99
C ARG B 483 27.21 -12.69 35.11
N ASP B 484 27.69 -13.24 33.96
CA ASP B 484 28.33 -14.57 33.91
C ASP B 484 29.82 -14.52 34.32
N LYS B 485 30.25 -13.41 34.98
CA LYS B 485 31.62 -13.18 35.46
C LYS B 485 32.73 -13.43 34.40
N LYS B 486 32.41 -13.12 33.12
CA LYS B 486 33.31 -13.27 31.96
C LYS B 486 34.27 -12.09 31.82
N ILE B 487 33.96 -10.99 32.50
CA ILE B 487 34.77 -9.77 32.50
C ILE B 487 34.86 -9.28 33.94
N ASP B 488 35.99 -8.65 34.29
CA ASP B 488 36.20 -8.14 35.63
C ASP B 488 36.37 -6.59 35.67
N GLY B 489 35.98 -5.98 36.80
CA GLY B 489 36.11 -4.55 37.03
C GLY B 489 34.90 -3.66 36.75
N ILE B 490 33.83 -4.18 36.15
CA ILE B 490 32.65 -3.38 35.80
C ILE B 490 31.56 -3.26 36.86
N THR B 491 31.40 -2.04 37.40
CA THR B 491 30.40 -1.76 38.44
C THR B 491 29.05 -1.32 37.91
N ASP B 492 29.01 -0.62 36.76
CA ASP B 492 27.75 -0.14 36.17
C ASP B 492 27.80 -0.04 34.64
N LEU B 493 26.65 -0.14 33.99
CA LEU B 493 26.50 -0.07 32.54
C LEU B 493 25.22 0.72 32.20
N ARG B 494 25.36 1.84 31.47
CA ARG B 494 24.23 2.73 31.13
C ARG B 494 24.26 3.34 29.72
N ASP B 495 23.11 3.37 29.05
CA ASP B 495 22.97 4.00 27.74
C ASP B 495 22.41 5.37 28.11
N GLU B 496 23.21 6.44 27.97
CA GLU B 496 22.80 7.80 28.32
C GLU B 496 22.49 8.64 27.08
N THR B 497 22.39 7.95 25.90
CA THR B 497 22.06 8.52 24.58
C THR B 497 20.76 9.27 24.66
N SER B 498 20.66 10.35 23.90
CA SER B 498 19.50 11.23 23.78
C SER B 498 19.71 12.06 22.50
N LEU B 499 18.63 12.70 22.01
CA LEU B 499 18.70 13.55 20.84
C LEU B 499 19.68 14.69 21.06
N ARG B 500 19.61 15.27 22.27
CA ARG B 500 20.39 16.38 22.80
C ARG B 500 21.91 16.09 22.84
N THR B 501 22.30 15.05 23.60
CA THR B 501 23.65 14.54 23.86
C THR B 501 24.28 13.71 22.73
N GLY B 502 23.46 12.95 22.00
CA GLY B 502 23.94 12.03 20.98
C GLY B 502 24.30 10.70 21.67
N VAL B 503 25.02 9.83 20.97
CA VAL B 503 25.45 8.54 21.50
C VAL B 503 26.32 8.72 22.76
N ARG B 504 25.95 8.04 23.85
CA ARG B 504 26.69 8.12 25.10
C ARG B 504 26.46 6.86 25.95
N VAL B 505 27.43 5.93 25.92
CA VAL B 505 27.39 4.68 26.69
C VAL B 505 28.43 4.78 27.84
N VAL B 506 28.00 4.56 29.09
CA VAL B 506 28.82 4.64 30.31
C VAL B 506 29.03 3.25 30.96
N ILE B 507 30.32 2.92 31.18
CA ILE B 507 30.79 1.68 31.79
C ILE B 507 31.60 2.12 33.03
N ASP B 508 30.99 2.05 34.25
CA ASP B 508 31.65 2.44 35.51
C ASP B 508 32.63 1.38 35.98
N VAL B 509 33.82 1.80 36.33
CA VAL B 509 34.88 0.90 36.77
C VAL B 509 34.95 0.85 38.32
N ARG B 510 35.38 -0.32 38.86
CA ARG B 510 35.58 -0.56 40.30
C ARG B 510 36.79 0.28 40.75
N LYS B 511 36.70 0.94 41.92
CA LYS B 511 37.81 1.77 42.42
C LYS B 511 39.13 0.99 42.38
N ASP B 512 40.20 1.67 41.90
CA ASP B 512 41.56 1.15 41.76
C ASP B 512 41.79 0.14 40.62
N ALA B 513 40.71 -0.23 39.88
CA ALA B 513 40.86 -1.18 38.76
C ALA B 513 41.40 -0.42 37.56
N ASN B 514 42.27 -1.07 36.75
CA ASN B 514 42.84 -0.44 35.57
C ASN B 514 41.79 -0.44 34.50
N ALA B 515 41.24 0.75 34.19
CA ALA B 515 40.16 0.97 33.20
C ALA B 515 40.57 0.64 31.76
N SER B 516 41.82 0.96 31.39
CA SER B 516 42.40 0.66 30.09
C SER B 516 42.44 -0.85 29.87
N VAL B 517 42.70 -1.63 30.94
CA VAL B 517 42.74 -3.11 30.85
C VAL B 517 41.32 -3.59 30.54
N ILE B 518 40.32 -3.12 31.33
CA ILE B 518 38.90 -3.43 31.13
C ILE B 518 38.47 -3.07 29.68
N LEU B 519 38.94 -1.92 29.18
CA LEU B 519 38.69 -1.41 27.85
C LEU B 519 39.20 -2.38 26.79
N ASN B 520 40.49 -2.79 26.90
CA ASN B 520 41.11 -3.73 25.96
C ASN B 520 40.37 -5.05 25.94
N ASN B 521 39.88 -5.47 27.12
CA ASN B 521 39.10 -6.70 27.27
C ASN B 521 37.76 -6.57 26.53
N LEU B 522 37.05 -5.41 26.70
CA LEU B 522 35.79 -5.11 26.02
C LEU B 522 35.97 -5.15 24.50
N TYR B 523 37.12 -4.66 23.99
CA TYR B 523 37.46 -4.68 22.57
C TYR B 523 37.68 -6.13 22.06
N LYS B 524 38.21 -7.06 22.89
CA LYS B 524 38.48 -8.45 22.54
C LYS B 524 37.21 -9.30 22.58
N GLN B 525 36.32 -9.02 23.54
CA GLN B 525 35.10 -9.77 23.83
C GLN B 525 33.75 -9.22 23.35
N THR B 526 33.67 -7.92 23.03
CA THR B 526 32.39 -7.31 22.63
C THR B 526 32.42 -6.67 21.21
N PRO B 527 31.24 -6.40 20.57
CA PRO B 527 31.27 -5.72 19.25
C PRO B 527 31.89 -4.31 19.25
N LEU B 528 32.36 -3.82 20.42
CA LEU B 528 33.08 -2.54 20.61
C LEU B 528 34.24 -2.43 19.59
N GLN B 529 34.79 -3.60 19.16
CA GLN B 529 35.75 -3.82 18.11
C GLN B 529 35.08 -4.81 17.12
N THR B 530 34.93 -4.38 15.86
CA THR B 530 34.28 -5.14 14.80
C THR B 530 35.10 -5.03 13.55
N SER B 531 35.19 -6.11 12.79
CA SER B 531 35.90 -6.06 11.53
C SER B 531 34.86 -5.87 10.43
N PHE B 532 35.30 -5.27 9.32
CA PHE B 532 34.50 -5.07 8.13
C PHE B 532 35.24 -5.80 7.03
N GLY B 533 34.68 -6.93 6.60
CA GLY B 533 35.25 -7.76 5.55
C GLY B 533 34.89 -7.22 4.18
N VAL B 534 35.82 -6.47 3.58
CA VAL B 534 35.59 -5.87 2.27
C VAL B 534 35.58 -6.93 1.18
N ASN B 535 34.54 -6.92 0.36
CA ASN B 535 34.37 -7.89 -0.74
C ASN B 535 33.65 -7.17 -1.89
N MET B 536 34.39 -6.35 -2.63
CA MET B 536 33.89 -5.51 -3.73
C MET B 536 33.39 -6.18 -5.00
N ILE B 537 32.19 -6.77 -4.92
CA ILE B 537 31.51 -7.42 -6.05
C ILE B 537 30.35 -6.50 -6.52
N ALA B 538 30.45 -5.95 -7.74
CA ALA B 538 29.42 -5.09 -8.31
C ALA B 538 29.09 -5.60 -9.71
N LEU B 539 27.97 -5.15 -10.28
CA LEU B 539 27.61 -5.55 -11.64
C LEU B 539 28.39 -4.67 -12.64
N VAL B 540 29.30 -5.29 -13.43
CA VAL B 540 30.10 -4.63 -14.47
C VAL B 540 29.59 -5.25 -15.76
N ASN B 541 28.92 -4.44 -16.64
CA ASN B 541 28.30 -4.89 -17.88
C ASN B 541 27.27 -6.00 -17.55
N GLY B 542 26.48 -5.76 -16.49
CA GLY B 542 25.48 -6.69 -16.00
C GLY B 542 25.98 -8.04 -15.53
N ARG B 543 27.30 -8.19 -15.39
CA ARG B 543 27.96 -9.40 -14.93
C ARG B 543 28.61 -9.09 -13.58
N PRO B 544 28.56 -10.02 -12.60
CA PRO B 544 29.18 -9.73 -11.29
C PRO B 544 30.68 -9.77 -11.40
N LYS B 545 31.36 -8.78 -10.81
CA LYS B 545 32.81 -8.76 -10.86
C LYS B 545 33.42 -8.26 -9.56
N LEU B 546 34.53 -8.88 -9.13
CA LEU B 546 35.29 -8.44 -7.97
C LEU B 546 36.24 -7.36 -8.57
N ILE B 547 36.03 -6.11 -8.14
CA ILE B 547 36.76 -4.94 -8.61
C ILE B 547 37.54 -4.30 -7.49
N ASN B 548 38.62 -3.59 -7.82
CA ASN B 548 39.38 -2.87 -6.83
C ASN B 548 38.96 -1.38 -6.89
N LEU B 549 39.61 -0.49 -6.11
CA LEU B 549 39.29 0.93 -6.05
C LEU B 549 39.30 1.64 -7.40
N LYS B 550 40.41 1.51 -8.17
CA LYS B 550 40.61 2.15 -9.47
C LYS B 550 39.55 1.72 -10.45
N GLU B 551 39.31 0.40 -10.59
CA GLU B 551 38.31 -0.14 -11.51
C GLU B 551 36.91 0.45 -11.25
N ALA B 552 36.51 0.55 -9.96
CA ALA B 552 35.24 1.11 -9.51
C ALA B 552 35.07 2.56 -9.99
N LEU B 553 36.11 3.41 -9.83
CA LEU B 553 36.12 4.82 -10.26
C LEU B 553 36.26 4.96 -11.79
N VAL B 554 36.98 4.02 -12.45
CA VAL B 554 37.18 4.01 -13.91
C VAL B 554 35.82 3.85 -14.57
N HIS B 555 35.00 2.89 -14.07
CA HIS B 555 33.66 2.62 -14.56
C HIS B 555 32.70 3.75 -14.24
N TYR B 556 32.92 4.45 -13.10
CA TYR B 556 32.10 5.59 -12.74
C TYR B 556 32.34 6.73 -13.73
N LEU B 557 33.62 7.10 -13.95
CA LEU B 557 34.09 8.16 -14.85
C LEU B 557 33.58 7.91 -16.29
N GLU B 558 33.73 6.64 -16.81
CA GLU B 558 33.25 6.20 -18.14
C GLU B 558 31.78 6.61 -18.26
N HIS B 559 30.96 6.22 -17.26
CA HIS B 559 29.52 6.48 -17.16
C HIS B 559 29.21 7.97 -17.18
N GLN B 560 30.01 8.79 -16.47
CA GLN B 560 29.81 10.24 -16.45
C GLN B 560 30.13 10.86 -17.80
N LYS B 561 31.20 10.39 -18.47
CA LYS B 561 31.56 10.92 -19.79
C LYS B 561 30.36 10.69 -20.75
N THR B 562 29.78 9.46 -20.73
CA THR B 562 28.64 9.03 -21.52
C THR B 562 27.38 9.87 -21.22
N VAL B 563 27.00 10.02 -19.94
CA VAL B 563 25.84 10.80 -19.48
C VAL B 563 25.89 12.25 -20.01
N VAL B 564 26.99 12.99 -19.69
CA VAL B 564 27.19 14.39 -20.10
C VAL B 564 27.20 14.56 -21.62
N ARG B 565 27.78 13.58 -22.38
CA ARG B 565 27.82 13.62 -23.85
C ARG B 565 26.39 13.48 -24.40
N ARG B 566 25.64 12.45 -23.92
CA ARG B 566 24.28 12.15 -24.33
C ARG B 566 23.33 13.31 -24.06
N ARG B 567 23.48 13.95 -22.88
CA ARG B 567 22.73 15.13 -22.43
C ARG B 567 22.97 16.28 -23.44
N THR B 568 24.25 16.56 -23.76
CA THR B 568 24.66 17.57 -24.73
C THR B 568 24.05 17.25 -26.13
N GLN B 569 24.04 15.96 -26.54
CA GLN B 569 23.49 15.52 -27.81
C GLN B 569 21.97 15.69 -27.85
N TYR B 570 21.30 15.47 -26.71
CA TYR B 570 19.85 15.62 -26.58
C TYR B 570 19.52 17.11 -26.61
N ASN B 571 20.24 17.91 -25.82
CA ASN B 571 20.06 19.35 -25.77
C ASN B 571 20.27 20.01 -27.12
N LEU B 572 21.15 19.46 -27.98
CA LEU B 572 21.43 19.99 -29.32
C LEU B 572 20.25 19.67 -30.26
N ARG B 573 19.76 18.41 -30.27
CA ARG B 573 18.63 18.03 -31.11
C ARG B 573 17.44 18.91 -30.76
N LYS B 574 17.12 19.05 -29.46
CA LYS B 574 15.99 19.83 -28.97
C LYS B 574 16.05 21.32 -29.29
N ALA B 575 17.26 21.92 -29.14
CA ALA B 575 17.50 23.34 -29.43
C ALA B 575 17.33 23.53 -30.95
N LYS B 576 17.87 22.59 -31.77
CA LYS B 576 17.76 22.62 -33.23
C LYS B 576 16.31 22.48 -33.71
N ASP B 577 15.47 21.75 -32.95
CA ASP B 577 14.06 21.54 -33.26
C ASP B 577 13.26 22.79 -32.91
N ARG B 578 13.68 23.49 -31.84
CA ARG B 578 13.02 24.71 -31.33
C ARG B 578 13.39 25.94 -32.17
N ALA B 579 14.67 26.05 -32.59
CA ALA B 579 15.15 27.14 -33.46
C ALA B 579 14.36 27.09 -34.76
N HIS B 580 14.15 25.87 -35.30
CA HIS B 580 13.42 25.53 -36.51
C HIS B 580 11.98 26.04 -36.41
N ILE B 581 11.29 25.77 -35.28
CA ILE B 581 9.92 26.22 -35.04
C ILE B 581 9.86 27.75 -34.92
N LEU B 582 10.87 28.35 -34.26
CA LEU B 582 10.97 29.81 -34.09
C LEU B 582 11.28 30.47 -35.44
N GLU B 583 11.99 29.76 -36.34
CA GLU B 583 12.29 30.26 -37.68
C GLU B 583 10.97 30.43 -38.45
N GLY B 584 10.06 29.46 -38.29
CA GLY B 584 8.73 29.48 -38.88
C GLY B 584 7.86 30.60 -38.32
N LEU B 585 7.79 30.74 -36.96
CA LEU B 585 6.99 31.81 -36.34
C LEU B 585 7.52 33.21 -36.71
N ARG B 586 8.86 33.36 -36.89
CA ARG B 586 9.52 34.61 -37.28
C ARG B 586 9.13 34.97 -38.70
N ILE B 587 9.11 33.99 -39.62
CA ILE B 587 8.68 34.15 -41.01
C ILE B 587 7.23 34.64 -41.01
N ALA B 588 6.39 34.07 -40.13
CA ALA B 588 4.98 34.46 -40.02
C ALA B 588 4.80 35.86 -39.45
N LEU B 589 5.65 36.27 -38.51
CA LEU B 589 5.55 37.61 -37.90
C LEU B 589 5.94 38.68 -38.93
N ASP B 590 6.86 38.33 -39.84
CA ASP B 590 7.36 39.17 -40.93
C ASP B 590 6.32 39.29 -42.07
N HIS B 591 5.44 38.29 -42.23
CA HIS B 591 4.47 38.28 -43.31
C HIS B 591 3.07 37.99 -42.80
N ILE B 592 2.72 38.56 -41.63
CA ILE B 592 1.45 38.37 -40.93
C ILE B 592 0.19 38.48 -41.76
N ASP B 593 0.02 39.59 -42.52
CA ASP B 593 -1.12 39.81 -43.42
C ASP B 593 -1.24 38.74 -44.50
N GLU B 594 -0.09 38.30 -45.03
CA GLU B 594 -0.04 37.24 -46.02
C GLU B 594 -0.43 35.92 -45.41
N ILE B 595 0.06 35.62 -44.15
CA ILE B 595 -0.25 34.38 -43.41
C ILE B 595 -1.75 34.29 -43.16
N ILE B 596 -2.35 35.40 -42.62
CA ILE B 596 -3.78 35.48 -42.32
C ILE B 596 -4.61 35.22 -43.59
N SER B 597 -4.26 35.88 -44.71
CA SER B 597 -4.92 35.72 -46.02
C SER B 597 -4.99 34.25 -46.40
N THR B 598 -3.83 33.56 -46.33
CA THR B 598 -3.67 32.14 -46.67
C THR B 598 -4.60 31.28 -45.83
N ILE B 599 -4.60 31.48 -44.48
CA ILE B 599 -5.48 30.72 -43.57
C ILE B 599 -6.97 31.01 -43.86
N ARG B 600 -7.34 32.29 -43.98
CA ARG B 600 -8.73 32.71 -44.27
C ARG B 600 -9.30 32.16 -45.57
N GLU B 601 -8.47 32.08 -46.62
CA GLU B 601 -8.85 31.57 -47.94
C GLU B 601 -9.08 30.05 -47.94
N SER B 602 -8.39 29.32 -47.03
CA SER B 602 -8.45 27.86 -46.95
C SER B 602 -9.71 27.40 -46.27
N ASP B 603 -10.37 26.39 -46.87
CA ASP B 603 -11.61 25.86 -46.31
C ASP B 603 -11.36 24.93 -45.11
N THR B 604 -10.24 24.18 -45.13
CA THR B 604 -9.87 23.24 -44.06
C THR B 604 -8.52 23.53 -43.42
N ASP B 605 -8.17 22.77 -42.35
CA ASP B 605 -6.89 22.89 -41.64
C ASP B 605 -5.77 22.29 -42.49
N LYS B 606 -6.08 21.27 -43.33
CA LYS B 606 -5.17 20.56 -44.24
C LYS B 606 -4.78 21.47 -45.42
N VAL B 607 -5.79 22.14 -46.02
CA VAL B 607 -5.65 23.10 -47.13
C VAL B 607 -4.83 24.31 -46.66
N ALA B 608 -5.01 24.75 -45.40
CA ALA B 608 -4.28 25.87 -44.78
C ALA B 608 -2.80 25.51 -44.60
N MET B 609 -2.55 24.29 -44.11
CA MET B 609 -1.23 23.73 -43.85
C MET B 609 -0.44 23.53 -45.14
N GLU B 610 -1.10 23.01 -46.19
CA GLU B 610 -0.54 22.74 -47.51
C GLU B 610 -0.14 24.06 -48.20
N SER B 611 -1.03 25.09 -48.10
CA SER B 611 -0.84 26.41 -48.69
C SER B 611 0.33 27.18 -48.07
N LEU B 612 0.47 27.15 -46.71
CA LEU B 612 1.52 27.83 -45.94
C LEU B 612 2.87 27.25 -46.26
N GLN B 613 2.93 25.90 -46.38
CA GLN B 613 4.16 25.16 -46.69
C GLN B 613 4.67 25.56 -48.06
N GLN B 614 3.74 25.69 -49.04
CA GLN B 614 4.02 26.05 -50.42
C GLN B 614 4.39 27.53 -50.62
N ARG B 615 3.53 28.43 -50.11
CA ARG B 615 3.67 29.88 -50.21
C ARG B 615 4.87 30.44 -49.45
N PHE B 616 5.31 29.80 -48.35
CA PHE B 616 6.41 30.32 -47.56
C PHE B 616 7.59 29.40 -47.31
N LYS B 617 7.68 28.28 -48.08
CA LYS B 617 8.75 27.28 -47.99
C LYS B 617 8.92 26.72 -46.56
N LEU B 618 7.80 26.56 -45.84
CA LEU B 618 7.81 26.07 -44.48
C LEU B 618 7.70 24.55 -44.45
N SER B 619 8.25 23.89 -43.40
CA SER B 619 8.15 22.44 -43.21
C SER B 619 6.75 22.15 -42.60
N GLU B 620 6.39 20.87 -42.47
CA GLU B 620 5.11 20.51 -41.88
C GLU B 620 5.04 20.98 -40.43
N LYS B 621 6.15 20.79 -39.67
CA LYS B 621 6.23 21.19 -38.26
C LYS B 621 6.09 22.69 -38.10
N GLN B 622 6.75 23.49 -38.98
CA GLN B 622 6.69 24.95 -38.98
C GLN B 622 5.25 25.48 -39.25
N ALA B 623 4.59 24.94 -40.30
CA ALA B 623 3.22 25.30 -40.65
C ALA B 623 2.25 25.00 -39.51
N GLN B 624 2.37 23.81 -38.85
CA GLN B 624 1.52 23.44 -37.72
C GLN B 624 1.71 24.39 -36.54
N ALA B 625 2.97 24.82 -36.29
CA ALA B 625 3.25 25.75 -35.20
C ALA B 625 2.56 27.11 -35.44
N ILE B 626 2.55 27.59 -36.70
CA ILE B 626 1.92 28.86 -37.09
C ILE B 626 0.39 28.72 -36.91
N LEU B 627 -0.15 27.56 -37.29
CA LEU B 627 -1.58 27.31 -37.15
C LEU B 627 -1.99 27.21 -35.67
N ASP B 628 -1.09 26.71 -34.82
CA ASP B 628 -1.35 26.56 -33.39
C ASP B 628 -1.18 27.86 -32.63
N MET B 629 -0.44 28.82 -33.20
CA MET B 629 -0.18 30.12 -32.59
C MET B 629 -1.47 30.84 -32.21
N ARG B 630 -1.54 31.30 -30.94
CA ARG B 630 -2.68 32.05 -30.37
C ARG B 630 -2.54 33.54 -30.78
N LEU B 631 -3.68 34.27 -30.90
CA LEU B 631 -3.68 35.70 -31.27
C LEU B 631 -2.85 36.57 -30.35
N ARG B 632 -2.82 36.24 -29.05
CA ARG B 632 -2.05 36.97 -28.03
C ARG B 632 -0.52 36.99 -28.31
N ARG B 633 -0.02 36.16 -29.28
CA ARG B 633 1.40 36.11 -29.65
C ARG B 633 1.73 37.21 -30.68
N LEU B 634 0.69 37.96 -31.13
CA LEU B 634 0.84 39.06 -32.08
C LEU B 634 1.12 40.43 -31.40
N THR B 635 1.08 40.50 -30.04
CA THR B 635 1.35 41.72 -29.26
C THR B 635 2.86 42.03 -29.24
N GLY B 636 3.21 43.29 -28.93
CA GLY B 636 4.58 43.75 -28.87
C GLY B 636 5.53 42.88 -28.07
N LEU B 637 5.22 42.68 -26.78
CA LEU B 637 6.00 41.88 -25.84
C LEU B 637 6.19 40.43 -26.27
N GLU B 638 5.09 39.79 -26.74
CA GLU B 638 5.06 38.42 -27.24
C GLU B 638 5.86 38.26 -28.53
N ARG B 639 5.88 39.31 -29.38
CA ARG B 639 6.61 39.35 -30.63
C ARG B 639 8.11 39.33 -30.35
N ASP B 640 8.54 40.12 -29.34
CA ASP B 640 9.90 40.24 -28.86
C ASP B 640 10.40 38.95 -28.20
N LYS B 641 9.52 38.26 -27.42
CA LYS B 641 9.83 37.02 -26.74
C LYS B 641 10.35 36.01 -27.73
N ILE B 642 9.62 35.86 -28.87
CA ILE B 642 9.94 34.95 -29.97
C ILE B 642 11.36 35.20 -30.53
N GLU B 643 11.72 36.46 -30.73
CA GLU B 643 13.02 36.90 -31.25
C GLU B 643 14.16 36.67 -30.24
N ALA B 644 13.90 36.98 -28.95
CA ALA B 644 14.86 36.83 -27.87
C ALA B 644 15.19 35.36 -27.62
N GLU B 645 14.16 34.48 -27.67
CA GLU B 645 14.33 33.04 -27.45
C GLU B 645 15.18 32.45 -28.55
N TYR B 646 14.97 32.91 -29.81
CA TYR B 646 15.73 32.46 -30.99
C TYR B 646 17.20 32.86 -30.84
N ASN B 647 17.45 34.13 -30.50
CA ASN B 647 18.80 34.64 -30.33
C ASN B 647 19.55 33.94 -29.20
N GLU B 648 18.85 33.64 -28.08
CA GLU B 648 19.37 32.93 -26.91
C GLU B 648 19.78 31.50 -27.34
N LEU B 649 18.89 30.86 -28.11
CA LEU B 649 19.06 29.51 -28.61
C LEU B 649 20.23 29.31 -29.60
N LEU B 650 20.49 30.29 -30.49
CA LEU B 650 21.60 30.21 -31.46
C LEU B 650 22.93 30.18 -30.73
N ASN B 651 23.00 30.93 -29.61
CA ASN B 651 24.17 31.00 -28.75
C ASN B 651 24.36 29.66 -28.05
N TYR B 652 23.22 29.07 -27.57
CA TYR B 652 23.18 27.79 -26.88
C TYR B 652 23.60 26.65 -27.83
N ILE B 653 23.08 26.64 -29.10
CA ILE B 653 23.46 25.61 -30.11
C ILE B 653 24.99 25.70 -30.30
N SER B 654 25.53 26.92 -30.50
CA SER B 654 26.97 27.20 -30.68
C SER B 654 27.83 26.70 -29.50
N GLU B 655 27.31 26.85 -28.27
CA GLU B 655 27.96 26.40 -27.03
C GLU B 655 27.94 24.87 -26.97
N LEU B 656 26.84 24.23 -27.42
CA LEU B 656 26.70 22.77 -27.43
C LEU B 656 27.61 22.13 -28.47
N GLU B 657 27.68 22.71 -29.69
CA GLU B 657 28.52 22.22 -30.78
C GLU B 657 30.00 22.27 -30.36
N THR B 658 30.39 23.29 -29.54
CA THR B 658 31.76 23.46 -29.01
C THR B 658 32.14 22.20 -28.23
N ILE B 659 31.28 21.80 -27.26
CA ILE B 659 31.44 20.65 -26.37
C ILE B 659 31.67 19.35 -27.14
N LEU B 660 30.92 19.14 -28.23
CA LEU B 660 31.01 17.94 -29.09
C LEU B 660 32.21 17.96 -30.08
N ALA B 661 32.74 19.16 -30.40
CA ALA B 661 33.89 19.28 -31.30
C ALA B 661 35.20 18.77 -30.64
N ASP B 662 35.40 19.09 -29.33
CA ASP B 662 36.58 18.72 -28.55
C ASP B 662 36.27 17.83 -27.35
N GLU B 663 36.98 16.70 -27.25
CA GLU B 663 36.82 15.76 -26.16
C GLU B 663 37.42 16.29 -24.84
N GLU B 664 38.39 17.22 -24.92
CA GLU B 664 39.00 17.79 -23.72
C GLU B 664 38.04 18.80 -23.09
N VAL B 665 37.14 19.38 -23.90
CA VAL B 665 36.13 20.33 -23.44
C VAL B 665 35.03 19.53 -22.75
N LEU B 666 34.68 18.35 -23.29
CA LEU B 666 33.67 17.42 -22.74
C LEU B 666 34.12 16.95 -21.34
N LEU B 667 35.38 16.50 -21.24
CA LEU B 667 35.97 16.02 -19.99
C LEU B 667 36.08 17.14 -18.95
N GLN B 668 36.37 18.38 -19.42
CA GLN B 668 36.46 19.52 -18.51
C GLN B 668 35.09 19.80 -17.89
N LEU B 669 34.01 19.61 -18.68
CA LEU B 669 32.64 19.80 -18.22
C LEU B 669 32.27 18.78 -17.15
N VAL B 670 32.73 17.51 -17.32
CA VAL B 670 32.52 16.42 -16.36
C VAL B 670 33.25 16.80 -15.06
N ARG B 671 34.51 17.29 -15.17
CA ARG B 671 35.32 17.74 -14.04
C ARG B 671 34.67 18.91 -13.29
N ASP B 672 34.21 19.96 -14.03
CA ASP B 672 33.55 21.14 -13.46
C ASP B 672 32.22 20.78 -12.80
N GLU B 673 31.51 19.76 -13.33
CA GLU B 673 30.23 19.34 -12.76
C GLU B 673 30.45 18.56 -11.45
N LEU B 674 31.54 17.76 -11.38
CA LEU B 674 31.91 17.02 -10.17
C LEU B 674 32.46 17.98 -9.08
N THR B 675 33.13 19.08 -9.49
CA THR B 675 33.66 20.08 -8.56
C THR B 675 32.50 20.85 -7.93
N GLU B 676 31.46 21.18 -8.71
CA GLU B 676 30.26 21.86 -8.22
C GLU B 676 29.61 20.99 -7.12
N ILE B 677 29.34 19.68 -7.43
CA ILE B 677 28.76 18.68 -6.51
C ILE B 677 29.59 18.53 -5.22
N ARG B 678 30.92 18.46 -5.36
CA ARG B 678 31.86 18.32 -4.25
C ARG B 678 31.80 19.52 -3.30
N ASP B 679 31.63 20.72 -3.87
CA ASP B 679 31.57 21.97 -3.13
C ASP B 679 30.26 22.14 -2.40
N ARG B 680 29.18 21.63 -2.99
CA ARG B 680 27.82 21.73 -2.42
C ARG B 680 27.53 20.63 -1.40
N PHE B 681 27.93 19.38 -1.69
CA PHE B 681 27.67 18.20 -0.85
C PHE B 681 28.78 17.65 0.00
N GLY B 682 30.02 17.96 -0.37
CA GLY B 682 31.23 17.52 0.32
C GLY B 682 31.16 17.91 1.78
N ASP B 683 31.57 16.98 2.67
CA ASP B 683 31.54 17.18 4.11
C ASP B 683 32.80 16.65 4.78
N ASP B 684 32.91 16.86 6.09
CA ASP B 684 34.06 16.37 6.81
C ASP B 684 34.05 14.85 7.04
N ARG B 685 35.27 14.28 7.08
CA ARG B 685 35.51 12.87 7.34
C ARG B 685 35.04 12.63 8.78
N ARG B 686 34.34 11.51 9.02
CA ARG B 686 33.82 11.14 10.33
C ARG B 686 34.69 10.06 11.02
N THR B 687 35.11 9.05 10.26
CA THR B 687 35.90 7.95 10.76
C THR B 687 37.39 8.31 10.80
N GLU B 688 38.03 8.14 11.95
CA GLU B 688 39.45 8.43 12.10
C GLU B 688 40.32 7.21 11.76
N ILE B 689 41.27 7.42 10.84
CA ILE B 689 42.19 6.36 10.44
C ILE B 689 43.45 6.48 11.30
N GLN B 690 43.63 5.51 12.21
CA GLN B 690 44.71 5.45 13.19
C GLN B 690 45.88 4.60 12.77
N LEU B 691 47.11 5.09 13.00
CA LEU B 691 48.37 4.40 12.67
C LEU B 691 48.74 3.43 13.77
MN MN E . -3.64 5.01 16.66
MN MN F . 5.09 -16.50 -4.90
S SO4 G . 0.24 27.41 -26.52
O1 SO4 G . 0.08 26.76 -27.83
O2 SO4 G . -1.02 27.34 -25.77
O3 SO4 G . 0.62 28.81 -26.72
O4 SO4 G . 1.31 26.74 -25.77
S SO4 H . -13.17 -9.56 13.32
O1 SO4 H . -12.02 -10.32 13.86
O2 SO4 H . -14.06 -10.45 12.55
O3 SO4 H . -13.93 -8.98 14.47
O4 SO4 H . -12.66 -8.49 12.42
O1 WCP I . 0.15 -12.36 8.01
C2 WCP I . 1.63 -8.89 10.71
C3 WCP I . 2.04 -8.42 11.95
C4 WCP I . 2.10 -9.36 13.04
C5 WCP I . 1.34 -11.14 11.77
C6 WCP I . 0.95 -12.54 11.52
C7 WCP I . 0.56 -12.94 10.30
C8 WCP I . 0.49 -12.04 9.16
C9 WCP I . 1.54 -8.32 9.31
C11 WCP I . 0.80 -6.96 8.99
C14 WCP I . 0.88 -5.68 5.00
C15 WCP I . 0.08 -7.03 5.09
C18 WCP I . 0.24 -4.12 1.59
C19 WCP I . 0.08 -1.82 1.29
C20 WCP I . -0.60 0.41 0.79
C21 WCP I . 0.00 0.26 -0.66
C22 WCP I . 0.63 -1.94 -0.04
O3 WCP I . -1.22 1.43 1.09
N5 WCP I . -0.49 -0.62 1.65
O4 WCP I . 0.86 -0.88 -0.88
N4 WCP I . -0.08 -2.90 2.07
C23 WCP I . 0.96 -3.21 -0.50
C24 WCP I . 0.76 -4.31 0.31
C17 WCP I . 0.01 -5.27 2.52
N3 WCP I . 1.13 -5.21 3.56
C13 WCP I . 0.19 -4.61 5.98
O2 WCP I . 0.21 -5.13 7.33
C16 WCP I . 0.04 -7.44 6.56
C25 WCP I . 2.34 -5.90 5.54
C26 WCP I . 2.25 -6.35 6.99
C12 WCP I . 0.80 -6.47 7.46
O5 WCP I . 2.91 -8.12 8.96
C10 WCP I . 0.93 -9.57 8.47
N1 WCP I . 0.87 -10.70 9.39
N2 WCP I . 1.76 -10.65 12.96
C1 WCP I . 1.28 -10.28 10.66
F WCP I . 2.39 -7.13 12.16
S SO4 J . 15.85 -11.82 8.49
O1 SO4 J . 16.69 -12.91 7.93
O2 SO4 J . 15.08 -11.17 7.42
O3 SO4 J . 14.93 -12.40 9.49
O4 SO4 J . 16.72 -10.82 9.14
#